data_5IKS
# 
_entry.id   5IKS 
# 
_audit_conform.dict_name       mmcif_pdbx.dic 
_audit_conform.dict_version    5.379 
_audit_conform.dict_location   http://mmcif.pdb.org/dictionaries/ascii/mmcif_pdbx.dic 
# 
loop_
_database_2.database_id 
_database_2.database_code 
_database_2.pdbx_database_accession 
_database_2.pdbx_DOI 
PDB   5IKS         pdb_00005iks 10.2210/pdb5iks/pdb 
WWPDB D_1000218936 ?            ?                   
# 
loop_
_pdbx_database_related.db_name 
_pdbx_database_related.details 
_pdbx_database_related.db_id 
_pdbx_database_related.content_type 
PDB . 5ILP unspecified 
PDB . 5ILR unspecified 
# 
_pdbx_database_status.status_code                     REL 
_pdbx_database_status.status_code_sf                  REL 
_pdbx_database_status.status_code_mr                  ? 
_pdbx_database_status.entry_id                        5IKS 
_pdbx_database_status.recvd_initial_deposition_date   2016-03-03 
_pdbx_database_status.SG_entry                        N 
_pdbx_database_status.deposit_site                    RCSB 
_pdbx_database_status.process_site                    RCSB 
_pdbx_database_status.status_code_cs                  ? 
_pdbx_database_status.methods_development_category    ? 
_pdbx_database_status.pdb_format_compatible           Y 
_pdbx_database_status.status_code_nmr_data            ? 
# 
loop_
_audit_author.name 
_audit_author.pdbx_ordinal 
'Wang, B.'           1 
'Thomas, L.M.'       2 
'Richter-Addo, G.B.' 3 
# 
_citation.abstract                  ? 
_citation.abstract_id_CAS           ? 
_citation.book_id_ISBN              ? 
_citation.book_publisher            ? 
_citation.book_publisher_city       ? 
_citation.book_title                ? 
_citation.coordinate_linkage        ? 
_citation.country                   US 
_citation.database_id_Medline       ? 
_citation.details                   ? 
_citation.id                        primary 
_citation.journal_abbrev            'J. Inorg. Biochem.' 
_citation.journal_id_ASTM           JIBIDJ 
_citation.journal_id_CSD            0525 
_citation.journal_id_ISSN           1873-3344 
_citation.journal_full              ? 
_citation.journal_issue             ? 
_citation.journal_volume            164 
_citation.language                  ? 
_citation.page_first                1 
_citation.page_last                 4 
_citation.title                     
'Organometallic myoglobins: Formation of Fe-carbon bonds and distal pocket effects on aryl ligand conformations.' 
_citation.year                      2016 
_citation.database_id_CSD           ? 
_citation.pdbx_database_id_DOI      10.1016/j.jinorgbio.2016.06.028 
_citation.pdbx_database_id_PubMed   27687333 
_citation.unpublished_flag          ? 
# 
loop_
_citation_author.citation_id 
_citation_author.name 
_citation_author.ordinal 
_citation_author.identifier_ORCID 
primary 'Wang, B.'           1 ? 
primary 'Thomas, L.M.'       2 ? 
primary 'Richter-Addo, G.B.' 3 ? 
# 
_cell.angle_alpha                  90.000 
_cell.angle_alpha_esd              ? 
_cell.angle_beta                   105.160 
_cell.angle_beta_esd               ? 
_cell.angle_gamma                  90.000 
_cell.angle_gamma_esd              ? 
_cell.entry_id                     5IKS 
_cell.details                      ? 
_cell.formula_units_Z              ? 
_cell.length_a                     34.484 
_cell.length_a_esd                 ? 
_cell.length_b                     30.152 
_cell.length_b_esd                 ? 
_cell.length_c                     64.463 
_cell.length_c_esd                 ? 
_cell.volume                       ? 
_cell.volume_esd                   ? 
_cell.Z_PDB                        2 
_cell.reciprocal_angle_alpha       ? 
_cell.reciprocal_angle_beta        ? 
_cell.reciprocal_angle_gamma       ? 
_cell.reciprocal_angle_alpha_esd   ? 
_cell.reciprocal_angle_beta_esd    ? 
_cell.reciprocal_angle_gamma_esd   ? 
_cell.reciprocal_length_a          ? 
_cell.reciprocal_length_b          ? 
_cell.reciprocal_length_c          ? 
_cell.reciprocal_length_a_esd      ? 
_cell.reciprocal_length_b_esd      ? 
_cell.reciprocal_length_c_esd      ? 
_cell.pdbx_unique_axis             ? 
# 
_symmetry.entry_id                         5IKS 
_symmetry.cell_setting                     ? 
_symmetry.Int_Tables_number                4 
_symmetry.space_group_name_Hall            ? 
_symmetry.space_group_name_H-M             'P 1 21 1' 
_symmetry.pdbx_full_space_group_name_H-M   ? 
# 
loop_
_entity.id 
_entity.type 
_entity.src_method 
_entity.pdbx_description 
_entity.formula_weight 
_entity.pdbx_number_of_molecules 
_entity.pdbx_ec 
_entity.pdbx_mutation 
_entity.pdbx_fragment 
_entity.details 
1 polymer     man Myoglobin 17048.787 1  ? ? ? ? 
2 non-polymer syn 
"[3,3'-(7,12-diethenyl-3,8,13,17-tetramethylporphyrin-2,18-diyl-kappa~4~N~21~,N~22~,N~23~,N~24~)di(propanoato)(2-)](phenyl)iron" 
693.591   1  ? ? ? ? 
3 non-polymer syn 'SULFATE ION' 96.063    1  ? ? ? ? 
4 non-polymer syn GLYCEROL 92.094    1  ? ? ? ? 
5 water       nat water 18.015    66 ? ? ? ? 
# 
_entity_poly.entity_id                      1 
_entity_poly.type                           'polypeptide(L)' 
_entity_poly.nstd_linkage                   no 
_entity_poly.nstd_monomer                   no 
_entity_poly.pdbx_seq_one_letter_code       
;VLSEGEWQLVLHVWAKVEADVAGHGQDILIRLFKSHPETLEKFDRFKHLKTEAEMKASEDLKKHGVTVLTALGAILKKKG
HHEAELKPLAQSHATKHKIPIKYLEFISEAIIHVLHSRHPGNFGADAQGAMNKALELFRKDIAAKYKELGY
;
_entity_poly.pdbx_seq_one_letter_code_can   
;VLSEGEWQLVLHVWAKVEADVAGHGQDILIRLFKSHPETLEKFDRFKHLKTEAEMKASEDLKKHGVTVLTALGAILKKKG
HHEAELKPLAQSHATKHKIPIKYLEFISEAIIHVLHSRHPGNFGADAQGAMNKALELFRKDIAAKYKELGY
;
_entity_poly.pdbx_strand_id                 A 
_entity_poly.pdbx_target_identifier         ? 
# 
loop_
_entity_poly_seq.entity_id 
_entity_poly_seq.num 
_entity_poly_seq.mon_id 
_entity_poly_seq.hetero 
1 1   VAL n 
1 2   LEU n 
1 3   SER n 
1 4   GLU n 
1 5   GLY n 
1 6   GLU n 
1 7   TRP n 
1 8   GLN n 
1 9   LEU n 
1 10  VAL n 
1 11  LEU n 
1 12  HIS n 
1 13  VAL n 
1 14  TRP n 
1 15  ALA n 
1 16  LYS n 
1 17  VAL n 
1 18  GLU n 
1 19  ALA n 
1 20  ASP n 
1 21  VAL n 
1 22  ALA n 
1 23  GLY n 
1 24  HIS n 
1 25  GLY n 
1 26  GLN n 
1 27  ASP n 
1 28  ILE n 
1 29  LEU n 
1 30  ILE n 
1 31  ARG n 
1 32  LEU n 
1 33  PHE n 
1 34  LYS n 
1 35  SER n 
1 36  HIS n 
1 37  PRO n 
1 38  GLU n 
1 39  THR n 
1 40  LEU n 
1 41  GLU n 
1 42  LYS n 
1 43  PHE n 
1 44  ASP n 
1 45  ARG n 
1 46  PHE n 
1 47  LYS n 
1 48  HIS n 
1 49  LEU n 
1 50  LYS n 
1 51  THR n 
1 52  GLU n 
1 53  ALA n 
1 54  GLU n 
1 55  MET n 
1 56  LYS n 
1 57  ALA n 
1 58  SER n 
1 59  GLU n 
1 60  ASP n 
1 61  LEU n 
1 62  LYS n 
1 63  LYS n 
1 64  HIS n 
1 65  GLY n 
1 66  VAL n 
1 67  THR n 
1 68  VAL n 
1 69  LEU n 
1 70  THR n 
1 71  ALA n 
1 72  LEU n 
1 73  GLY n 
1 74  ALA n 
1 75  ILE n 
1 76  LEU n 
1 77  LYS n 
1 78  LYS n 
1 79  LYS n 
1 80  GLY n 
1 81  HIS n 
1 82  HIS n 
1 83  GLU n 
1 84  ALA n 
1 85  GLU n 
1 86  LEU n 
1 87  LYS n 
1 88  PRO n 
1 89  LEU n 
1 90  ALA n 
1 91  GLN n 
1 92  SER n 
1 93  HIS n 
1 94  ALA n 
1 95  THR n 
1 96  LYS n 
1 97  HIS n 
1 98  LYS n 
1 99  ILE n 
1 100 PRO n 
1 101 ILE n 
1 102 LYS n 
1 103 TYR n 
1 104 LEU n 
1 105 GLU n 
1 106 PHE n 
1 107 ILE n 
1 108 SER n 
1 109 GLU n 
1 110 ALA n 
1 111 ILE n 
1 112 ILE n 
1 113 HIS n 
1 114 VAL n 
1 115 LEU n 
1 116 HIS n 
1 117 SER n 
1 118 ARG n 
1 119 HIS n 
1 120 PRO n 
1 121 GLY n 
1 122 ASN n 
1 123 PHE n 
1 124 GLY n 
1 125 ALA n 
1 126 ASP n 
1 127 ALA n 
1 128 GLN n 
1 129 GLY n 
1 130 ALA n 
1 131 MET n 
1 132 ASN n 
1 133 LYS n 
1 134 ALA n 
1 135 LEU n 
1 136 GLU n 
1 137 LEU n 
1 138 PHE n 
1 139 ARG n 
1 140 LYS n 
1 141 ASP n 
1 142 ILE n 
1 143 ALA n 
1 144 ALA n 
1 145 LYS n 
1 146 TYR n 
1 147 LYS n 
1 148 GLU n 
1 149 LEU n 
1 150 GLY n 
1 151 TYR n 
# 
_entity_src_gen.entity_id                          1 
_entity_src_gen.pdbx_src_id                        1 
_entity_src_gen.pdbx_alt_source_flag               sample 
_entity_src_gen.pdbx_seq_type                      'Biological sequence' 
_entity_src_gen.pdbx_beg_seq_num                   1 
_entity_src_gen.pdbx_end_seq_num                   151 
_entity_src_gen.gene_src_common_name               'Sperm whale' 
_entity_src_gen.gene_src_genus                     ? 
_entity_src_gen.pdbx_gene_src_gene                 MB 
_entity_src_gen.gene_src_species                   ? 
_entity_src_gen.gene_src_strain                    ? 
_entity_src_gen.gene_src_tissue                    ? 
_entity_src_gen.gene_src_tissue_fraction           ? 
_entity_src_gen.gene_src_details                   ? 
_entity_src_gen.pdbx_gene_src_fragment             ? 
_entity_src_gen.pdbx_gene_src_scientific_name      'Physeter catodon' 
_entity_src_gen.pdbx_gene_src_ncbi_taxonomy_id     9755 
_entity_src_gen.pdbx_gene_src_variant              ? 
_entity_src_gen.pdbx_gene_src_cell_line            ? 
_entity_src_gen.pdbx_gene_src_atcc                 ? 
_entity_src_gen.pdbx_gene_src_organ                ? 
_entity_src_gen.pdbx_gene_src_organelle            ? 
_entity_src_gen.pdbx_gene_src_cell                 ? 
_entity_src_gen.pdbx_gene_src_cellular_location    ? 
_entity_src_gen.host_org_common_name               ? 
_entity_src_gen.pdbx_host_org_scientific_name      'Escherichia coli' 
_entity_src_gen.pdbx_host_org_ncbi_taxonomy_id     469008 
_entity_src_gen.host_org_genus                     ? 
_entity_src_gen.pdbx_host_org_gene                 ? 
_entity_src_gen.pdbx_host_org_organ                ? 
_entity_src_gen.host_org_species                   ? 
_entity_src_gen.pdbx_host_org_tissue               ? 
_entity_src_gen.pdbx_host_org_tissue_fraction      ? 
_entity_src_gen.pdbx_host_org_strain               'Bl21(DE3)' 
_entity_src_gen.pdbx_host_org_variant              ? 
_entity_src_gen.pdbx_host_org_cell_line            ? 
_entity_src_gen.pdbx_host_org_atcc                 ? 
_entity_src_gen.pdbx_host_org_culture_collection   ? 
_entity_src_gen.pdbx_host_org_cell                 ? 
_entity_src_gen.pdbx_host_org_organelle            ? 
_entity_src_gen.pdbx_host_org_cellular_location    ? 
_entity_src_gen.pdbx_host_org_vector_type          ? 
_entity_src_gen.pdbx_host_org_vector               ? 
_entity_src_gen.host_org_details                   ? 
_entity_src_gen.expression_system_id               ? 
_entity_src_gen.plasmid_name                       ? 
_entity_src_gen.plasmid_details                    ? 
_entity_src_gen.pdbx_description                   ? 
# 
_struct_ref.id                         1 
_struct_ref.db_name                    UNP 
_struct_ref.db_code                    MYG_PHYCD 
_struct_ref.pdbx_db_accession          P02185 
_struct_ref.pdbx_db_isoform            ? 
_struct_ref.entity_id                  1 
_struct_ref.pdbx_seq_one_letter_code   
;VLSEGEWQLVLHVWAKVEADVAGHGQDILIRLFKSHPETLEKFDRFKHLKTEAEMKASEDLKKHGVTVLTALGAILKKKG
HHEAELKPLAQSHATKHKIPIKYLEFISEAIIHVLHSRHPGDFGADAQGAMNKALELFRKDIAAKYKELGY
;
_struct_ref.pdbx_align_begin           2 
# 
_struct_ref_seq.align_id                      1 
_struct_ref_seq.ref_id                        1 
_struct_ref_seq.pdbx_PDB_id_code              5IKS 
_struct_ref_seq.pdbx_strand_id                A 
_struct_ref_seq.seq_align_beg                 1 
_struct_ref_seq.pdbx_seq_align_beg_ins_code   ? 
_struct_ref_seq.seq_align_end                 151 
_struct_ref_seq.pdbx_seq_align_end_ins_code   ? 
_struct_ref_seq.pdbx_db_accession             P02185 
_struct_ref_seq.db_align_beg                  2 
_struct_ref_seq.pdbx_db_align_beg_ins_code    ? 
_struct_ref_seq.db_align_end                  152 
_struct_ref_seq.pdbx_db_align_end_ins_code    ? 
_struct_ref_seq.pdbx_auth_seq_align_beg       1 
_struct_ref_seq.pdbx_auth_seq_align_end       151 
# 
_struct_ref_seq_dif.align_id                     1 
_struct_ref_seq_dif.pdbx_pdb_id_code             5IKS 
_struct_ref_seq_dif.mon_id                       ASN 
_struct_ref_seq_dif.pdbx_pdb_strand_id           A 
_struct_ref_seq_dif.seq_num                      122 
_struct_ref_seq_dif.pdbx_pdb_ins_code            ? 
_struct_ref_seq_dif.pdbx_seq_db_name             UNP 
_struct_ref_seq_dif.pdbx_seq_db_accession_code   P02185 
_struct_ref_seq_dif.db_mon_id                    ASP 
_struct_ref_seq_dif.pdbx_seq_db_seq_num          123 
_struct_ref_seq_dif.details                      conflict 
_struct_ref_seq_dif.pdbx_auth_seq_num            122 
_struct_ref_seq_dif.pdbx_ordinal                 1 
# 
loop_
_chem_comp.id 
_chem_comp.type 
_chem_comp.mon_nstd_flag 
_chem_comp.name 
_chem_comp.pdbx_synonyms 
_chem_comp.formula 
_chem_comp.formula_weight 
6CO non-polymer         . 
"[3,3'-(7,12-diethenyl-3,8,13,17-tetramethylporphyrin-2,18-diyl-kappa~4~N~21~,N~22~,N~23~,N~24~)di(propanoato)(2-)](phenyl)iron" ? 
'C40 H37 Fe N4 O4' 693.591 
ALA 'L-peptide linking' y ALANINE ?                               'C3 H7 N O2'       89.093  
ARG 'L-peptide linking' y ARGININE ?                               'C6 H15 N4 O2 1'   175.209 
ASN 'L-peptide linking' y ASPARAGINE ?                               'C4 H8 N2 O3'      132.118 
ASP 'L-peptide linking' y 'ASPARTIC ACID' ?                               'C4 H7 N O4'       133.103 
GLN 'L-peptide linking' y GLUTAMINE ?                               'C5 H10 N2 O3'     146.144 
GLU 'L-peptide linking' y 'GLUTAMIC ACID' ?                               'C5 H9 N O4'       147.129 
GLY 'peptide linking'   y GLYCINE ?                               'C2 H5 N O2'       75.067  
GOL non-polymer         . GLYCEROL 'GLYCERIN; PROPANE-1,2,3-TRIOL' 'C3 H8 O3'         92.094  
HIS 'L-peptide linking' y HISTIDINE ?                               'C6 H10 N3 O2 1'   156.162 
HOH non-polymer         . WATER ?                               'H2 O'             18.015  
ILE 'L-peptide linking' y ISOLEUCINE ?                               'C6 H13 N O2'      131.173 
LEU 'L-peptide linking' y LEUCINE ?                               'C6 H13 N O2'      131.173 
LYS 'L-peptide linking' y LYSINE ?                               'C6 H15 N2 O2 1'   147.195 
MET 'L-peptide linking' y METHIONINE ?                               'C5 H11 N O2 S'    149.211 
PHE 'L-peptide linking' y PHENYLALANINE ?                               'C9 H11 N O2'      165.189 
PRO 'L-peptide linking' y PROLINE ?                               'C5 H9 N O2'       115.130 
SER 'L-peptide linking' y SERINE ?                               'C3 H7 N O3'       105.093 
SO4 non-polymer         . 'SULFATE ION' ?                               'O4 S -2'          96.063  
THR 'L-peptide linking' y THREONINE ?                               'C4 H9 N O3'       119.119 
TRP 'L-peptide linking' y TRYPTOPHAN ?                               'C11 H12 N2 O2'    204.225 
TYR 'L-peptide linking' y TYROSINE ?                               'C9 H11 N O3'      181.189 
VAL 'L-peptide linking' y VALINE ?                               'C5 H11 N O2'      117.146 
# 
_exptl.absorpt_coefficient_mu     ? 
_exptl.absorpt_correction_T_max   ? 
_exptl.absorpt_correction_T_min   ? 
_exptl.absorpt_correction_type    ? 
_exptl.absorpt_process_details    ? 
_exptl.entry_id                   5IKS 
_exptl.crystals_number            1 
_exptl.details                    ? 
_exptl.method                     'X-RAY DIFFRACTION' 
_exptl.method_details             ? 
# 
_exptl_crystal.colour                      ? 
_exptl_crystal.density_diffrn              ? 
_exptl_crystal.density_Matthews            1.90 
_exptl_crystal.density_method              ? 
_exptl_crystal.density_percent_sol         35.17 
_exptl_crystal.description                 ? 
_exptl_crystal.F_000                       ? 
_exptl_crystal.id                          1 
_exptl_crystal.preparation                 ? 
_exptl_crystal.size_max                    ? 
_exptl_crystal.size_mid                    ? 
_exptl_crystal.size_min                    ? 
_exptl_crystal.size_rad                    ? 
_exptl_crystal.colour_lustre               ? 
_exptl_crystal.colour_modifier             ? 
_exptl_crystal.colour_primary              ? 
_exptl_crystal.density_meas                ? 
_exptl_crystal.density_meas_esd            ? 
_exptl_crystal.density_meas_gt             ? 
_exptl_crystal.density_meas_lt             ? 
_exptl_crystal.density_meas_temp           ? 
_exptl_crystal.density_meas_temp_esd       ? 
_exptl_crystal.density_meas_temp_gt        ? 
_exptl_crystal.density_meas_temp_lt        ? 
_exptl_crystal.pdbx_crystal_image_url      ? 
_exptl_crystal.pdbx_crystal_image_format   ? 
_exptl_crystal.pdbx_mosaicity              ? 
_exptl_crystal.pdbx_mosaicity_esd          ? 
# 
_exptl_crystal_grow.apparatus       ? 
_exptl_crystal_grow.atmosphere      ? 
_exptl_crystal_grow.crystal_id      1 
_exptl_crystal_grow.details         ? 
_exptl_crystal_grow.method          'VAPOR DIFFUSION, HANGING DROP' 
_exptl_crystal_grow.method_ref      ? 
_exptl_crystal_grow.pH              7.4 
_exptl_crystal_grow.pressure        ? 
_exptl_crystal_grow.pressure_esd    ? 
_exptl_crystal_grow.seeding         ? 
_exptl_crystal_grow.seeding_ref     ? 
_exptl_crystal_grow.temp            293 
_exptl_crystal_grow.temp_details    ? 
_exptl_crystal_grow.temp_esd        ? 
_exptl_crystal_grow.time            ? 
_exptl_crystal_grow.pdbx_details    '0.1 M Tris-HCl, pH 7.4, 1mM EDTA, 2.5 M Ammonium Sulfate' 
_exptl_crystal_grow.pdbx_pH_range   ? 
# 
_diffrn.ambient_environment    ? 
_diffrn.ambient_temp           100 
_diffrn.ambient_temp_details   ? 
_diffrn.ambient_temp_esd       ? 
_diffrn.crystal_id             1 
_diffrn.crystal_support        ? 
_diffrn.crystal_treatment      ? 
_diffrn.details                ? 
_diffrn.id                     1 
_diffrn.ambient_pressure       ? 
_diffrn.ambient_pressure_esd   ? 
_diffrn.ambient_pressure_gt    ? 
_diffrn.ambient_pressure_lt    ? 
_diffrn.ambient_temp_gt        ? 
_diffrn.ambient_temp_lt        ? 
# 
_diffrn_detector.details                      mirrors 
_diffrn_detector.detector                     PIXEL 
_diffrn_detector.diffrn_id                    1 
_diffrn_detector.type                         'DECTRIS PILATUS 200K' 
_diffrn_detector.area_resol_mean              ? 
_diffrn_detector.dtime                        ? 
_diffrn_detector.pdbx_frames_total            ? 
_diffrn_detector.pdbx_collection_time_total   ? 
_diffrn_detector.pdbx_collection_date         2014-07-24 
# 
_diffrn_radiation.collimation                      ? 
_diffrn_radiation.diffrn_id                        1 
_diffrn_radiation.filter_edge                      ? 
_diffrn_radiation.inhomogeneity                    ? 
_diffrn_radiation.monochromator                    mirrors 
_diffrn_radiation.polarisn_norm                    ? 
_diffrn_radiation.polarisn_ratio                   ? 
_diffrn_radiation.probe                            ? 
_diffrn_radiation.type                             ? 
_diffrn_radiation.xray_symbol                      ? 
_diffrn_radiation.wavelength_id                    1 
_diffrn_radiation.pdbx_monochromatic_or_laue_m_l   M 
_diffrn_radiation.pdbx_wavelength_list             ? 
_diffrn_radiation.pdbx_wavelength                  ? 
_diffrn_radiation.pdbx_diffrn_protocol             'SINGLE WAVELENGTH' 
_diffrn_radiation.pdbx_analyzer                    ? 
_diffrn_radiation.pdbx_scattering_type             x-ray 
# 
_diffrn_radiation_wavelength.id           1 
_diffrn_radiation_wavelength.wavelength   1.54178 
_diffrn_radiation_wavelength.wt           1.0 
# 
_diffrn_source.current                     ? 
_diffrn_source.details                     ? 
_diffrn_source.diffrn_id                   1 
_diffrn_source.power                       ? 
_diffrn_source.size                        ? 
_diffrn_source.source                      'ROTATING ANODE' 
_diffrn_source.target                      ? 
_diffrn_source.type                        'RIGAKU MICROMAX-007 HF' 
_diffrn_source.voltage                     ? 
_diffrn_source.take-off_angle              ? 
_diffrn_source.pdbx_wavelength_list        1.54178 
_diffrn_source.pdbx_wavelength             ? 
_diffrn_source.pdbx_synchrotron_beamline   ? 
_diffrn_source.pdbx_synchrotron_site       ? 
# 
_reflns.B_iso_Wilson_estimate            ? 
_reflns.entry_id                         5IKS 
_reflns.data_reduction_details           ? 
_reflns.data_reduction_method            ? 
_reflns.d_resolution_high                1.870 
_reflns.d_resolution_low                 50.000 
_reflns.details                          ? 
_reflns.limit_h_max                      ? 
_reflns.limit_h_min                      ? 
_reflns.limit_k_max                      ? 
_reflns.limit_k_min                      ? 
_reflns.limit_l_max                      ? 
_reflns.limit_l_min                      ? 
_reflns.number_all                       ? 
_reflns.number_obs                       10468 
_reflns.observed_criterion               ? 
_reflns.observed_criterion_F_max         ? 
_reflns.observed_criterion_F_min         ? 
_reflns.observed_criterion_I_max         ? 
_reflns.observed_criterion_I_min         ? 
_reflns.observed_criterion_sigma_F       ? 
_reflns.observed_criterion_sigma_I       ? 
_reflns.percent_possible_obs             97.100 
_reflns.R_free_details                   ? 
_reflns.Rmerge_F_all                     ? 
_reflns.Rmerge_F_obs                     ? 
_reflns.Friedel_coverage                 ? 
_reflns.number_gt                        ? 
_reflns.threshold_expression             ? 
_reflns.pdbx_redundancy                  3.600 
_reflns.pdbx_Rmerge_I_obs                0.032 
_reflns.pdbx_Rmerge_I_all                ? 
_reflns.pdbx_Rsym_value                  ? 
_reflns.pdbx_netI_over_av_sigmaI         37.234 
_reflns.pdbx_netI_over_sigmaI            18.700 
_reflns.pdbx_res_netI_over_av_sigmaI_2   ? 
_reflns.pdbx_res_netI_over_sigmaI_2      ? 
_reflns.pdbx_chi_squared                 ? 
_reflns.pdbx_scaling_rejects             ? 
_reflns.pdbx_d_res_high_opt              ? 
_reflns.pdbx_d_res_low_opt               ? 
_reflns.pdbx_d_res_opt_method            ? 
_reflns.phase_calculation_details        ? 
_reflns.pdbx_Rrim_I_all                  ? 
_reflns.pdbx_Rpim_I_all                  ? 
_reflns.pdbx_d_opt                       ? 
_reflns.pdbx_number_measured_all         ? 
_reflns.pdbx_diffrn_id                   1 
_reflns.pdbx_ordinal                     1 
_reflns.pdbx_CC_half                     ? 
_reflns.pdbx_R_split                     ? 
# 
loop_
_reflns_shell.d_res_high 
_reflns_shell.d_res_low 
_reflns_shell.meanI_over_sigI_all 
_reflns_shell.meanI_over_sigI_obs 
_reflns_shell.number_measured_all 
_reflns_shell.number_measured_obs 
_reflns_shell.number_possible 
_reflns_shell.number_unique_all 
_reflns_shell.number_unique_obs 
_reflns_shell.percent_possible_all 
_reflns_shell.percent_possible_obs 
_reflns_shell.Rmerge_F_all 
_reflns_shell.Rmerge_F_obs 
_reflns_shell.Rmerge_I_all 
_reflns_shell.Rmerge_I_obs 
_reflns_shell.meanI_over_sigI_gt 
_reflns_shell.meanI_over_uI_all 
_reflns_shell.meanI_over_uI_gt 
_reflns_shell.number_measured_gt 
_reflns_shell.number_unique_gt 
_reflns_shell.percent_possible_gt 
_reflns_shell.Rmerge_F_gt 
_reflns_shell.Rmerge_I_gt 
_reflns_shell.pdbx_redundancy 
_reflns_shell.pdbx_Rsym_value 
_reflns_shell.pdbx_chi_squared 
_reflns_shell.pdbx_netI_over_sigmaI_all 
_reflns_shell.pdbx_netI_over_sigmaI_obs 
_reflns_shell.pdbx_Rrim_I_all 
_reflns_shell.pdbx_Rpim_I_all 
_reflns_shell.pdbx_rejects 
_reflns_shell.pdbx_ordinal 
_reflns_shell.pdbx_diffrn_id 
_reflns_shell.pdbx_CC_half 
_reflns_shell.pdbx_R_split 
1.870 1.900  ? ? ? ? ? ? ? 92.200  ? ? ? ? 0.309 ? ? ? ? ? ? ? ? 3.000 ? ? ? ? ? ? ? 1  1 ? ? 
1.900 1.940  ? ? ? ? ? ? ? 94.500  ? ? ? ? 0.263 ? ? ? ? ? ? ? ? 3.200 ? ? ? ? ? ? ? 2  1 ? ? 
1.940 1.970  ? ? ? ? ? ? ? 94.000  ? ? ? ? 0.213 ? ? ? ? ? ? ? ? 3.500 ? ? ? ? ? ? ? 3  1 ? ? 
1.970 2.010  ? ? ? ? ? ? ? 94.500  ? ? ? ? 0.180 ? ? ? ? ? ? ? ? 3.600 ? ? ? ? ? ? ? 4  1 ? ? 
2.010 2.060  ? ? ? ? ? ? ? 98.200  ? ? ? ? 0.147 ? ? ? ? ? ? ? ? 3.600 ? ? ? ? ? ? ? 5  1 ? ? 
2.060 2.110  ? ? ? ? ? ? ? 95.100  ? ? ? ? 0.117 ? ? ? ? ? ? ? ? 3.800 ? ? ? ? ? ? ? 6  1 ? ? 
2.110 2.160  ? ? ? ? ? ? ? 94.500  ? ? ? ? 0.103 ? ? ? ? ? ? ? ? 3.700 ? ? ? ? ? ? ? 7  1 ? ? 
2.160 2.220  ? ? ? ? ? ? ? 99.800  ? ? ? ? 0.084 ? ? ? ? ? ? ? ? 3.700 ? ? ? ? ? ? ? 8  1 ? ? 
2.220 2.280  ? ? ? ? ? ? ? 95.300  ? ? ? ? 0.073 ? ? ? ? ? ? ? ? 3.800 ? ? ? ? ? ? ? 9  1 ? ? 
2.280 2.360  ? ? ? ? ? ? ? 96.400  ? ? ? ? 0.061 ? ? ? ? ? ? ? ? 3.800 ? ? ? ? ? ? ? 10 1 ? ? 
2.360 2.440  ? ? ? ? ? ? ? 99.600  ? ? ? ? 0.054 ? ? ? ? ? ? ? ? 3.700 ? ? ? ? ? ? ? 11 1 ? ? 
2.440 2.540  ? ? ? ? ? ? ? 95.200  ? ? ? ? 0.047 ? ? ? ? ? ? ? ? 3.800 ? ? ? ? ? ? ? 12 1 ? ? 
2.540 2.650  ? ? ? ? ? ? ? 100.000 ? ? ? ? 0.044 ? ? ? ? ? ? ? ? 3.700 ? ? ? ? ? ? ? 13 1 ? ? 
2.650 2.790  ? ? ? ? ? ? ? 96.800  ? ? ? ? 0.038 ? ? ? ? ? ? ? ? 3.800 ? ? ? ? ? ? ? 14 1 ? ? 
2.790 2.970  ? ? ? ? ? ? ? 99.500  ? ? ? ? 0.030 ? ? ? ? ? ? ? ? 3.700 ? ? ? ? ? ? ? 15 1 ? ? 
2.970 3.200  ? ? ? ? ? ? ? 98.500  ? ? ? ? 0.024 ? ? ? ? ? ? ? ? 3.800 ? ? ? ? ? ? ? 16 1 ? ? 
3.200 3.520  ? ? ? ? ? ? ? 99.100  ? ? ? ? 0.021 ? ? ? ? ? ? ? ? 3.700 ? ? ? ? ? ? ? 17 1 ? ? 
3.520 4.030  ? ? ? ? ? ? ? 99.500  ? ? ? ? 0.019 ? ? ? ? ? ? ? ? 3.700 ? ? ? ? ? ? ? 18 1 ? ? 
4.030 5.070  ? ? ? ? ? ? ? 99.600  ? ? ? ? 0.022 ? ? ? ? ? ? ? ? 3.700 ? ? ? ? ? ? ? 19 1 ? ? 
5.070 50.000 ? ? ? ? ? ? ? 100.000 ? ? ? ? 0.030 ? ? ? ? ? ? ? ? 3.500 ? ? ? ? ? ? ? 20 1 ? ? 
# 
_refine.aniso_B[1][1]                            0.3400 
_refine.aniso_B[1][2]                            0.0000 
_refine.aniso_B[1][3]                            -0.1000 
_refine.aniso_B[2][2]                            -0.5800 
_refine.aniso_B[2][3]                            -0.0000 
_refine.aniso_B[3][3]                            0.2400 
_refine.B_iso_max                                59.610 
_refine.B_iso_mean                               20.1910 
_refine.B_iso_min                                9.890 
_refine.correlation_coeff_Fo_to_Fc               0.9400 
_refine.correlation_coeff_Fo_to_Fc_free          0.8770 
_refine.details                                  
'HYDROGENS HAVE BEEN ADDED IN THE RIDING POSITIONS U VALUES      : REFINED INDIVIDUALLY' 
_refine.diff_density_max                         ? 
_refine.diff_density_max_esd                     ? 
_refine.diff_density_min                         ? 
_refine.diff_density_min_esd                     ? 
_refine.diff_density_rms                         ? 
_refine.diff_density_rms_esd                     ? 
_refine.entry_id                                 5IKS 
_refine.pdbx_refine_id                           'X-RAY DIFFRACTION' 
_refine.ls_abs_structure_details                 ? 
_refine.ls_abs_structure_Flack                   ? 
_refine.ls_abs_structure_Flack_esd               ? 
_refine.ls_abs_structure_Rogers                  ? 
_refine.ls_abs_structure_Rogers_esd              ? 
_refine.ls_d_res_high                            1.8700 
_refine.ls_d_res_low                             33.2800 
_refine.ls_extinction_coef                       ? 
_refine.ls_extinction_coef_esd                   ? 
_refine.ls_extinction_expression                 ? 
_refine.ls_extinction_method                     ? 
_refine.ls_goodness_of_fit_all                   ? 
_refine.ls_goodness_of_fit_all_esd               ? 
_refine.ls_goodness_of_fit_obs                   ? 
_refine.ls_goodness_of_fit_obs_esd               ? 
_refine.ls_hydrogen_treatment                    ? 
_refine.ls_matrix_type                           ? 
_refine.ls_number_constraints                    ? 
_refine.ls_number_parameters                     ? 
_refine.ls_number_reflns_all                     ? 
_refine.ls_number_reflns_obs                     9987 
_refine.ls_number_reflns_R_free                  476 
_refine.ls_number_reflns_R_work                  ? 
_refine.ls_number_restraints                     ? 
_refine.ls_percent_reflns_obs                    96.2900 
_refine.ls_percent_reflns_R_free                 4.5000 
_refine.ls_R_factor_all                          ? 
_refine.ls_R_factor_obs                          0.2156 
_refine.ls_R_factor_R_free                       0.2781 
_refine.ls_R_factor_R_free_error                 ? 
_refine.ls_R_factor_R_free_error_details         ? 
_refine.ls_R_factor_R_work                       0.2129 
_refine.ls_R_Fsqd_factor_obs                     ? 
_refine.ls_R_I_factor_obs                        ? 
_refine.ls_redundancy_reflns_all                 ? 
_refine.ls_redundancy_reflns_obs                 ? 
_refine.ls_restrained_S_all                      ? 
_refine.ls_restrained_S_obs                      ? 
_refine.ls_shift_over_esd_max                    ? 
_refine.ls_shift_over_esd_mean                   ? 
_refine.ls_structure_factor_coef                 ? 
_refine.ls_weighting_details                     ? 
_refine.ls_weighting_scheme                      ? 
_refine.ls_wR_factor_all                         ? 
_refine.ls_wR_factor_obs                         ? 
_refine.ls_wR_factor_R_free                      ? 
_refine.ls_wR_factor_R_work                      ? 
_refine.occupancy_max                            ? 
_refine.occupancy_min                            ? 
_refine.solvent_model_details                    ? 
_refine.solvent_model_param_bsol                 ? 
_refine.solvent_model_param_ksol                 ? 
_refine.ls_R_factor_gt                           ? 
_refine.ls_goodness_of_fit_gt                    ? 
_refine.ls_goodness_of_fit_ref                   ? 
_refine.ls_shift_over_su_max                     ? 
_refine.ls_shift_over_su_max_lt                  ? 
_refine.ls_shift_over_su_mean                    ? 
_refine.ls_shift_over_su_mean_lt                 ? 
_refine.pdbx_ls_sigma_I                          ? 
_refine.pdbx_ls_sigma_F                          0.000 
_refine.pdbx_ls_sigma_Fsqd                       ? 
_refine.pdbx_data_cutoff_high_absF               ? 
_refine.pdbx_data_cutoff_high_rms_absF           ? 
_refine.pdbx_data_cutoff_low_absF                ? 
_refine.pdbx_isotropic_thermal_model             ? 
_refine.pdbx_ls_cross_valid_method               THROUGHOUT 
_refine.pdbx_method_to_determine_struct          'MOLECULAR REPLACEMENT' 
_refine.pdbx_starting_model                      2MBW 
_refine.pdbx_stereochemistry_target_values       ? 
_refine.pdbx_R_Free_selection_details            RANDOM 
_refine.pdbx_stereochem_target_val_spec_case     ? 
_refine.pdbx_overall_ESU_R                       0.0460 
_refine.pdbx_overall_ESU_R_Free                  0.0410 
_refine.pdbx_solvent_vdw_probe_radii             1.2000 
_refine.pdbx_solvent_ion_probe_radii             0.8000 
_refine.pdbx_solvent_shrinkage_radii             0.8000 
_refine.pdbx_real_space_R                        ? 
_refine.pdbx_density_correlation                 ? 
_refine.pdbx_pd_number_of_powder_patterns        ? 
_refine.pdbx_pd_number_of_points                 ? 
_refine.pdbx_pd_meas_number_of_points            ? 
_refine.pdbx_pd_proc_ls_prof_R_factor            ? 
_refine.pdbx_pd_proc_ls_prof_wR_factor           ? 
_refine.pdbx_pd_Marquardt_correlation_coeff      ? 
_refine.pdbx_pd_Fsqrd_R_factor                   ? 
_refine.pdbx_pd_ls_matrix_band_width             ? 
_refine.pdbx_overall_phase_error                 ? 
_refine.pdbx_overall_SU_R_free_Cruickshank_DPI   ? 
_refine.pdbx_overall_SU_R_free_Blow_DPI          ? 
_refine.pdbx_overall_SU_R_Blow_DPI               ? 
_refine.pdbx_TLS_residual_ADP_flag               ? 
_refine.pdbx_diffrn_id                           1 
_refine.overall_SU_B                             4.0500 
_refine.overall_SU_ML                            0.1220 
_refine.overall_SU_R_Cruickshank_DPI             ? 
_refine.overall_SU_R_free                        ? 
_refine.overall_FOM_free_R_set                   ? 
_refine.overall_FOM_work_R_set                   ? 
_refine.pdbx_average_fsc_overall                 ? 
_refine.pdbx_average_fsc_work                    ? 
_refine.pdbx_average_fsc_free                    ? 
# 
_refine_hist.cycle_id                         final 
_refine_hist.pdbx_refine_id                   'X-RAY DIFFRACTION' 
_refine_hist.d_res_high                       1.8700 
_refine_hist.d_res_low                        33.2800 
_refine_hist.pdbx_number_atoms_ligand         60 
_refine_hist.number_atoms_solvent             66 
_refine_hist.number_atoms_total               1329 
_refine_hist.pdbx_number_residues_total       151 
_refine_hist.pdbx_B_iso_mean_ligand           24.69 
_refine_hist.pdbx_B_iso_mean_solvent          26.41 
_refine_hist.pdbx_number_atoms_protein        1203 
_refine_hist.pdbx_number_atoms_nucleic_acid   0 
# 
loop_
_refine_ls_restr.pdbx_refine_id 
_refine_ls_restr.criterion 
_refine_ls_restr.dev_ideal 
_refine_ls_restr.dev_ideal_target 
_refine_ls_restr.number 
_refine_ls_restr.rejects 
_refine_ls_restr.type 
_refine_ls_restr.weight 
_refine_ls_restr.pdbx_restraint_function 
'X-RAY DIFFRACTION' ? 0.011  0.020  1297 ? r_bond_refined_d       ? ? 
'X-RAY DIFFRACTION' ? 0.002  0.020  1274 ? r_bond_other_d         ? ? 
'X-RAY DIFFRACTION' ? 1.631  2.059  1759 ? r_angle_refined_deg    ? ? 
'X-RAY DIFFRACTION' ? 1.004  3.000  2929 ? r_angle_other_deg      ? ? 
'X-RAY DIFFRACTION' ? 5.302  5.000  150  ? r_dihedral_angle_1_deg ? ? 
'X-RAY DIFFRACTION' ? 34.283 24.151 53   ? r_dihedral_angle_2_deg ? ? 
'X-RAY DIFFRACTION' ? 15.271 15.000 234  ? r_dihedral_angle_3_deg ? ? 
'X-RAY DIFFRACTION' ? 32.780 15.000 4    ? r_dihedral_angle_4_deg ? ? 
'X-RAY DIFFRACTION' ? 0.085  0.200  185  ? r_chiral_restr         ? ? 
'X-RAY DIFFRACTION' ? 0.008  0.020  1419 ? r_gen_planes_refined   ? ? 
'X-RAY DIFFRACTION' ? 0.005  0.020  299  ? r_gen_planes_other     ? ? 
'X-RAY DIFFRACTION' ? 0.748  1.897  603  ? r_mcbond_it            ? ? 
'X-RAY DIFFRACTION' ? 0.740  1.894  602  ? r_mcbond_other         ? ? 
'X-RAY DIFFRACTION' ? 1.278  2.838  752  ? r_mcangle_it           ? ? 
# 
_refine_ls_shell.pdbx_refine_id                   'X-RAY DIFFRACTION' 
_refine_ls_shell.d_res_high                       1.8690 
_refine_ls_shell.d_res_low                        1.9180 
_refine_ls_shell.number_reflns_all                667 
_refine_ls_shell.number_reflns_obs                ? 
_refine_ls_shell.number_reflns_R_free             25 
_refine_ls_shell.number_reflns_R_work             642 
_refine_ls_shell.percent_reflns_obs               82.1400 
_refine_ls_shell.percent_reflns_R_free            ? 
_refine_ls_shell.R_factor_all                     ? 
_refine_ls_shell.R_factor_obs                     ? 
_refine_ls_shell.R_factor_R_free                  0.3280 
_refine_ls_shell.R_factor_R_free_error            ? 
_refine_ls_shell.R_factor_R_work                  0.3000 
_refine_ls_shell.redundancy_reflns_all            ? 
_refine_ls_shell.redundancy_reflns_obs            ? 
_refine_ls_shell.wR_factor_all                    ? 
_refine_ls_shell.wR_factor_obs                    ? 
_refine_ls_shell.wR_factor_R_free                 ? 
_refine_ls_shell.wR_factor_R_work                 ? 
_refine_ls_shell.pdbx_total_number_of_bins_used   20 
_refine_ls_shell.pdbx_phase_error                 ? 
_refine_ls_shell.pdbx_fsc_work                    ? 
_refine_ls_shell.pdbx_fsc_free                    ? 
# 
_struct.entry_id                     5IKS 
_struct.title                        'Wild-type sperm whale myoglobin with a Fe-phenyl moiety' 
_struct.pdbx_model_details           
;This stable porphyrin-Fe(?Ea)-nitrosoalkane complex was obtained from the reaction of sperm whale myoglobin ferric H64A and N-hydroxyamphetamine.
;
_struct.pdbx_formula_weight          ? 
_struct.pdbx_formula_weight_method   ? 
_struct.pdbx_model_type_details      ? 
_struct.pdbx_CASP_flag               ? 
# 
_struct_keywords.entry_id        5IKS 
_struct_keywords.text            
;Bioorganometallic, Heme, Myoglobin, Sigma-aryl, Iron-carbon, Hydrazine, Arylhydrazine, Phenylhydrazine, Tolylhydrazine, 3-methylphenylhydrazine, para-chlorophenylhdrazine, 4-chlorophenylhydrazine, OXYGEN TRANSPORT
;
_struct_keywords.pdbx_keywords   'OXYGEN TRANSPORT' 
# 
loop_
_struct_asym.id 
_struct_asym.pdbx_blank_PDB_chainid_flag 
_struct_asym.pdbx_modified 
_struct_asym.entity_id 
_struct_asym.details 
A N N 1 ? 
B N N 2 ? 
C N N 3 ? 
D N N 4 ? 
E N N 5 ? 
# 
loop_
_struct_conf.conf_type_id 
_struct_conf.id 
_struct_conf.pdbx_PDB_helix_id 
_struct_conf.beg_label_comp_id 
_struct_conf.beg_label_asym_id 
_struct_conf.beg_label_seq_id 
_struct_conf.pdbx_beg_PDB_ins_code 
_struct_conf.end_label_comp_id 
_struct_conf.end_label_asym_id 
_struct_conf.end_label_seq_id 
_struct_conf.pdbx_end_PDB_ins_code 
_struct_conf.beg_auth_comp_id 
_struct_conf.beg_auth_asym_id 
_struct_conf.beg_auth_seq_id 
_struct_conf.end_auth_comp_id 
_struct_conf.end_auth_asym_id 
_struct_conf.end_auth_seq_id 
_struct_conf.pdbx_PDB_helix_class 
_struct_conf.details 
_struct_conf.pdbx_PDB_helix_length 
HELX_P HELX_P1 AA1 SER A 3   ? GLU A 18  ? SER A 3   GLU A 18  1 ? 16 
HELX_P HELX_P2 AA2 ASP A 20  ? HIS A 36  ? ASP A 20  HIS A 36  1 ? 17 
HELX_P HELX_P3 AA3 HIS A 36  ? GLU A 41  ? HIS A 36  GLU A 41  1 ? 6  
HELX_P HELX_P4 AA4 THR A 51  ? SER A 58  ? THR A 51  SER A 58  1 ? 8  
HELX_P HELX_P5 AA5 SER A 58  ? LYS A 78  ? SER A 58  LYS A 78  1 ? 21 
HELX_P HELX_P6 AA6 HIS A 82  ? LYS A 96  ? HIS A 82  LYS A 96  1 ? 15 
HELX_P HELX_P7 AA7 PRO A 100 ? HIS A 119 ? PRO A 100 HIS A 119 1 ? 20 
HELX_P HELX_P8 AA8 PRO A 120 ? PHE A 123 ? PRO A 120 PHE A 123 5 ? 4  
HELX_P HELX_P9 AA9 GLY A 124 ? LEU A 149 ? GLY A 124 LEU A 149 1 ? 26 
# 
_struct_conf_type.id          HELX_P 
_struct_conf_type.criteria    ? 
_struct_conf_type.reference   ? 
# 
_struct_conn.id                            metalc1 
_struct_conn.conn_type_id                  metalc 
_struct_conn.pdbx_leaving_atom_flag        ? 
_struct_conn.pdbx_PDB_id                   ? 
_struct_conn.ptnr1_label_asym_id           A 
_struct_conn.ptnr1_label_comp_id           HIS 
_struct_conn.ptnr1_label_seq_id            93 
_struct_conn.ptnr1_label_atom_id           NE2 
_struct_conn.pdbx_ptnr1_label_alt_id       ? 
_struct_conn.pdbx_ptnr1_PDB_ins_code       ? 
_struct_conn.pdbx_ptnr1_standard_comp_id   ? 
_struct_conn.ptnr1_symmetry                1_555 
_struct_conn.ptnr2_label_asym_id           B 
_struct_conn.ptnr2_label_comp_id           6CO 
_struct_conn.ptnr2_label_seq_id            . 
_struct_conn.ptnr2_label_atom_id           FE 
_struct_conn.pdbx_ptnr2_label_alt_id       ? 
_struct_conn.pdbx_ptnr2_PDB_ins_code       ? 
_struct_conn.ptnr1_auth_asym_id            A 
_struct_conn.ptnr1_auth_comp_id            HIS 
_struct_conn.ptnr1_auth_seq_id             93 
_struct_conn.ptnr2_auth_asym_id            A 
_struct_conn.ptnr2_auth_comp_id            6CO 
_struct_conn.ptnr2_auth_seq_id             201 
_struct_conn.ptnr2_symmetry                1_555 
_struct_conn.pdbx_ptnr3_label_atom_id      ? 
_struct_conn.pdbx_ptnr3_label_seq_id       ? 
_struct_conn.pdbx_ptnr3_label_comp_id      ? 
_struct_conn.pdbx_ptnr3_label_asym_id      ? 
_struct_conn.pdbx_ptnr3_label_alt_id       ? 
_struct_conn.pdbx_ptnr3_PDB_ins_code       ? 
_struct_conn.details                       ? 
_struct_conn.pdbx_dist_value               2.340 
_struct_conn.pdbx_value_order              ? 
_struct_conn.pdbx_role                     ? 
# 
_struct_conn_type.id          metalc 
_struct_conn_type.criteria    ? 
_struct_conn_type.reference   ? 
# 
loop_
_struct_site.id 
_struct_site.pdbx_evidence_code 
_struct_site.pdbx_auth_asym_id 
_struct_site.pdbx_auth_comp_id 
_struct_site.pdbx_auth_seq_id 
_struct_site.pdbx_auth_ins_code 
_struct_site.pdbx_num_residues 
_struct_site.details 
AC1 Software A 6CO 201 ? 13 'binding site for residue 6CO A 201' 
AC2 Software A SO4 202 ? 7  'binding site for residue SO4 A 202' 
AC3 Software A GOL 203 ? 5  'binding site for residue GOL A 203' 
# 
loop_
_struct_site_gen.id 
_struct_site_gen.site_id 
_struct_site_gen.pdbx_num_res 
_struct_site_gen.label_comp_id 
_struct_site_gen.label_asym_id 
_struct_site_gen.label_seq_id 
_struct_site_gen.pdbx_auth_ins_code 
_struct_site_gen.auth_comp_id 
_struct_site_gen.auth_asym_id 
_struct_site_gen.auth_seq_id 
_struct_site_gen.label_atom_id 
_struct_site_gen.label_alt_id 
_struct_site_gen.symmetry 
_struct_site_gen.details 
1  AC1 13 LYS A 42  ? LYS A 42  . ? 1_555 ? 
2  AC1 13 PHE A 43  ? PHE A 43  . ? 1_555 ? 
3  AC1 13 ARG A 45  ? ARG A 45  . ? 1_555 ? 
4  AC1 13 VAL A 68  ? VAL A 68  . ? 1_555 ? 
5  AC1 13 LEU A 89  ? LEU A 89  . ? 1_555 ? 
6  AC1 13 SER A 92  ? SER A 92  . ? 1_555 ? 
7  AC1 13 HIS A 93  ? HIS A 93  . ? 1_555 ? 
8  AC1 13 HIS A 97  ? HIS A 97  . ? 1_555 ? 
9  AC1 13 ILE A 99  ? ILE A 99  . ? 1_555 ? 
10 AC1 13 TYR A 103 ? TYR A 103 . ? 1_555 ? 
11 AC1 13 GLN A 128 ? GLN A 128 . ? 1_545 ? 
12 AC1 13 PHE A 138 ? PHE A 138 . ? 1_555 ? 
13 AC1 13 HOH E .   ? HOH A 320 . ? 1_555 ? 
14 AC2 7  THR A 51  ? THR A 51  . ? 1_555 ? 
15 AC2 7  GLU A 52  ? GLU A 52  . ? 1_555 ? 
16 AC2 7  HOH E .   ? HOH A 305 . ? 1_555 ? 
17 AC2 7  HOH E .   ? HOH A 335 . ? 1_555 ? 
18 AC2 7  HOH E .   ? HOH A 336 . ? 1_555 ? 
19 AC2 7  HOH E .   ? HOH A 339 . ? 1_555 ? 
20 AC2 7  HOH E .   ? HOH A 345 . ? 1_555 ? 
21 AC3 5  SER A 3   ? SER A 3   . ? 1_555 ? 
22 AC3 5  GLU A 4   ? GLU A 4   . ? 1_555 ? 
23 AC3 5  GLY A 5   ? GLY A 5   . ? 1_555 ? 
24 AC3 5  LYS A 98  ? LYS A 98  . ? 1_465 ? 
25 AC3 5  HOH E .   ? HOH A 311 . ? 1_555 ? 
# 
_atom_sites.entry_id                    5IKS 
_atom_sites.fract_transf_matrix[1][1]   -0.01812387 
_atom_sites.fract_transf_matrix[1][2]   -0.02374763 
_atom_sites.fract_transf_matrix[1][3]   -0.00320401 
_atom_sites.fract_transf_matrix[2][1]   -0.02609898 
_atom_sites.fract_transf_matrix[2][2]   0.01884087 
_atom_sites.fract_transf_matrix[2][3]   0.00798636 
_atom_sites.fract_transf_matrix[3][1]   -0.00454848 
_atom_sites.fract_transf_matrix[3][2]   0.00023271 
_atom_sites.fract_transf_matrix[3][3]   -0.01541319 
_atom_sites.fract_transf_vector[1]      -0.258174 
_atom_sites.fract_transf_vector[2]      0.153921 
_atom_sites.fract_transf_vector[3]      -0.252439 
# 
loop_
_atom_type.symbol 
C  
FE 
N  
O  
S  
# 
loop_
_atom_site.group_PDB 
_atom_site.id 
_atom_site.type_symbol 
_atom_site.label_atom_id 
_atom_site.label_alt_id 
_atom_site.label_comp_id 
_atom_site.label_asym_id 
_atom_site.label_entity_id 
_atom_site.label_seq_id 
_atom_site.pdbx_PDB_ins_code 
_atom_site.Cartn_x 
_atom_site.Cartn_y 
_atom_site.Cartn_z 
_atom_site.occupancy 
_atom_site.B_iso_or_equiv 
_atom_site.pdbx_formal_charge 
_atom_site.auth_seq_id 
_atom_site.auth_comp_id 
_atom_site.auth_asym_id 
_atom_site.auth_atom_id 
_atom_site.pdbx_PDB_model_num 
ATOM   1    N  N   . VAL A 1 1   ? -2.869  11.346  -15.035 1.00 26.01 ? 1   VAL A N   1 
ATOM   2    C  CA  . VAL A 1 1   ? -1.801  12.319  -14.615 1.00 25.34 ? 1   VAL A CA  1 
ATOM   3    C  C   . VAL A 1 1   ? -2.244  13.136  -13.399 1.00 23.69 ? 1   VAL A C   1 
ATOM   4    O  O   . VAL A 1 1   ? -3.296  13.770  -13.403 1.00 23.88 ? 1   VAL A O   1 
ATOM   5    C  CB  . VAL A 1 1   ? -1.416  13.299  -15.761 1.00 26.20 ? 1   VAL A CB  1 
ATOM   6    C  CG1 . VAL A 1 1   ? -0.232  14.188  -15.372 1.00 26.33 ? 1   VAL A CG1 1 
ATOM   7    C  CG2 . VAL A 1 1   ? -1.088  12.534  -17.041 1.00 26.70 ? 1   VAL A CG2 1 
ATOM   8    N  N   . LEU A 1 2   ? -1.429  13.143  -12.352 1.00 21.55 ? 2   LEU A N   1 
ATOM   9    C  CA  . LEU A 1 2   ? -1.708  14.034  -11.237 1.00 20.23 ? 2   LEU A CA  1 
ATOM   10   C  C   . LEU A 1 2   ? -1.095  15.391  -11.505 1.00 19.73 ? 2   LEU A C   1 
ATOM   11   O  O   . LEU A 1 2   ? -0.025  15.523  -12.086 1.00 19.73 ? 2   LEU A O   1 
ATOM   12   C  CB  . LEU A 1 2   ? -1.158  13.519  -9.905  1.00 19.93 ? 2   LEU A CB  1 
ATOM   13   C  CG  . LEU A 1 2   ? -1.970  12.537  -9.054  1.00 19.76 ? 2   LEU A CG  1 
ATOM   14   C  CD1 . LEU A 1 2   ? -2.022  11.184  -9.736  1.00 19.49 ? 2   LEU A CD1 1 
ATOM   15   C  CD2 . LEU A 1 2   ? -1.353  12.419  -7.665  1.00 19.75 ? 2   LEU A CD2 1 
ATOM   16   N  N   . SER A 1 3   ? -1.735  16.414  -10.992 1.00 18.98 ? 3   SER A N   1 
ATOM   17   C  CA  . SER A 1 3   ? -1.141  17.728  -11.082 1.00 18.80 ? 3   SER A CA  1 
ATOM   18   C  C   . SER A 1 3   ? 0.020   17.851  -10.096 1.00 18.71 ? 3   SER A C   1 
ATOM   19   O  O   . SER A 1 3   ? 0.113   17.091  -9.127  1.00 17.89 ? 3   SER A O   1 
ATOM   20   C  CB  . SER A 1 3   ? -2.199  18.782  -10.795 1.00 18.58 ? 3   SER A CB  1 
ATOM   21   O  OG  . SER A 1 3   ? -2.548  18.859  -9.414  1.00 18.44 ? 3   SER A OG  1 
ATOM   22   N  N   . GLU A 1 4   ? 0.865   18.857  -10.278 1.00 18.65 ? 4   GLU A N   1 
ATOM   23   C  CA  . GLU A 1 4   ? 1.835   19.177  -9.234  1.00 18.84 ? 4   GLU A CA  1 
ATOM   24   C  C   . GLU A 1 4   ? 1.194   19.422  -7.837  1.00 18.27 ? 4   GLU A C   1 
ATOM   25   O  O   . GLU A 1 4   ? 1.733   18.973  -6.813  1.00 18.24 ? 4   GLU A O   1 
ATOM   26   C  CB  . GLU A 1 4   ? 2.705   20.380  -9.638  1.00 19.15 ? 4   GLU A CB  1 
ATOM   27   C  CG  . GLU A 1 4   ? 3.663   20.801  -8.542  1.00 20.11 ? 4   GLU A CG  1 
ATOM   28   C  CD  . GLU A 1 4   ? 4.594   19.675  -8.134  1.00 20.59 ? 4   GLU A CD  1 
ATOM   29   O  OE1 . GLU A 1 4   ? 5.123   19.006  -9.052  1.00 19.98 ? 4   GLU A OE1 1 
ATOM   30   O  OE2 . GLU A 1 4   ? 4.779   19.454  -6.911  1.00 21.93 ? 4   GLU A OE2 1 
ATOM   31   N  N   . GLY A 1 5   ? 0.077   20.148  -7.780  1.00 17.35 ? 5   GLY A N   1 
ATOM   32   C  CA  . GLY A 1 5   ? -0.594  20.407  -6.508  1.00 17.10 ? 5   GLY A CA  1 
ATOM   33   C  C   . GLY A 1 5   ? -1.090  19.136  -5.827  1.00 16.70 ? 5   GLY A C   1 
ATOM   34   O  O   . GLY A 1 5   ? -0.974  19.003  -4.612  1.00 16.40 ? 5   GLY A O   1 
ATOM   35   N  N   . GLU A 1 6   ? -1.634  18.209  -6.620  1.00 16.20 ? 6   GLU A N   1 
ATOM   36   C  CA  . GLU A 1 6   ? -2.011  16.853  -6.163  1.00 15.98 ? 6   GLU A CA  1 
ATOM   37   C  C   . GLU A 1 6   ? -0.808  16.051  -5.618  1.00 14.98 ? 6   GLU A C   1 
ATOM   38   O  O   . GLU A 1 6   ? -0.878  15.445  -4.538  1.00 14.30 ? 6   GLU A O   1 
ATOM   39   C  CB  . GLU A 1 6   ? -2.743  16.107  -7.302  1.00 16.65 ? 6   GLU A CB  1 
ATOM   40   C  CG  . GLU A 1 6   ? -4.176  16.628  -7.453  1.00 17.12 ? 6   GLU A CG  1 
ATOM   41   C  CD  . GLU A 1 6   ? -4.915  16.139  -8.679  1.00 17.45 ? 6   GLU A CD  1 
ATOM   42   O  OE1 . GLU A 1 6   ? -4.292  15.733  -9.673  1.00 17.32 ? 6   GLU A OE1 1 
ATOM   43   O  OE2 . GLU A 1 6   ? -6.160  16.163  -8.652  1.00 18.30 ? 6   GLU A OE2 1 
ATOM   44   N  N   . TRP A 1 7   ? 0.311   16.079  -6.331  1.00 14.40 ? 7   TRP A N   1 
ATOM   45   C  CA  . TRP A 1 7   ? 1.503   15.417  -5.814  1.00 13.82 ? 7   TRP A CA  1 
ATOM   46   C  C   . TRP A 1 7   ? 1.947   16.002  -4.486  1.00 13.81 ? 7   TRP A C   1 
ATOM   47   O  O   . TRP A 1 7   ? 2.311   15.254  -3.577  1.00 12.74 ? 7   TRP A O   1 
ATOM   48   C  CB  . TRP A 1 7   ? 2.646   15.425  -6.821  1.00 13.83 ? 7   TRP A CB  1 
ATOM   49   C  CG  . TRP A 1 7   ? 2.481   14.456  -7.904  1.00 13.62 ? 7   TRP A CG  1 
ATOM   50   C  CD1 . TRP A 1 7   ? 2.401   14.731  -9.233  1.00 13.87 ? 7   TRP A CD1 1 
ATOM   51   C  CD2 . TRP A 1 7   ? 2.391   13.028  -7.775  1.00 13.82 ? 7   TRP A CD2 1 
ATOM   52   N  NE1 . TRP A 1 7   ? 2.293   13.563  -9.947  1.00 13.74 ? 7   TRP A NE1 1 
ATOM   53   C  CE2 . TRP A 1 7   ? 2.263   12.507  -9.073  1.00 13.79 ? 7   TRP A CE2 1 
ATOM   54   C  CE3 . TRP A 1 7   ? 2.403   12.140  -6.682  1.00 13.58 ? 7   TRP A CE3 1 
ATOM   55   C  CZ2 . TRP A 1 7   ? 2.138   11.134  -9.322  1.00 13.85 ? 7   TRP A CZ2 1 
ATOM   56   C  CZ3 . TRP A 1 7   ? 2.292   10.781  -6.928  1.00 13.79 ? 7   TRP A CZ3 1 
ATOM   57   C  CH2 . TRP A 1 7   ? 2.158   10.291  -8.238  1.00 13.76 ? 7   TRP A CH2 1 
ATOM   58   N  N   . GLN A 1 8   ? 1.876   17.317  -4.337  1.00 13.96 ? 8   GLN A N   1 
ATOM   59   C  CA  . GLN A 1 8   ? 2.295   17.913  -3.092  1.00 14.41 ? 8   GLN A CA  1 
ATOM   60   C  C   . GLN A 1 8   ? 1.434   17.451  -1.915  1.00 14.10 ? 8   GLN A C   1 
ATOM   61   O  O   . GLN A 1 8   ? 1.965   17.196  -0.827  1.00 13.92 ? 8   GLN A O   1 
ATOM   62   C  CB  . GLN A 1 8   ? 2.313   19.433  -3.194  1.00 15.22 ? 8   GLN A CB  1 
ATOM   63   C  CG  . GLN A 1 8   ? 3.059   20.080  -2.027  1.00 16.23 ? 8   GLN A CG  1 
ATOM   64   C  CD  . GLN A 1 8   ? 3.294   21.579  -2.177  1.00 17.20 ? 8   GLN A CD  1 
ATOM   65   O  OE1 . GLN A 1 8   ? 4.217   22.140  -1.565  1.00 18.02 ? 8   GLN A OE1 1 
ATOM   66   N  NE2 . GLN A 1 8   ? 2.463   22.238  -2.974  1.00 17.68 ? 8   GLN A NE2 1 
ATOM   67   N  N   . LEU A 1 9   ? 0.118   17.360  -2.125  1.00 13.64 ? 9   LEU A N   1 
ATOM   68   C  CA  . LEU A 1 9   ? -0.791  16.851  -1.077  1.00 13.48 ? 9   LEU A CA  1 
ATOM   69   C  C   . LEU A 1 9   ? -0.455  15.422  -0.702  1.00 12.83 ? 9   LEU A C   1 
ATOM   70   O  O   . LEU A 1 9   ? -0.404  15.093  0.479   1.00 12.55 ? 9   LEU A O   1 
ATOM   71   C  CB  . LEU A 1 9   ? -2.246  16.884  -1.512  1.00 13.74 ? 9   LEU A CB  1 
ATOM   72   C  CG  . LEU A 1 9   ? -2.812  18.285  -1.703  1.00 14.04 ? 9   LEU A CG  1 
ATOM   73   C  CD1 . LEU A 1 9   ? -4.125  18.183  -2.459  1.00 14.27 ? 9   LEU A CD1 1 
ATOM   74   C  CD2 . LEU A 1 9   ? -2.975  18.989  -0.367  1.00 14.18 ? 9   LEU A CD2 1 
ATOM   75   N  N   . VAL A 1 10  ? -0.235  14.590  -1.708  1.00 12.66 ? 10  VAL A N   1 
ATOM   76   C  CA  . VAL A 1 10  ? 0.204   13.200  -1.507  1.00 12.67 ? 10  VAL A CA  1 
ATOM   77   C  C   . VAL A 1 10  ? 1.506   13.092  -0.666  1.00 12.92 ? 10  VAL A C   1 
ATOM   78   O  O   . VAL A 1 10  ? 1.567   12.375  0.341   1.00 12.10 ? 10  VAL A O   1 
ATOM   79   C  CB  . VAL A 1 10  ? 0.369   12.501  -2.879  1.00 12.63 ? 10  VAL A CB  1 
ATOM   80   C  CG1 . VAL A 1 10  ? 1.174   11.211  -2.765  1.00 12.66 ? 10  VAL A CG1 1 
ATOM   81   C  CG2 . VAL A 1 10  ? -0.995  12.249  -3.522  1.00 12.68 ? 10  VAL A CG2 1 
ATOM   82   N  N   . LEU A 1 11  ? 2.534   13.817  -1.092  1.00 13.49 ? 11  LEU A N   1 
ATOM   83   C  CA  . LEU A 1 11  ? 3.849   13.731  -0.468  1.00 14.42 ? 11  LEU A CA  1 
ATOM   84   C  C   . LEU A 1 11  ? 3.862   14.419  0.889   1.00 15.31 ? 11  LEU A C   1 
ATOM   85   O  O   . LEU A 1 11  ? 4.551   13.974  1.795   1.00 15.67 ? 11  LEU A O   1 
ATOM   86   C  CB  . LEU A 1 11  ? 4.921   14.282  -1.415  1.00 14.15 ? 11  LEU A CB  1 
ATOM   87   C  CG  . LEU A 1 11  ? 5.113   13.442  -2.680  1.00 14.22 ? 11  LEU A CG  1 
ATOM   88   C  CD1 . LEU A 1 11  ? 6.124   14.076  -3.632  1.00 14.22 ? 11  LEU A CD1 1 
ATOM   89   C  CD2 . LEU A 1 11  ? 5.525   12.012  -2.332  1.00 14.23 ? 11  LEU A CD2 1 
ATOM   90   N  N   . HIS A 1 12  ? 3.042   15.447  1.055   1.00 16.71 ? 12  HIS A N   1 
ATOM   91   C  CA  . HIS A 1 12  ? 2.882   16.065  2.354   1.00 18.20 ? 12  HIS A CA  1 
ATOM   92   C  C   . HIS A 1 12  ? 2.383   15.061  3.386   1.00 18.20 ? 12  HIS A C   1 
ATOM   93   O  O   . HIS A 1 12  ? 3.018   14.894  4.425   1.00 17.84 ? 12  HIS A O   1 
ATOM   94   C  CB  . HIS A 1 12  ? 1.945   17.255  2.279   1.00 19.65 ? 12  HIS A CB  1 
ATOM   95   C  CG  . HIS A 1 12  ? 1.880   18.029  3.550   1.00 21.69 ? 12  HIS A CG  1 
ATOM   96   N  ND1 . HIS A 1 12  ? 2.929   18.805  3.999   1.00 22.97 ? 12  HIS A ND1 1 
ATOM   97   C  CD2 . HIS A 1 12  ? 0.912   18.119  4.488   1.00 22.68 ? 12  HIS A CD2 1 
ATOM   98   C  CE1 . HIS A 1 12  ? 2.593   19.367  5.147   1.00 23.16 ? 12  HIS A CE1 1 
ATOM   99   N  NE2 . HIS A 1 12  ? 1.373   18.970  5.464   1.00 23.28 ? 12  HIS A NE2 1 
ATOM   100  N  N   . VAL A 1 13  ? 1.280   14.372  3.091   1.00 17.67 ? 13  VAL A N   1 
ATOM   101  C  CA  . VAL A 1 13  ? 0.819   13.329  3.995   1.00 18.00 ? 13  VAL A CA  1 
ATOM   102  C  C   . VAL A 1 13  ? 1.753   12.127  4.137   1.00 17.68 ? 13  VAL A C   1 
ATOM   103  O  O   . VAL A 1 13  ? 1.840   11.579  5.220   1.00 18.47 ? 13  VAL A O   1 
ATOM   104  C  CB  . VAL A 1 13  ? -0.596  12.829  3.703   1.00 18.36 ? 13  VAL A CB  1 
ATOM   105  C  CG1 . VAL A 1 13  ? -0.665  12.071  2.397   1.00 18.45 ? 13  VAL A CG1 1 
ATOM   106  C  CG2 . VAL A 1 13  ? -1.058  11.924  4.831   1.00 19.08 ? 13  VAL A CG2 1 
ATOM   107  N  N   . TRP A 1 14  ? 2.452   11.715  3.091   1.00 17.48 ? 14  TRP A N   1 
ATOM   108  C  CA  . TRP A 1 14  ? 3.400   10.626  3.247   1.00 17.50 ? 14  TRP A CA  1 
ATOM   109  C  C   . TRP A 1 14  ? 4.587   11.011  4.103   1.00 18.33 ? 14  TRP A C   1 
ATOM   110  O  O   . TRP A 1 14  ? 5.167   10.150  4.757   1.00 18.00 ? 14  TRP A O   1 
ATOM   111  C  CB  . TRP A 1 14  ? 3.955   10.161  1.921   1.00 17.46 ? 14  TRP A CB  1 
ATOM   112  C  CG  . TRP A 1 14  ? 4.382   8.776   2.038   1.00 17.27 ? 14  TRP A CG  1 
ATOM   113  C  CD1 . TRP A 1 14  ? 5.647   8.299   2.217   1.00 17.18 ? 14  TRP A CD1 1 
ATOM   114  C  CD2 . TRP A 1 14  ? 3.514   7.657   2.067   1.00 16.76 ? 14  TRP A CD2 1 
ATOM   115  N  NE1 . TRP A 1 14  ? 5.616   6.926   2.321   1.00 17.15 ? 14  TRP A NE1 1 
ATOM   116  C  CE2 . TRP A 1 14  ? 4.315   6.505   2.226   1.00 16.89 ? 14  TRP A CE2 1 
ATOM   117  C  CE3 . TRP A 1 14  ? 2.132   7.509   1.946   1.00 16.70 ? 14  TRP A CE3 1 
ATOM   118  C  CZ2 . TRP A 1 14  ? 3.773   5.216   2.262   1.00 16.64 ? 14  TRP A CZ2 1 
ATOM   119  C  CZ3 . TRP A 1 14  ? 1.588   6.225   1.983   1.00 16.86 ? 14  TRP A CZ3 1 
ATOM   120  C  CH2 . TRP A 1 14  ? 2.410   5.100   2.145   1.00 16.56 ? 14  TRP A CH2 1 
ATOM   121  N  N   . ALA A 1 15  ? 4.970   12.293  4.095   1.00 18.78 ? 15  ALA A N   1 
ATOM   122  C  CA  . ALA A 1 15  ? 6.115   12.713  4.904   1.00 19.71 ? 15  ALA A CA  1 
ATOM   123  C  C   . ALA A 1 15  ? 5.772   12.458  6.356   1.00 20.45 ? 15  ALA A C   1 
ATOM   124  O  O   . ALA A 1 15  ? 6.645   12.104  7.142   1.00 21.26 ? 15  ALA A O   1 
ATOM   125  C  CB  . ALA A 1 15  ? 6.488   14.172  4.673   1.00 19.42 ? 15  ALA A CB  1 
ATOM   126  N  N   . LYS A 1 16  ? 4.481   12.574  6.669   1.00 21.37 ? 16  LYS A N   1 
ATOM   127  C  CA  . LYS A 1 16  ? 3.934   12.243  7.985   1.00 22.38 ? 16  LYS A CA  1 
ATOM   128  C  C   . LYS A 1 16  ? 3.859   10.751  8.323   1.00 23.03 ? 16  LYS A C   1 
ATOM   129  O  O   . LYS A 1 16  ? 4.013   10.373  9.486   1.00 23.55 ? 16  LYS A O   1 
ATOM   130  C  CB  . LYS A 1 16  ? 2.496   12.768  8.156   1.00 22.94 ? 16  LYS A CB  1 
ATOM   131  C  CG  . LYS A 1 16  ? 2.197   14.233  7.776   1.00 23.73 ? 16  LYS A CG  1 
ATOM   132  C  CD  . LYS A 1 16  ? 2.895   15.244  8.665   1.00 24.29 ? 16  LYS A CD  1 
ATOM   133  C  CE  . LYS A 1 16  ? 2.883   16.694  8.197   1.00 24.62 ? 16  LYS A CE  1 
ATOM   134  N  NZ  . LYS A 1 16  ? 3.230   17.656  9.289   1.00 24.92 ? 16  LYS A NZ  1 
ATOM   135  N  N   . VAL A 1 17  ? 3.483   9.923   7.349   1.00 22.58 ? 17  VAL A N   1 
ATOM   136  C  CA  . VAL A 1 17  ? 3.550   8.450   7.526   1.00 22.63 ? 17  VAL A CA  1 
ATOM   137  C  C   . VAL A 1 17  ? 4.965   8.103   7.949   1.00 22.77 ? 17  VAL A C   1 
ATOM   138  O  O   . VAL A 1 17  ? 5.197   7.277   8.852   1.00 22.48 ? 17  VAL A O   1 
ATOM   139  C  CB  . VAL A 1 17  ? 3.260   7.671   6.210   1.00 22.47 ? 17  VAL A CB  1 
ATOM   140  C  CG1 . VAL A 1 17  ? 3.605   6.181   6.334   1.00 22.24 ? 17  VAL A CG1 1 
ATOM   141  C  CG2 . VAL A 1 17  ? 1.815   7.841   5.788   1.00 22.32 ? 17  VAL A CG2 1 
ATOM   142  N  N   . GLU A 1 18  ? 5.900   8.771   7.290   1.00 23.43 ? 18  GLU A N   1 
ATOM   143  C  CA  . GLU A 1 18  ? 7.297   8.534   7.509   1.00 24.80 ? 18  GLU A CA  1 
ATOM   144  C  C   . GLU A 1 18  ? 7.778   8.899   8.910   1.00 24.66 ? 18  GLU A C   1 
ATOM   145  O  O   . GLU A 1 18  ? 8.844   8.448   9.308   1.00 25.09 ? 18  GLU A O   1 
ATOM   146  C  CB  . GLU A 1 18  ? 8.117   9.158   6.390   1.00 25.95 ? 18  GLU A CB  1 
ATOM   147  C  CG  . GLU A 1 18  ? 7.846   8.410   5.093   1.00 27.47 ? 18  GLU A CG  1 
ATOM   148  C  CD  . GLU A 1 18  ? 8.770   8.806   3.982   1.00 28.50 ? 18  GLU A CD  1 
ATOM   149  O  OE1 . GLU A 1 18  ? 9.263   9.955   3.995   1.00 29.27 ? 18  GLU A OE1 1 
ATOM   150  O  OE2 . GLU A 1 18  ? 9.002   7.954   3.095   1.00 30.29 ? 18  GLU A OE2 1 
ATOM   151  N  N   . ALA A 1 19  ? 6.961   9.628   9.673   1.00 24.16 ? 19  ALA A N   1 
ATOM   152  C  CA  . ALA A 1 19  ? 7.192   9.837   11.108  1.00 24.14 ? 19  ALA A CA  1 
ATOM   153  C  C   . ALA A 1 19  ? 7.015   8.577   11.960  1.00 24.31 ? 19  ALA A C   1 
ATOM   154  O  O   . ALA A 1 19  ? 7.568   8.487   13.061  1.00 24.92 ? 19  ALA A O   1 
ATOM   155  C  CB  . ALA A 1 19  ? 6.280   10.931  11.627  1.00 24.14 ? 19  ALA A CB  1 
ATOM   156  N  N   . ASP A 1 20  ? 6.215   7.633   11.485  1.00 23.22 ? 20  ASP A N   1 
ATOM   157  C  CA  . ASP A 1 20  ? 6.066   6.360   12.173  1.00 22.43 ? 20  ASP A CA  1 
ATOM   158  C  C   . ASP A 1 20  ? 5.715   5.285   11.164  1.00 21.50 ? 20  ASP A C   1 
ATOM   159  O  O   . ASP A 1 20  ? 4.571   4.813   11.103  1.00 21.48 ? 20  ASP A O   1 
ATOM   160  C  CB  . ASP A 1 20  ? 5.002   6.462   13.271  1.00 22.61 ? 20  ASP A CB  1 
ATOM   161  C  CG  . ASP A 1 20  ? 4.779   5.142   14.010  1.00 22.37 ? 20  ASP A CG  1 
ATOM   162  O  OD1 . ASP A 1 20  ? 5.599   4.204   13.901  1.00 21.50 ? 20  ASP A OD1 1 
ATOM   163  O  OD2 . ASP A 1 20  ? 3.741   5.026   14.673  1.00 23.16 ? 20  ASP A OD2 1 
ATOM   164  N  N   . VAL A 1 21  ? 6.716   4.881   10.394  1.00 21.01 ? 21  VAL A N   1 
ATOM   165  C  CA  . VAL A 1 21  ? 6.506   3.945   9.291   1.00 21.01 ? 21  VAL A CA  1 
ATOM   166  C  C   . VAL A 1 21  ? 5.966   2.637   9.864   1.00 21.04 ? 21  VAL A C   1 
ATOM   167  O  O   . VAL A 1 21  ? 5.005   2.066   9.353   1.00 19.92 ? 21  VAL A O   1 
ATOM   168  C  CB  . VAL A 1 21  ? 7.798   3.624   8.499   1.00 21.27 ? 21  VAL A CB  1 
ATOM   169  C  CG1 . VAL A 1 21  ? 7.483   2.714   7.313   1.00 21.48 ? 21  VAL A CG1 1 
ATOM   170  C  CG2 . VAL A 1 21  ? 8.487   4.889   7.994   1.00 21.84 ? 21  VAL A CG2 1 
ATOM   171  N  N   . ALA A 1 22  ? 6.562   2.183   10.961  1.00 20.96 ? 22  ALA A N   1 
ATOM   172  C  CA  . ALA A 1 22  ? 6.227   0.864   11.475  1.00 20.60 ? 22  ALA A CA  1 
ATOM   173  C  C   . ALA A 1 22  ? 4.813   0.808   12.081  1.00 20.27 ? 22  ALA A C   1 
ATOM   174  O  O   . ALA A 1 22  ? 4.095   -0.167  11.849  1.00 20.95 ? 22  ALA A O   1 
ATOM   175  C  CB  . ALA A 1 22  ? 7.301   0.379   12.447  1.00 20.86 ? 22  ALA A CB  1 
ATOM   176  N  N   . GLY A 1 23  ? 4.402   1.859   12.800  1.00 19.32 ? 23  GLY A N   1 
ATOM   177  C  CA  . GLY A 1 23  ? 3.032   2.007   13.311  1.00 18.35 ? 23  GLY A CA  1 
ATOM   178  C  C   . GLY A 1 23  ? 1.995   2.058   12.197  1.00 17.97 ? 23  GLY A C   1 
ATOM   179  O  O   . GLY A 1 23  ? 0.958   1.379   12.250  1.00 16.51 ? 23  GLY A O   1 
ATOM   180  N  N   . HIS A 1 24  ? 2.288   2.839   11.168  1.00 17.11 ? 24  HIS A N   1 
ATOM   181  C  CA  . HIS A 1 24  ? 1.432   2.848   9.999   1.00 17.09 ? 24  HIS A CA  1 
ATOM   182  C  C   . HIS A 1 24  ? 1.330   1.499   9.315   1.00 15.93 ? 24  HIS A C   1 
ATOM   183  O  O   . HIS A 1 24  ? 0.232   1.077   8.990   1.00 15.09 ? 24  HIS A O   1 
ATOM   184  C  CB  . HIS A 1 24  ? 1.905   3.886   9.013   1.00 17.62 ? 24  HIS A CB  1 
ATOM   185  C  CG  . HIS A 1 24  ? 1.588   5.271   9.448   1.00 18.76 ? 24  HIS A CG  1 
ATOM   186  N  ND1 . HIS A 1 24  ? 2.420   6.005   10.265  1.00 19.39 ? 24  HIS A ND1 1 
ATOM   187  C  CD2 . HIS A 1 24  ? 0.512   6.050   9.203   1.00 19.42 ? 24  HIS A CD2 1 
ATOM   188  C  CE1 . HIS A 1 24  ? 1.890   7.194   10.474  1.00 19.54 ? 24  HIS A CE1 1 
ATOM   189  N  NE2 . HIS A 1 24  ? 0.727   7.240   9.849   1.00 20.06 ? 24  HIS A NE2 1 
ATOM   190  N  N   . GLY A 1 25  ? 2.468   0.842   9.098   1.00 15.31 ? 25  GLY A N   1 
ATOM   191  C  CA  . GLY A 1 25  ? 2.518   -0.456  8.408   1.00 15.33 ? 25  GLY A CA  1 
ATOM   192  C  C   . GLY A 1 25  ? 1.711   -1.525  9.117   1.00 14.96 ? 25  GLY A C   1 
ATOM   193  O  O   . GLY A 1 25  ? 0.993   -2.317  8.482   1.00 14.21 ? 25  GLY A O   1 
ATOM   194  N  N   . GLN A 1 26  ? 1.825   -1.517  10.444  1.00 15.59 ? 26  GLN A N   1 
ATOM   195  C  CA  . GLN A 1 26  ? 1.014   -2.367  11.311  1.00 16.04 ? 26  GLN A CA  1 
ATOM   196  C  C   . GLN A 1 26  ? -0.464  -2.169  11.123  1.00 15.09 ? 26  GLN A C   1 
ATOM   197  O  O   . GLN A 1 26  ? -1.195  -3.129  10.909  1.00 14.52 ? 26  GLN A O   1 
ATOM   198  C  CB  . GLN A 1 26  ? 1.298   -2.088  12.784  1.00 17.59 ? 26  GLN A CB  1 
ATOM   199  C  CG  . GLN A 1 26  ? 2.329   -2.987  13.394  1.00 18.75 ? 26  GLN A CG  1 
ATOM   200  C  CD  . GLN A 1 26  ? 2.451   -2.696  14.862  1.00 19.82 ? 26  GLN A CD  1 
ATOM   201  O  OE1 . GLN A 1 26  ? 2.578   -1.538  15.248  1.00 21.64 ? 26  GLN A OE1 1 
ATOM   202  N  NE2 . GLN A 1 26  ? 2.364   -3.726  15.692  1.00 20.14 ? 26  GLN A NE2 1 
ATOM   203  N  N   . ASP A 1 27  ? -0.892  -0.921  11.253  1.00 14.07 ? 27  ASP A N   1 
ATOM   204  C  CA  . ASP A 1 27  ? -2.298  -0.594  11.221  1.00 13.82 ? 27  ASP A CA  1 
ATOM   205  C  C   . ASP A 1 27  ? -2.886  -0.963  9.867   1.00 12.44 ? 27  ASP A C   1 
ATOM   206  O  O   . ASP A 1 27  ? -4.009  -1.454  9.801   1.00 11.86 ? 27  ASP A O   1 
ATOM   207  C  CB  . ASP A 1 27  ? -2.516  0.915   11.447  1.00 14.64 ? 27  ASP A CB  1 
ATOM   208  C  CG  . ASP A 1 27  ? -2.256  1.367   12.887  1.00 15.74 ? 27  ASP A CG  1 
ATOM   209  O  OD1 . ASP A 1 27  ? -2.170  0.528   13.804  1.00 16.03 ? 27  ASP A OD1 1 
ATOM   210  O  OD2 . ASP A 1 27  ? -2.158  2.603   13.094  1.00 17.24 ? 27  ASP A OD2 1 
ATOM   211  N  N   . ILE A 1 28  ? -2.129  -0.660  8.802   1.00 11.54 ? 28  ILE A N   1 
ATOM   212  C  CA  . ILE A 1 28  ? -2.536  -0.910  7.398   1.00 10.83 ? 28  ILE A CA  1 
ATOM   213  C  C   . ILE A 1 28  ? -2.671  -2.412  7.125   1.00 10.39 ? 28  ILE A C   1 
ATOM   214  O  O   . ILE A 1 28  ? -3.714  -2.859  6.653   1.00 9.94  ? 28  ILE A O   1 
ATOM   215  C  CB  . ILE A 1 28  ? -1.587  -0.217  6.386   1.00 10.71 ? 28  ILE A CB  1 
ATOM   216  C  CG1 . ILE A 1 28  ? -1.800  1.303   6.457   1.00 10.83 ? 28  ILE A CG1 1 
ATOM   217  C  CG2 . ILE A 1 28  ? -1.782  -0.752  4.954   1.00 10.68 ? 28  ILE A CG2 1 
ATOM   218  C  CD1 . ILE A 1 28  ? -0.710  2.142   5.828   1.00 10.84 ? 28  ILE A CD1 1 
ATOM   219  N  N   . LEU A 1 29  ? -1.657  -3.198  7.471   1.00 10.29 ? 29  LEU A N   1 
ATOM   220  C  CA  . LEU A 1 29  ? -1.744  -4.650  7.302   1.00 10.32 ? 29  LEU A CA  1 
ATOM   221  C  C   . LEU A 1 29  ? -2.827  -5.318  8.154   1.00 10.36 ? 29  LEU A C   1 
ATOM   222  O  O   . LEU A 1 29  ? -3.549  -6.172  7.660   1.00 10.10 ? 29  LEU A O   1 
ATOM   223  C  CB  . LEU A 1 29  ? -0.396  -5.302  7.543   1.00 10.40 ? 29  LEU A CB  1 
ATOM   224  C  CG  . LEU A 1 29  ? 0.712   -4.977  6.539   1.00 10.42 ? 29  LEU A CG  1 
ATOM   225  C  CD1 . LEU A 1 29  ? 1.940   -5.756  6.961   1.00 10.55 ? 29  LEU A CD1 1 
ATOM   226  C  CD2 . LEU A 1 29  ? 0.376   -5.307  5.098   1.00 10.50 ? 29  LEU A CD2 1 
ATOM   227  N  N   . ILE A 1 30  ? -2.982  -4.908  9.402   1.00 10.72 ? 30  ILE A N   1 
ATOM   228  C  CA  . ILE A 1 30  ? -4.051  -5.478  10.205  1.00 11.21 ? 30  ILE A CA  1 
ATOM   229  C  C   . ILE A 1 30  ? -5.410  -5.138  9.612   1.00 11.71 ? 30  ILE A C   1 
ATOM   230  O  O   . ILE A 1 30  ? -6.295  -5.985  9.571   1.00 11.42 ? 30  ILE A O   1 
ATOM   231  C  CB  . ILE A 1 30  ? -3.965  -5.016  11.649  1.00 11.43 ? 30  ILE A CB  1 
ATOM   232  C  CG1 . ILE A 1 30  ? -2.757  -5.685  12.280  1.00 11.49 ? 30  ILE A CG1 1 
ATOM   233  C  CG2 . ILE A 1 30  ? -5.228  -5.383  12.424  1.00 11.64 ? 30  ILE A CG2 1 
ATOM   234  C  CD1 . ILE A 1 30  ? -2.328  -5.047  13.577  1.00 11.54 ? 30  ILE A CD1 1 
ATOM   235  N  N   . ARG A 1 31  ? -5.560  -3.900  9.169   1.00 12.36 ? 31  ARG A N   1 
ATOM   236  C  CA  . ARG A 1 31  ? -6.779  -3.459  8.492   1.00 13.48 ? 31  ARG A CA  1 
ATOM   237  C  C   . ARG A 1 31  ? -7.065  -4.326  7.258   1.00 12.43 ? 31  ARG A C   1 
ATOM   238  O  O   . ARG A 1 31  ? -8.189  -4.820  7.065   1.00 12.24 ? 31  ARG A O   1 
ATOM   239  C  CB  . ARG A 1 31  ? -6.645  -1.966  8.149   1.00 15.22 ? 31  ARG A CB  1 
ATOM   240  C  CG  . ARG A 1 31  ? -7.603  -1.428  7.116   1.00 17.19 ? 31  ARG A CG  1 
ATOM   241  C  CD  . ARG A 1 31  ? -9.043  -1.723  7.403   1.00 19.36 ? 31  ARG A CD  1 
ATOM   242  N  NE  . ARG A 1 31  ? -9.576  -1.034  8.564   1.00 22.35 ? 31  ARG A NE  1 
ATOM   243  C  CZ  . ARG A 1 31  ? -10.849 -0.668  8.683   1.00 24.89 ? 31  ARG A CZ  1 
ATOM   244  N  NH1 . ARG A 1 31  ? -11.717 -0.877  7.694   1.00 26.29 ? 31  ARG A NH1 1 
ATOM   245  N  NH2 . ARG A 1 31  ? -11.262 -0.064  9.789   1.00 26.84 ? 31  ARG A NH2 1 
ATOM   246  N  N   . LEU A 1 32  ? -6.032  -4.543  6.455   1.00 11.54 ? 32  LEU A N   1 
ATOM   247  C  CA  . LEU A 1 32  ? -6.144  -5.359  5.255   1.00 11.18 ? 32  LEU A CA  1 
ATOM   248  C  C   . LEU A 1 32  ? -6.587  -6.800  5.587   1.00 11.05 ? 32  LEU A C   1 
ATOM   249  O  O   . LEU A 1 32  ? -7.551  -7.322  5.004   1.00 10.47 ? 32  LEU A O   1 
ATOM   250  C  CB  . LEU A 1 32  ? -4.798  -5.373  4.525   1.00 11.06 ? 32  LEU A CB  1 
ATOM   251  C  CG  . LEU A 1 32  ? -4.762  -6.210  3.247   1.00 11.14 ? 32  LEU A CG  1 
ATOM   252  C  CD1 . LEU A 1 32  ? -5.738  -5.693  2.202   1.00 11.18 ? 32  LEU A CD1 1 
ATOM   253  C  CD2 . LEU A 1 32  ? -3.350  -6.287  2.693   1.00 11.23 ? 32  LEU A CD2 1 
ATOM   254  N  N   . PHE A 1 33  ? -5.865  -7.408  6.527   1.00 11.00 ? 33  PHE A N   1 
ATOM   255  C  CA  . PHE A 1 33  ? -6.061  -8.803  6.907   1.00 11.49 ? 33  PHE A CA  1 
ATOM   256  C  C   . PHE A 1 33  ? -7.413  -9.025  7.566   1.00 12.13 ? 33  PHE A C   1 
ATOM   257  O  O   . PHE A 1 33  ? -8.030  -10.055 7.366   1.00 12.14 ? 33  PHE A O   1 
ATOM   258  C  CB  . PHE A 1 33  ? -4.946  -9.261  7.844   1.00 11.43 ? 33  PHE A CB  1 
ATOM   259  C  CG  . PHE A 1 33  ? -3.597  -9.329  7.205   1.00 11.46 ? 33  PHE A CG  1 
ATOM   260  C  CD1 . PHE A 1 33  ? -3.438  -9.497  5.825   1.00 11.48 ? 33  PHE A CD1 1 
ATOM   261  C  CD2 . PHE A 1 33  ? -2.474  -9.254  7.996   1.00 11.56 ? 33  PHE A CD2 1 
ATOM   262  C  CE1 . PHE A 1 33  ? -2.180  -9.570  5.267   1.00 11.62 ? 33  PHE A CE1 1 
ATOM   263  C  CE2 . PHE A 1 33  ? -1.212  -9.357  7.444   1.00 11.41 ? 33  PHE A CE2 1 
ATOM   264  C  CZ  . PHE A 1 33  ? -1.064  -9.500  6.077   1.00 11.59 ? 33  PHE A CZ  1 
ATOM   265  N  N   . LYS A 1 34  ? -7.889  -8.050  8.327   1.00 12.99 ? 34  LYS A N   1 
ATOM   266  C  CA  . LYS A 1 34  ? -9.210  -8.164  8.963   1.00 13.95 ? 34  LYS A CA  1 
ATOM   267  C  C   . LYS A 1 34  ? -10.392 -7.928  8.006   1.00 13.75 ? 34  LYS A C   1 
ATOM   268  O  O   . LYS A 1 34  ? -11.414 -8.645  8.052   1.00 13.42 ? 34  LYS A O   1 
ATOM   269  C  CB  . LYS A 1 34  ? -9.329  -7.175  10.101  1.00 15.26 ? 34  LYS A CB  1 
ATOM   270  C  CG  . LYS A 1 34  ? -8.555  -7.510  11.357  1.00 16.47 ? 34  LYS A CG  1 
ATOM   271  C  CD  . LYS A 1 34  ? -9.140  -6.739  12.541  1.00 18.22 ? 34  LYS A CD  1 
ATOM   272  C  CE  . LYS A 1 34  ? -9.579  -5.313  12.181  1.00 19.24 ? 34  LYS A CE  1 
ATOM   273  N  NZ  . LYS A 1 34  ? -9.986  -4.505  13.362  1.00 19.98 ? 34  LYS A NZ  1 
ATOM   274  N  N   . SER A 1 35  ? -10.249 -6.909  7.156   1.00 13.39 ? 35  SER A N   1 
ATOM   275  C  CA  . SER A 1 35  ? -11.258 -6.593  6.146   1.00 13.45 ? 35  SER A CA  1 
ATOM   276  C  C   . SER A 1 35  ? -11.392 -7.614  5.039   1.00 12.97 ? 35  SER A C   1 
ATOM   277  O  O   . SER A 1 35  ? -12.503 -7.821  4.527   1.00 12.77 ? 35  SER A O   1 
ATOM   278  C  CB  . SER A 1 35  ? -10.977 -5.230  5.532   1.00 13.59 ? 35  SER A CB  1 
ATOM   279  O  OG  . SER A 1 35  ? -10.984 -4.294  6.575   1.00 14.53 ? 35  SER A OG  1 
ATOM   280  N  N   . HIS A 1 36  ? -10.262 -8.235  4.678   1.00 12.56 ? 36  HIS A N   1 
ATOM   281  C  CA  . HIS A 1 36  ? -10.153 -9.112  3.523   1.00 12.36 ? 36  HIS A CA  1 
ATOM   282  C  C   . HIS A 1 36  ? -9.275  -10.309 3.928   1.00 12.25 ? 36  HIS A C   1 
ATOM   283  O  O   . HIS A 1 36  ? -8.099  -10.356 3.600   1.00 11.83 ? 36  HIS A O   1 
ATOM   284  C  CB  . HIS A 1 36  ? -9.586  -8.317  2.326   1.00 12.48 ? 36  HIS A CB  1 
ATOM   285  C  CG  . HIS A 1 36  ? -10.390 -7.089  1.983   1.00 12.76 ? 36  HIS A CG  1 
ATOM   286  N  ND1 . HIS A 1 36  ? -11.539 -7.133  1.222   1.00 13.06 ? 36  HIS A ND1 1 
ATOM   287  C  CD2 . HIS A 1 36  ? -10.219 -5.786  2.317   1.00 13.02 ? 36  HIS A CD2 1 
ATOM   288  C  CE1 . HIS A 1 36  ? -12.050 -5.918  1.119   1.00 13.09 ? 36  HIS A CE1 1 
ATOM   289  N  NE2 . HIS A 1 36  ? -11.263 -5.081  1.766   1.00 13.14 ? 36  HIS A NE2 1 
ATOM   290  N  N   . PRO A 1 37  ? -9.859  -11.268 4.679   1.00 12.39 ? 37  PRO A N   1 
ATOM   291  C  CA  . PRO A 1 37  ? -9.115  -12.421 5.199   1.00 12.35 ? 37  PRO A CA  1 
ATOM   292  C  C   . PRO A 1 37  ? -8.424  -13.270 4.148   1.00 12.46 ? 37  PRO A C   1 
ATOM   293  O  O   . PRO A 1 37  ? -7.421  -13.909 4.451   1.00 12.88 ? 37  PRO A O   1 
ATOM   294  C  CB  . PRO A 1 37  ? -10.193 -13.217 5.941   1.00 12.32 ? 37  PRO A CB  1 
ATOM   295  C  CG  . PRO A 1 37  ? -11.160 -12.169 6.386   1.00 12.39 ? 37  PRO A CG  1 
ATOM   296  C  CD  . PRO A 1 37  ? -11.236 -11.248 5.209   1.00 12.33 ? 37  PRO A CD  1 
ATOM   297  N  N   . GLU A 1 38  ? -8.941  -13.264 2.928   1.00 12.57 ? 38  GLU A N   1 
ATOM   298  C  CA  . GLU A 1 38  ? -8.289  -13.964 1.831   1.00 12.99 ? 38  GLU A CA  1 
ATOM   299  C  C   . GLU A 1 38  ? -6.874  -13.457 1.580   1.00 13.08 ? 38  GLU A C   1 
ATOM   300  O  O   . GLU A 1 38  ? -6.010  -14.213 1.128   1.00 13.44 ? 38  GLU A O   1 
ATOM   301  C  CB  . GLU A 1 38  ? -9.126  -13.861 0.554   1.00 12.94 ? 38  GLU A CB  1 
ATOM   302  C  CG  . GLU A 1 38  ? -9.214  -12.486 -0.097  1.00 13.16 ? 38  GLU A CG  1 
ATOM   303  C  CD  . GLU A 1 38  ? -10.337 -11.609 0.412   1.00 12.95 ? 38  GLU A CD  1 
ATOM   304  O  OE1 . GLU A 1 38  ? -10.609 -11.573 1.629   1.00 13.00 ? 38  GLU A OE1 1 
ATOM   305  O  OE2 . GLU A 1 38  ? -10.960 -10.935 -0.437  1.00 13.33 ? 38  GLU A OE2 1 
ATOM   306  N  N   . THR A 1 39  ? -6.647  -12.175 1.859   1.00 12.95 ? 39  THR A N   1 
ATOM   307  C  CA  . THR A 1 39  ? -5.306  -11.594 1.692   1.00 12.74 ? 39  THR A CA  1 
ATOM   308  C  C   . THR A 1 39  ? -4.250  -12.225 2.607   1.00 13.23 ? 39  THR A C   1 
ATOM   309  O  O   . THR A 1 39  ? -3.112  -12.444 2.187   1.00 12.96 ? 39  THR A O   1 
ATOM   310  C  CB  . THR A 1 39  ? -5.275  -10.040 1.848   1.00 12.42 ? 39  THR A CB  1 
ATOM   311  O  OG1 . THR A 1 39  ? -5.620  -9.623  3.182   1.00 12.11 ? 39  THR A OG1 1 
ATOM   312  C  CG2 . THR A 1 39  ? -6.211  -9.370  0.848   1.00 12.33 ? 39  THR A CG2 1 
ATOM   313  N  N   . LEU A 1 40  ? -4.627  -12.477 3.852   1.00 13.78 ? 40  LEU A N   1 
ATOM   314  C  CA  . LEU A 1 40  ? -3.745  -13.087 4.804   1.00 14.57 ? 40  LEU A CA  1 
ATOM   315  C  C   . LEU A 1 40  ? -3.244  -14.446 4.302   1.00 16.09 ? 40  LEU A C   1 
ATOM   316  O  O   . LEU A 1 40  ? -2.072  -14.758 4.481   1.00 15.28 ? 40  LEU A O   1 
ATOM   317  C  CB  . LEU A 1 40  ? -4.452  -13.192 6.158   1.00 14.61 ? 40  LEU A CB  1 
ATOM   318  C  CG  . LEU A 1 40  ? -3.665  -13.790 7.312   1.00 14.59 ? 40  LEU A CG  1 
ATOM   319  C  CD1 . LEU A 1 40  ? -2.441  -12.939 7.616   1.00 14.44 ? 40  LEU A CD1 1 
ATOM   320  C  CD2 . LEU A 1 40  ? -4.557  -13.935 8.541   1.00 14.55 ? 40  LEU A CD2 1 
ATOM   321  N  N   . GLU A 1 41  ? -4.096  -15.220 3.621   1.00 17.90 ? 41  GLU A N   1 
ATOM   322  C  CA  . GLU A 1 41  ? -3.669  -16.522 3.097   1.00 20.07 ? 41  GLU A CA  1 
ATOM   323  C  C   . GLU A 1 41  ? -2.525  -16.518 2.109   1.00 20.04 ? 41  GLU A C   1 
ATOM   324  O  O   . GLU A 1 41  ? -1.854  -17.534 1.972   1.00 20.21 ? 41  GLU A O   1 
ATOM   325  C  CB  . GLU A 1 41  ? -4.833  -17.301 2.482   1.00 22.42 ? 41  GLU A CB  1 
ATOM   326  C  CG  . GLU A 1 41  ? -5.843  -17.776 3.505   1.00 24.75 ? 41  GLU A CG  1 
ATOM   327  C  CD  . GLU A 1 41  ? -5.239  -18.490 4.712   1.00 26.47 ? 41  GLU A CD  1 
ATOM   328  O  OE1 . GLU A 1 41  ? -4.772  -19.641 4.567   1.00 29.45 ? 41  GLU A OE1 1 
ATOM   329  O  OE2 . GLU A 1 41  ? -5.254  -17.901 5.822   1.00 29.16 ? 41  GLU A OE2 1 
ATOM   330  N  N   . LYS A 1 42  ? -2.276  -15.395 1.442   1.00 19.72 ? 42  LYS A N   1 
ATOM   331  C  CA  . LYS A 1 42  ? -1.148  -15.321 0.522   1.00 20.07 ? 42  LYS A CA  1 
ATOM   332  C  C   . LYS A 1 42  ? 0.200   -15.249 1.211   1.00 19.86 ? 42  LYS A C   1 
ATOM   333  O  O   . LYS A 1 42  ? 1.216   -15.400 0.537   1.00 20.37 ? 42  LYS A O   1 
ATOM   334  C  CB  . LYS A 1 42  ? -1.283  -14.126 -0.414  1.00 20.37 ? 42  LYS A CB  1 
ATOM   335  C  CG  . LYS A 1 42  ? -2.446  -14.243 -1.368  1.00 20.96 ? 42  LYS A CG  1 
ATOM   336  C  CD  . LYS A 1 42  ? -2.153  -15.225 -2.480  1.00 21.39 ? 42  LYS A CD  1 
ATOM   337  C  CE  . LYS A 1 42  ? -3.382  -15.429 -3.333  1.00 21.62 ? 42  LYS A CE  1 
ATOM   338  N  NZ  . LYS A 1 42  ? -2.985  -16.124 -4.585  1.00 21.69 ? 42  LYS A NZ  1 
ATOM   339  N  N   . PHE A 1 43  ? 0.213   -14.988 2.525   1.00 19.63 ? 43  PHE A N   1 
ATOM   340  C  CA  . PHE A 1 43  ? 1.443   -14.877 3.314   1.00 19.15 ? 43  PHE A CA  1 
ATOM   341  C  C   . PHE A 1 43  ? 1.571   -16.113 4.178   1.00 19.64 ? 43  PHE A C   1 
ATOM   342  O  O   . PHE A 1 43  ? 0.958   -16.178 5.247   1.00 18.88 ? 43  PHE A O   1 
ATOM   343  C  CB  . PHE A 1 43  ? 1.395   -13.683 4.276   1.00 18.70 ? 43  PHE A CB  1 
ATOM   344  C  CG  . PHE A 1 43  ? 1.403   -12.341 3.611   1.00 18.10 ? 43  PHE A CG  1 
ATOM   345  C  CD1 . PHE A 1 43  ? 0.206   -11.722 3.257   1.00 17.98 ? 43  PHE A CD1 1 
ATOM   346  C  CD2 . PHE A 1 43  ? 2.598   -11.661 3.395   1.00 18.17 ? 43  PHE A CD2 1 
ATOM   347  C  CE1 . PHE A 1 43  ? 0.203   -10.469 2.671   1.00 17.64 ? 43  PHE A CE1 1 
ATOM   348  C  CE2 . PHE A 1 43  ? 2.602   -10.406 2.804   1.00 17.56 ? 43  PHE A CE2 1 
ATOM   349  C  CZ  . PHE A 1 43  ? 1.407   -9.809  2.451   1.00 17.79 ? 43  PHE A CZ  1 
ATOM   350  N  N   . ASP A 1 44  ? 2.380   -17.069 3.726   1.00 20.18 ? 44  ASP A N   1 
ATOM   351  C  CA  . ASP A 1 44  ? 2.716   -18.261 4.502   1.00 21.25 ? 44  ASP A CA  1 
ATOM   352  C  C   . ASP A 1 44  ? 3.228   -17.838 5.855   1.00 20.55 ? 44  ASP A C   1 
ATOM   353  O  O   . ASP A 1 44  ? 2.876   -18.419 6.877   1.00 21.35 ? 44  ASP A O   1 
ATOM   354  C  CB  . ASP A 1 44  ? 3.818   -19.106 3.810   1.00 22.42 ? 44  ASP A CB  1 
ATOM   355  C  CG  . ASP A 1 44  ? 3.297   -19.988 2.646   1.00 23.77 ? 44  ASP A CG  1 
ATOM   356  O  OD1 . ASP A 1 44  ? 2.095   -20.350 2.597   1.00 24.69 ? 44  ASP A OD1 1 
ATOM   357  O  OD2 . ASP A 1 44  ? 4.124   -20.344 1.772   1.00 25.30 ? 44  ASP A OD2 1 
ATOM   358  N  N   . ARG A 1 45  ? 4.050   -16.801 5.850   1.00 19.69 ? 45  ARG A N   1 
ATOM   359  C  CA  . ARG A 1 45  ? 4.635   -16.320 7.084   1.00 19.68 ? 45  ARG A CA  1 
ATOM   360  C  C   . ARG A 1 45  ? 3.637   -15.715 8.085   1.00 18.65 ? 45  ARG A C   1 
ATOM   361  O  O   . ARG A 1 45  ? 3.983   -15.568 9.242   1.00 19.09 ? 45  ARG A O   1 
ATOM   362  C  CB  . ARG A 1 45  ? 5.775   -15.335 6.796   1.00 20.30 ? 45  ARG A CB  1 
ATOM   363  C  CG  . ARG A 1 45  ? 5.347   -13.972 6.286   1.00 21.43 ? 45  ARG A CG  1 
ATOM   364  C  CD  . ARG A 1 45  ? 6.519   -13.018 6.251   1.00 22.82 ? 45  ARG A CD  1 
ATOM   365  N  NE  . ARG A 1 45  ? 7.665   -13.558 5.520   1.00 24.38 ? 45  ARG A NE  1 
ATOM   366  C  CZ  . ARG A 1 45  ? 8.906   -13.741 5.988   1.00 25.71 ? 45  ARG A CZ  1 
ATOM   367  N  NH1 . ARG A 1 45  ? 9.260   -13.439 7.243   1.00 26.10 ? 45  ARG A NH1 1 
ATOM   368  N  NH2 . ARG A 1 45  ? 9.829   -14.239 5.167   1.00 26.74 ? 45  ARG A NH2 1 
ATOM   369  N  N   . PHE A 1 46  ? 2.432   -15.345 7.658   1.00 17.80 ? 46  PHE A N   1 
ATOM   370  C  CA  . PHE A 1 46  ? 1.468   -14.739 8.567   1.00 17.96 ? 46  PHE A CA  1 
ATOM   371  C  C   . PHE A 1 46  ? 0.227   -15.546 8.796   1.00 18.50 ? 46  PHE A C   1 
ATOM   372  O  O   . PHE A 1 46  ? -0.590  -15.165 9.621   1.00 17.69 ? 46  PHE A O   1 
ATOM   373  C  CB  . PHE A 1 46  ? 1.076   -13.364 8.050   1.00 17.67 ? 46  PHE A CB  1 
ATOM   374  C  CG  . PHE A 1 46  ? 2.229   -12.421 7.957   1.00 17.38 ? 46  PHE A CG  1 
ATOM   375  C  CD1 . PHE A 1 46  ? 3.149   -12.321 8.989   1.00 17.22 ? 46  PHE A CD1 1 
ATOM   376  C  CD2 . PHE A 1 46  ? 2.410   -11.630 6.830   1.00 17.47 ? 46  PHE A CD2 1 
ATOM   377  C  CE1 . PHE A 1 46  ? 4.211   -11.440 8.902   1.00 17.31 ? 46  PHE A CE1 1 
ATOM   378  C  CE2 . PHE A 1 46  ? 3.481   -10.758 6.727   1.00 17.38 ? 46  PHE A CE2 1 
ATOM   379  C  CZ  . PHE A 1 46  ? 4.390   -10.670 7.759   1.00 17.39 ? 46  PHE A CZ  1 
ATOM   380  N  N   . LYS A 1 47  ? 0.084   -16.666 8.103   1.00 19.39 ? 47  LYS A N   1 
ATOM   381  C  CA  . LYS A 1 47  ? -1.129  -17.480 8.223   1.00 20.32 ? 47  LYS A CA  1 
ATOM   382  C  C   . LYS A 1 47  ? -1.468  -18.026 9.602   1.00 19.49 ? 47  LYS A C   1 
ATOM   383  O  O   . LYS A 1 47  ? -2.620  -18.365 9.864   1.00 19.89 ? 47  LYS A O   1 
ATOM   384  C  CB  . LYS A 1 47  ? -1.060  -18.655 7.258   1.00 21.94 ? 47  LYS A CB  1 
ATOM   385  C  CG  . LYS A 1 47  ? -1.256  -18.230 5.826   1.00 22.86 ? 47  LYS A CG  1 
ATOM   386  C  CD  . LYS A 1 47  ? -1.733  -19.360 4.932   1.00 24.26 ? 47  LYS A CD  1 
ATOM   387  C  CE  . LYS A 1 47  ? -0.577  -20.200 4.441   1.00 25.11 ? 47  LYS A CE  1 
ATOM   388  N  NZ  . LYS A 1 47  ? 0.186   -20.826 5.558   1.00 25.60 ? 47  LYS A NZ  1 
ATOM   389  N  N   . HIS A 1 48  ? -0.474  -18.152 10.469  1.00 18.12 ? 48  HIS A N   1 
ATOM   390  C  CA  . HIS A 1 48  ? -0.721  -18.555 11.845  1.00 17.63 ? 48  HIS A CA  1 
ATOM   391  C  C   . HIS A 1 48  ? -1.403  -17.483 12.720  1.00 17.31 ? 48  HIS A C   1 
ATOM   392  O  O   . HIS A 1 48  ? -1.802  -17.780 13.842  1.00 17.26 ? 48  HIS A O   1 
ATOM   393  C  CB  . HIS A 1 48  ? 0.586   -18.980 12.508  1.00 17.34 ? 48  HIS A CB  1 
ATOM   394  C  CG  . HIS A 1 48  ? 1.532   -17.852 12.757  1.00 16.94 ? 48  HIS A CG  1 
ATOM   395  N  ND1 . HIS A 1 48  ? 2.318   -17.311 11.763  1.00 16.61 ? 48  HIS A ND1 1 
ATOM   396  C  CD2 . HIS A 1 48  ? 1.806   -17.147 13.880  1.00 16.81 ? 48  HIS A CD2 1 
ATOM   397  C  CE1 . HIS A 1 48  ? 3.052   -16.338 12.270  1.00 16.55 ? 48  HIS A CE1 1 
ATOM   398  N  NE2 . HIS A 1 48  ? 2.759   -16.217 13.551  1.00 16.40 ? 48  HIS A NE2 1 
ATOM   399  N  N   . LEU A 1 49  ? -1.496  -16.244 12.248  1.00 16.72 ? 49  LEU A N   1 
ATOM   400  C  CA  . LEU A 1 49  ? -2.068  -15.179 13.063  1.00 16.85 ? 49  LEU A CA  1 
ATOM   401  C  C   . LEU A 1 49  ? -3.586  -15.253 12.950  1.00 17.42 ? 49  LEU A C   1 
ATOM   402  O  O   . LEU A 1 49  ? -4.137  -15.188 11.865  1.00 16.94 ? 49  LEU A O   1 
ATOM   403  C  CB  . LEU A 1 49  ? -1.546  -13.827 12.613  1.00 16.36 ? 49  LEU A CB  1 
ATOM   404  C  CG  . LEU A 1 49  ? -0.027  -13.714 12.669  1.00 16.26 ? 49  LEU A CG  1 
ATOM   405  C  CD1 . LEU A 1 49  ? 0.443   -12.495 11.893  1.00 16.43 ? 49  LEU A CD1 1 
ATOM   406  C  CD2 . LEU A 1 49  ? 0.465   -13.689 14.111  1.00 16.18 ? 49  LEU A CD2 1 
ATOM   407  N  N   . LYS A 1 50  ? -4.261  -15.485 14.060  1.00 18.50 ? 50  LYS A N   1 
ATOM   408  C  CA  . LYS A 1 50  ? -5.721  -15.596 14.026  1.00 19.46 ? 50  LYS A CA  1 
ATOM   409  C  C   . LYS A 1 50  ? -6.343  -14.257 14.463  1.00 18.28 ? 50  LYS A C   1 
ATOM   410  O  O   . LYS A 1 50  ? -7.178  -13.655 13.765  1.00 20.64 ? 50  LYS A O   1 
ATOM   411  C  CB  . LYS A 1 50  ? -6.184  -16.760 14.915  1.00 20.95 ? 50  LYS A CB  1 
ATOM   412  C  CG  . LYS A 1 50  ? -5.538  -18.118 14.639  1.00 22.28 ? 50  LYS A CG  1 
ATOM   413  C  CD  . LYS A 1 50  ? -5.606  -18.554 13.176  1.00 23.44 ? 50  LYS A CD  1 
ATOM   414  C  CE  . LYS A 1 50  ? -5.055  -19.966 13.010  1.00 24.58 ? 50  LYS A CE  1 
ATOM   415  N  NZ  . LYS A 1 50  ? -4.412  -20.177 11.682  1.00 25.04 ? 50  LYS A NZ  1 
ATOM   416  N  N   . THR A 1 51  ? -5.870  -13.751 15.579  1.00 15.54 ? 51  THR A N   1 
ATOM   417  C  CA  . THR A 1 51  ? -6.483  -12.608 16.204  1.00 14.14 ? 51  THR A CA  1 
ATOM   418  C  C   . THR A 1 51  ? -5.765  -11.325 15.896  1.00 13.20 ? 51  THR A C   1 
ATOM   419  O  O   . THR A 1 51  ? -4.570  -11.315 15.595  1.00 13.20 ? 51  THR A O   1 
ATOM   420  C  CB  . THR A 1 51  ? -6.486  -12.786 17.722  1.00 13.88 ? 51  THR A CB  1 
ATOM   421  O  OG1 . THR A 1 51  ? -5.169  -12.589 18.271  1.00 13.48 ? 51  THR A OG1 1 
ATOM   422  C  CG2 . THR A 1 51  ? -6.977  -14.174 18.054  1.00 14.11 ? 51  THR A CG2 1 
ATOM   423  N  N   . GLU A 1 52  ? -6.480  -10.226 16.082  1.00 12.15 ? 52  GLU A N   1 
ATOM   424  C  CA  . GLU A 1 52  ? -5.877  -8.930  15.994  1.00 11.69 ? 52  GLU A CA  1 
ATOM   425  C  C   . GLU A 1 52  ? -4.756  -8.755  17.013  1.00 11.38 ? 52  GLU A C   1 
ATOM   426  O  O   . GLU A 1 52  ? -3.727  -8.163  16.687  1.00 10.56 ? 52  GLU A O   1 
ATOM   427  C  CB  . GLU A 1 52  ? -6.915  -7.836  16.184  1.00 11.90 ? 52  GLU A CB  1 
ATOM   428  C  CG  . GLU A 1 52  ? -6.303  -6.467  16.031  1.00 12.10 ? 52  GLU A CG  1 
ATOM   429  C  CD  . GLU A 1 52  ? -7.310  -5.347  15.907  1.00 12.44 ? 52  GLU A CD  1 
ATOM   430  O  OE1 . GLU A 1 52  ? -8.520  -5.603  15.760  1.00 12.90 ? 52  GLU A OE1 1 
ATOM   431  O  OE2 . GLU A 1 52  ? -6.862  -4.189  15.965  1.00 13.04 ? 52  GLU A OE2 1 
ATOM   432  N  N   . ALA A 1 53  ? -4.969  -9.212  18.247  1.00 11.00 ? 53  ALA A N   1 
ATOM   433  C  CA  . ALA A 1 53  ? -3.896  -9.180  19.267  1.00 11.09 ? 53  ALA A CA  1 
ATOM   434  C  C   . ALA A 1 53  ? -2.619  -9.913  18.807  1.00 10.99 ? 53  ALA A C   1 
ATOM   435  O  O   . ALA A 1 53  ? -1.508  -9.395  18.967  1.00 11.11 ? 53  ALA A O   1 
ATOM   436  C  CB  . ALA A 1 53  ? -4.379  -9.750  20.586  1.00 11.20 ? 53  ALA A CB  1 
ATOM   437  N  N   . GLU A 1 54  ? -2.771  -11.097 18.220  1.00 10.86 ? 54  GLU A N   1 
ATOM   438  C  CA  . GLU A 1 54  ? -1.615  -11.802 17.644  1.00 10.94 ? 54  GLU A CA  1 
ATOM   439  C  C   . GLU A 1 54  ? -0.926  -10.988 16.563  1.00 10.37 ? 54  GLU A C   1 
ATOM   440  O  O   . GLU A 1 54  ? 0.284   -10.885 16.554  1.00 9.90  ? 54  GLU A O   1 
ATOM   441  C  CB  . GLU A 1 54  ? -2.017  -13.150 17.068  1.00 11.51 ? 54  GLU A CB  1 
ATOM   442  C  CG  . GLU A 1 54  ? -2.380  -14.153 18.153  1.00 12.34 ? 54  GLU A CG  1 
ATOM   443  C  CD  . GLU A 1 54  ? -3.092  -15.414 17.676  1.00 13.18 ? 54  GLU A CD  1 
ATOM   444  O  OE1 . GLU A 1 54  ? -3.306  -15.641 16.458  1.00 13.68 ? 54  GLU A OE1 1 
ATOM   445  O  OE2 . GLU A 1 54  ? -3.461  -16.221 18.557  1.00 14.45 ? 54  GLU A OE2 1 
ATOM   446  N  N   . MET A 1 55  ? -1.705  -10.392 15.669  1.00 10.04 ? 55  MET A N   1 
ATOM   447  C  CA  . MET A 1 55  ? -1.167  -9.562  14.595  1.00 10.08 ? 55  MET A CA  1 
ATOM   448  C  C   . MET A 1 55  ? -0.370  -8.393  15.134  1.00 10.41 ? 55  MET A C   1 
ATOM   449  O  O   . MET A 1 55  ? 0.723   -8.120  14.662  1.00 10.18 ? 55  MET A O   1 
ATOM   450  C  CB  . MET A 1 55  ? -2.296  -9.027  13.708  1.00 9.89  ? 55  MET A CB  1 
ATOM   451  C  CG  . MET A 1 55  ? -3.020  -10.120 12.949  1.00 9.91  ? 55  MET A CG  1 
ATOM   452  S  SD  . MET A 1 55  ? -4.301  -9.466  11.878  1.00 9.98  ? 55  MET A SD  1 
ATOM   453  C  CE  . MET A 1 55  ? -5.156  -10.975 11.437  1.00 10.24 ? 55  MET A CE  1 
ATOM   454  N  N   . LYS A 1 56  ? -0.932  -7.715  16.127  1.00 11.08 ? 56  LYS A N   1 
ATOM   455  C  CA  . LYS A 1 56  ? -0.295  -6.550  16.756  1.00 12.02 ? 56  LYS A CA  1 
ATOM   456  C  C   . LYS A 1 56  ? 1.011   -6.857  17.487  1.00 11.79 ? 56  LYS A C   1 
ATOM   457  O  O   . LYS A 1 56  ? 1.896   -5.998  17.579  1.00 12.30 ? 56  LYS A O   1 
ATOM   458  C  CB  . LYS A 1 56  ? -1.266  -5.869  17.737  1.00 12.83 ? 56  LYS A CB  1 
ATOM   459  C  CG  . LYS A 1 56  ? -1.862  -4.588  17.182  1.00 14.26 ? 56  LYS A CG  1 
ATOM   460  C  CD  . LYS A 1 56  ? -3.094  -4.120  17.952  1.00 15.31 ? 56  LYS A CD  1 
ATOM   461  C  CE  . LYS A 1 56  ? -3.666  -2.822  17.391  1.00 16.25 ? 56  LYS A CE  1 
ATOM   462  N  NZ  . LYS A 1 56  ? -4.714  -3.013  16.347  1.00 16.86 ? 56  LYS A NZ  1 
ATOM   463  N  N   . ALA A 1 57  ? 1.080   -8.062  18.028  1.00 11.64 ? 57  ALA A N   1 
ATOM   464  C  CA  . ALA A 1 57  ? 2.227   -8.575  18.758  1.00 11.70 ? 57  ALA A CA  1 
ATOM   465  C  C   . ALA A 1 57  ? 3.335   -9.113  17.840  1.00 11.57 ? 57  ALA A C   1 
ATOM   466  O  O   . ALA A 1 57  ? 4.437   -9.377  18.308  1.00 11.59 ? 57  ALA A O   1 
ATOM   467  C  CB  . ALA A 1 57  ? 1.751   -9.681  19.689  1.00 11.69 ? 57  ALA A CB  1 
ATOM   468  N  N   . SER A 1 58  ? 3.047   -9.295  16.549  1.00 11.22 ? 58  SER A N   1 
ATOM   469  C  CA  . SER A 1 58  ? 4.023   -9.892  15.628  1.00 11.31 ? 58  SER A CA  1 
ATOM   470  C  C   . SER A 1 58  ? 5.081   -8.892  15.166  1.00 11.82 ? 58  SER A C   1 
ATOM   471  O  O   . SER A 1 58  ? 4.802   -7.961  14.423  1.00 11.72 ? 58  SER A O   1 
ATOM   472  C  CB  . SER A 1 58  ? 3.350   -10.499 14.405  1.00 11.03 ? 58  SER A CB  1 
ATOM   473  O  OG  . SER A 1 58  ? 4.330   -10.936 13.473  1.00 10.45 ? 58  SER A OG  1 
ATOM   474  N  N   . GLU A 1 59  ? 6.315   -9.116  15.574  1.00 12.52 ? 59  GLU A N   1 
ATOM   475  C  CA  . GLU A 1 59  ? 7.404   -8.252  15.123  1.00 13.68 ? 59  GLU A CA  1 
ATOM   476  C  C   . GLU A 1 59  ? 7.673   -8.429  13.643  1.00 13.48 ? 59  GLU A C   1 
ATOM   477  O  O   . GLU A 1 59  ? 7.976   -7.468  12.937  1.00 13.40 ? 59  GLU A O   1 
ATOM   478  C  CB  . GLU A 1 59  ? 8.689   -8.523  15.907  1.00 14.77 ? 59  GLU A CB  1 
ATOM   479  C  CG  . GLU A 1 59  ? 8.693   -7.896  17.265  1.00 16.03 ? 59  GLU A CG  1 
ATOM   480  C  CD  . GLU A 1 59  ? 8.283   -6.433  17.229  1.00 16.79 ? 59  GLU A CD  1 
ATOM   481  O  OE1 . GLU A 1 59  ? 8.971   -5.629  16.572  1.00 17.66 ? 59  GLU A OE1 1 
ATOM   482  O  OE2 . GLU A 1 59  ? 7.239   -6.128  17.838  1.00 19.33 ? 59  GLU A OE2 1 
ATOM   483  N  N   . ASP A 1 60  ? 7.526   -9.652  13.161  1.00 13.64 ? 60  ASP A N   1 
ATOM   484  C  CA  . ASP A 1 60  ? 7.753   -9.905  11.762  1.00 14.17 ? 60  ASP A CA  1 
ATOM   485  C  C   . ASP A 1 60  ? 6.727   -9.218  10.866  1.00 14.06 ? 60  ASP A C   1 
ATOM   486  O  O   . ASP A 1 60  ? 7.039   -8.774  9.757   1.00 13.78 ? 60  ASP A O   1 
ATOM   487  C  CB  . ASP A 1 60  ? 7.736   -11.386 11.485  1.00 14.79 ? 60  ASP A CB  1 
ATOM   488  C  CG  . ASP A 1 60  ? 8.326   -11.708 10.143  1.00 15.66 ? 60  ASP A CG  1 
ATOM   489  O  OD1 . ASP A 1 60  ? 9.408   -11.189 9.811   1.00 16.93 ? 60  ASP A OD1 1 
ATOM   490  O  OD2 . ASP A 1 60  ? 7.719   -12.470 9.400   1.00 16.18 ? 60  ASP A OD2 1 
ATOM   491  N  N   . LEU A 1 61  ? 5.497   -9.126  11.351  1.00 13.60 ? 61  LEU A N   1 
ATOM   492  C  CA  . LEU A 1 61  ? 4.462   -8.400  10.623  1.00 13.73 ? 61  LEU A CA  1 
ATOM   493  C  C   . LEU A 1 61  ? 4.826   -6.929  10.579  1.00 14.14 ? 61  LEU A C   1 
ATOM   494  O  O   . LEU A 1 61  ? 4.733   -6.289  9.539   1.00 14.02 ? 61  LEU A O   1 
ATOM   495  C  CB  . LEU A 1 61  ? 3.100   -8.599  11.284  1.00 13.50 ? 61  LEU A CB  1 
ATOM   496  C  CG  . LEU A 1 61  ? 1.868   -8.012  10.576  1.00 13.33 ? 61  LEU A CG  1 
ATOM   497  C  CD1 . LEU A 1 61  ? 0.631   -8.839  10.910  1.00 13.27 ? 61  LEU A CD1 1 
ATOM   498  C  CD2 . LEU A 1 61  ? 1.641   -6.548  10.927  1.00 13.62 ? 61  LEU A CD2 1 
ATOM   499  N  N   . LYS A 1 62  ? 5.250   -6.402  11.712  1.00 14.86 ? 62  LYS A N   1 
ATOM   500  C  CA  . LYS A 1 62  ? 5.641   -5.013  11.795  1.00 16.52 ? 62  LYS A CA  1 
ATOM   501  C  C   . LYS A 1 62  ? 6.790   -4.731  10.829  1.00 17.00 ? 62  LYS A C   1 
ATOM   502  O  O   . LYS A 1 62  ? 6.793   -3.710  10.140  1.00 16.53 ? 62  LYS A O   1 
ATOM   503  C  CB  . LYS A 1 62  ? 6.004   -4.683  13.247  1.00 17.49 ? 62  LYS A CB  1 
ATOM   504  C  CG  . LYS A 1 62  ? 6.545   -3.294  13.512  1.00 18.77 ? 62  LYS A CG  1 
ATOM   505  C  CD  . LYS A 1 62  ? 7.109   -3.167  14.920  1.00 19.90 ? 62  LYS A CD  1 
ATOM   506  C  CE  . LYS A 1 62  ? 6.056   -2.783  15.942  1.00 20.78 ? 62  LYS A CE  1 
ATOM   507  N  NZ  . LYS A 1 62  ? 6.643   -1.898  16.992  1.00 21.85 ? 62  LYS A NZ  1 
ATOM   508  N  N   . LYS A 1 63  ? 7.750   -5.647  10.773  1.00 17.91 ? 63  LYS A N   1 
ATOM   509  C  CA  . LYS A 1 63  ? 8.877   -5.522  9.853   1.00 19.35 ? 63  LYS A CA  1 
ATOM   510  C  C   . LYS A 1 63  ? 8.410   -5.426  8.401   1.00 19.60 ? 63  LYS A C   1 
ATOM   511  O  O   . LYS A 1 63  ? 8.922   -4.605  7.654   1.00 18.85 ? 63  LYS A O   1 
ATOM   512  C  CB  . LYS A 1 63  ? 9.845   -6.706  10.019  1.00 20.88 ? 63  LYS A CB  1 
ATOM   513  C  CG  . LYS A 1 63  ? 10.740  -6.989  8.816   1.00 22.40 ? 63  LYS A CG  1 
ATOM   514  C  CD  . LYS A 1 63  ? 11.573  -8.234  9.029   1.00 23.83 ? 63  LYS A CD  1 
ATOM   515  C  CE  . LYS A 1 63  ? 12.458  -8.072  10.241  1.00 24.54 ? 63  LYS A CE  1 
ATOM   516  N  NZ  . LYS A 1 63  ? 13.673  -8.906  10.092  1.00 25.45 ? 63  LYS A NZ  1 
ATOM   517  N  N   . HIS A 1 64  ? 7.460   -6.292  8.028   1.00 19.38 ? 64  HIS A N   1 
ATOM   518  C  CA  . HIS A 1 64  ? 6.870   -6.336  6.683   1.00 19.69 ? 64  HIS A CA  1 
ATOM   519  C  C   . HIS A 1 64  ? 6.064   -5.092  6.338   1.00 18.83 ? 64  HIS A C   1 
ATOM   520  O  O   . HIS A 1 64  ? 6.097   -4.663  5.180   1.00 18.14 ? 64  HIS A O   1 
ATOM   521  C  CB  . HIS A 1 64  ? 6.052   -7.612  6.483   1.00 20.87 ? 64  HIS A CB  1 
ATOM   522  C  CG  . HIS A 1 64  ? 6.914   -8.798  6.222   1.00 22.05 ? 64  HIS A CG  1 
ATOM   523  N  ND1 . HIS A 1 64  ? 7.699   -9.371  7.199   1.00 22.74 ? 64  HIS A ND1 1 
ATOM   524  C  CD2 . HIS A 1 64  ? 7.185   -9.467  5.078   1.00 23.39 ? 64  HIS A CD2 1 
ATOM   525  C  CE1 . HIS A 1 64  ? 8.388   -10.368 6.676   1.00 23.31 ? 64  HIS A CE1 1 
ATOM   526  N  NE2 . HIS A 1 64  ? 8.099   -10.446 5.388   1.00 23.25 ? 64  HIS A NE2 1 
ATOM   527  N  N   . GLY A 1 65  ? 5.415   -4.491  7.344   1.00 17.93 ? 65  GLY A N   1 
ATOM   528  C  CA  . GLY A 1 65  ? 4.722   -3.189  7.211   1.00 18.07 ? 65  GLY A CA  1 
ATOM   529  C  C   . GLY A 1 65  ? 5.731   -2.145  6.758   1.00 18.46 ? 65  GLY A C   1 
ATOM   530  O  O   . GLY A 1 65  ? 5.502   -1.376  5.826   1.00 17.74 ? 65  GLY A O   1 
ATOM   531  N  N   . VAL A 1 66  ? 6.895   -2.171  7.377   1.00 18.73 ? 66  VAL A N   1 
ATOM   532  C  CA  . VAL A 1 66  ? 7.926   -1.247  6.993   1.00 20.06 ? 66  VAL A CA  1 
ATOM   533  C  C   . VAL A 1 66  ? 8.407   -1.492  5.568   1.00 20.56 ? 66  VAL A C   1 
ATOM   534  O  O   . VAL A 1 66  ? 8.571   -0.548  4.802   1.00 21.66 ? 66  VAL A O   1 
ATOM   535  C  CB  . VAL A 1 66  ? 9.080   -1.290  7.994   1.00 20.26 ? 66  VAL A CB  1 
ATOM   536  C  CG1 . VAL A 1 66  ? 10.280  -0.554  7.438   1.00 20.35 ? 66  VAL A CG1 1 
ATOM   537  C  CG2 . VAL A 1 66  ? 8.617   -0.698  9.321   1.00 20.52 ? 66  VAL A CG2 1 
ATOM   538  N  N   . THR A 1 67  ? 8.612   -2.752  5.211   1.00 21.21 ? 67  THR A N   1 
ATOM   539  C  CA  . THR A 1 67  ? 8.975   -3.111  3.842   1.00 21.09 ? 67  THR A CA  1 
ATOM   540  C  C   . THR A 1 67  ? 8.011   -2.582  2.778   1.00 20.28 ? 67  THR A C   1 
ATOM   541  O  O   . THR A 1 67  ? 8.462   -2.084  1.751   1.00 20.33 ? 67  THR A O   1 
ATOM   542  C  CB  . THR A 1 67  ? 9.103   -4.645  3.661   1.00 21.92 ? 67  THR A CB  1 
ATOM   543  O  OG1 . THR A 1 67  ? 10.309  -5.110  4.280   1.00 22.01 ? 67  THR A OG1 1 
ATOM   544  C  CG2 . THR A 1 67  ? 9.127   -5.061  2.180   1.00 22.19 ? 67  THR A CG2 1 
ATOM   545  N  N   . VAL A 1 68  ? 6.707   -2.755  2.961   1.00 18.64 ? 68  VAL A N   1 
ATOM   546  C  CA  . VAL A 1 68  ? 5.795   -2.359  1.886   1.00 17.73 ? 68  VAL A CA  1 
ATOM   547  C  C   . VAL A 1 68  ? 5.673   -0.840  1.838   1.00 17.09 ? 68  VAL A C   1 
ATOM   548  O  O   . VAL A 1 68  ? 5.640   -0.264  0.752   1.00 16.40 ? 68  VAL A O   1 
ATOM   549  C  CB  . VAL A 1 68  ? 4.405   -3.033  1.956   1.00 17.75 ? 68  VAL A CB  1 
ATOM   550  C  CG1 . VAL A 1 68  ? 3.716   -2.792  3.285   1.00 17.84 ? 68  VAL A CG1 1 
ATOM   551  C  CG2 . VAL A 1 68  ? 3.520   -2.535  0.824   1.00 18.00 ? 68  VAL A CG2 1 
ATOM   552  N  N   . LEU A 1 69  ? 5.653   -0.198  3.007   1.00 16.49 ? 69  LEU A N   1 
ATOM   553  C  CA  . LEU A 1 69  ? 5.445   1.238   3.065   1.00 16.67 ? 69  LEU A CA  1 
ATOM   554  C  C   . LEU A 1 69  ? 6.658   1.936   2.535   1.00 16.78 ? 69  LEU A C   1 
ATOM   555  O  O   . LEU A 1 69  ? 6.526   2.986   1.932   1.00 16.24 ? 69  LEU A O   1 
ATOM   556  C  CB  . LEU A 1 69  ? 5.095   1.739   4.471   1.00 16.54 ? 69  LEU A CB  1 
ATOM   557  C  CG  . LEU A 1 69  ? 3.689   1.409   5.012   1.00 16.69 ? 69  LEU A CG  1 
ATOM   558  C  CD1 . LEU A 1 69  ? 3.370   2.335   6.171   1.00 16.78 ? 69  LEU A CD1 1 
ATOM   559  C  CD2 . LEU A 1 69  ? 2.559   1.493   3.990   1.00 16.66 ? 69  LEU A CD2 1 
ATOM   560  N  N   . THR A 1 70  ? 7.826   1.323   2.691   1.00 17.20 ? 70  THR A N   1 
ATOM   561  C  CA  . THR A 1 70  ? 9.043   1.926   2.176   1.00 17.66 ? 70  THR A CA  1 
ATOM   562  C  C   . THR A 1 70  ? 9.129   1.909   0.657   1.00 17.19 ? 70  THR A C   1 
ATOM   563  O  O   . THR A 1 70  ? 9.522   2.906   0.054   1.00 17.87 ? 70  THR A O   1 
ATOM   564  C  CB  . THR A 1 70  ? 10.276  1.250   2.762   1.00 18.41 ? 70  THR A CB  1 
ATOM   565  O  OG1 . THR A 1 70  ? 10.303  1.509   4.169   1.00 18.75 ? 70  THR A OG1 1 
ATOM   566  C  CG2 . THR A 1 70  ? 11.541  1.787   2.108   1.00 18.88 ? 70  THR A CG2 1 
ATOM   567  N  N   . ALA A 1 71  ? 8.788   0.780   0.056   1.00 15.94 ? 71  ALA A N   1 
ATOM   568  C  CA  . ALA A 1 71  ? 8.651   0.681   -1.388  1.00 15.53 ? 71  ALA A CA  1 
ATOM   569  C  C   . ALA A 1 71  ? 7.606   1.634   -1.903  1.00 15.07 ? 71  ALA A C   1 
ATOM   570  O  O   . ALA A 1 71  ? 7.809   2.260   -2.927  1.00 14.88 ? 71  ALA A O   1 
ATOM   571  C  CB  . ALA A 1 71  ? 8.264   -0.716  -1.791  1.00 15.51 ? 71  ALA A CB  1 
ATOM   572  N  N   . LEU A 1 72  ? 6.462   1.701   -1.228  1.00 14.71 ? 72  LEU A N   1 
ATOM   573  C  CA  . LEU A 1 72  ? 5.417   2.606   -1.684  1.00 14.60 ? 72  LEU A CA  1 
ATOM   574  C  C   . LEU A 1 72  ? 5.880   4.053   -1.648  1.00 14.47 ? 72  LEU A C   1 
ATOM   575  O  O   . LEU A 1 72  ? 5.649   4.779   -2.596  1.00 14.35 ? 72  LEU A O   1 
ATOM   576  C  CB  . LEU A 1 72  ? 4.142   2.460   -0.865  1.00 14.81 ? 72  LEU A CB  1 
ATOM   577  C  CG  . LEU A 1 72  ? 2.904   3.170   -1.425  1.00 15.03 ? 72  LEU A CG  1 
ATOM   578  C  CD1 . LEU A 1 72  ? 2.676   2.873   -2.900  1.00 15.43 ? 72  LEU A CD1 1 
ATOM   579  C  CD2 . LEU A 1 72  ? 1.685   2.750   -0.625  1.00 15.20 ? 72  LEU A CD2 1 
ATOM   580  N  N   . GLY A 1 73  ? 6.474   4.467   -0.532  1.00 14.30 ? 73  GLY A N   1 
ATOM   581  C  CA  . GLY A 1 73  ? 7.040   5.807   -0.384  1.00 14.62 ? 73  GLY A CA  1 
ATOM   582  C  C   . GLY A 1 73  ? 7.990   6.186   -1.497  1.00 14.70 ? 73  GLY A C   1 
ATOM   583  O  O   . GLY A 1 73  ? 7.909   7.294   -2.017  1.00 14.45 ? 73  GLY A O   1 
ATOM   584  N  N   . ALA A 1 74  ? 8.867   5.252   -1.879  1.00 14.77 ? 74  ALA A N   1 
ATOM   585  C  CA  . ALA A 1 74  ? 9.817   5.472   -2.980  1.00 15.28 ? 74  ALA A CA  1 
ATOM   586  C  C   . ALA A 1 74  ? 9.124   5.624   -4.323  1.00 15.15 ? 74  ALA A C   1 
ATOM   587  O  O   . ALA A 1 74  ? 9.558   6.404   -5.140  1.00 15.58 ? 74  ALA A O   1 
ATOM   588  C  CB  . ALA A 1 74  ? 10.841  4.346   -3.054  1.00 15.45 ? 74  ALA A CB  1 
ATOM   589  N  N   . ILE A 1 75  ? 8.059   4.867   -4.544  1.00 14.76 ? 75  ILE A N   1 
ATOM   590  C  CA  . ILE A 1 75  ? 7.262   4.994   -5.750  1.00 14.83 ? 75  ILE A CA  1 
ATOM   591  C  C   . ILE A 1 75  ? 6.571   6.364   -5.815  1.00 14.09 ? 75  ILE A C   1 
ATOM   592  O  O   . ILE A 1 75  ? 6.598   7.028   -6.845  1.00 13.82 ? 75  ILE A O   1 
ATOM   593  C  CB  . ILE A 1 75  ? 6.206   3.858   -5.833  1.00 15.03 ? 75  ILE A CB  1 
ATOM   594  C  CG1 . ILE A 1 75  ? 6.881   2.529   -6.212  1.00 15.60 ? 75  ILE A CG1 1 
ATOM   595  C  CG2 . ILE A 1 75  ? 5.125   4.185   -6.854  1.00 15.34 ? 75  ILE A CG2 1 
ATOM   596  C  CD1 . ILE A 1 75  ? 5.997   1.305   -6.030  1.00 15.83 ? 75  ILE A CD1 1 
ATOM   597  N  N   . LEU A 1 76  ? 5.952   6.767   -4.712  1.00 13.97 ? 76  LEU A N   1 
ATOM   598  C  CA  . LEU A 1 76  ? 5.191   8.005   -4.679  1.00 13.87 ? 76  LEU A CA  1 
ATOM   599  C  C   . LEU A 1 76  ? 6.111   9.171   -4.967  1.00 14.23 ? 76  LEU A C   1 
ATOM   600  O  O   . LEU A 1 76  ? 5.741   10.085  -5.704  1.00 13.86 ? 76  LEU A O   1 
ATOM   601  C  CB  . LEU A 1 76  ? 4.472   8.179   -3.336  1.00 13.58 ? 76  LEU A CB  1 
ATOM   602  C  CG  . LEU A 1 76  ? 3.339   7.164   -3.078  1.00 13.71 ? 76  LEU A CG  1 
ATOM   603  C  CD1 . LEU A 1 76  ? 2.839   7.269   -1.650  1.00 13.81 ? 76  LEU A CD1 1 
ATOM   604  C  CD2 . LEU A 1 76  ? 2.185   7.330   -4.059  1.00 13.37 ? 76  LEU A CD2 1 
ATOM   605  N  N   . LYS A 1 77  ? 7.338   9.100   -4.461  1.00 14.92 ? 77  LYS A N   1 
ATOM   606  C  CA  . LYS A 1 77  ? 8.269   10.219  -4.635  1.00 15.67 ? 77  LYS A CA  1 
ATOM   607  C  C   . LYS A 1 77  ? 8.786   10.363  -6.065  1.00 16.28 ? 77  LYS A C   1 
ATOM   608  O  O   . LYS A 1 77  ? 9.304   11.423  -6.407  1.00 16.34 ? 77  LYS A O   1 
ATOM   609  C  CB  . LYS A 1 77  ? 9.409   10.156  -3.618  1.00 15.64 ? 77  LYS A CB  1 
ATOM   610  C  CG  . LYS A 1 77  ? 8.952   10.517  -2.210  1.00 15.95 ? 77  LYS A CG  1 
ATOM   611  C  CD  . LYS A 1 77  ? 9.909   10.000  -1.166  1.00 16.25 ? 77  LYS A CD  1 
ATOM   612  C  CE  . LYS A 1 77  ? 9.376   10.178  0.234   1.00 16.73 ? 77  LYS A CE  1 
ATOM   613  N  NZ  . LYS A 1 77  ? 10.400  9.704   1.197   1.00 17.14 ? 77  LYS A NZ  1 
ATOM   614  N  N   . LYS A 1 78  ? 8.609   9.333   -6.895  1.00 17.02 ? 78  LYS A N   1 
ATOM   615  C  CA  . LYS A 1 78  ? 8.843   9.442   -8.336  1.00 17.69 ? 78  LYS A CA  1 
ATOM   616  C  C   . LYS A 1 78  ? 7.746   10.189  -9.080  1.00 17.11 ? 78  LYS A C   1 
ATOM   617  O  O   . LYS A 1 78  ? 7.907   10.481  -10.278 1.00 17.05 ? 78  LYS A O   1 
ATOM   618  C  CB  . LYS A 1 78  ? 9.004   8.062   -8.988  1.00 18.83 ? 78  LYS A CB  1 
ATOM   619  C  CG  . LYS A 1 78  ? 10.088  7.175   -8.403  1.00 20.03 ? 78  LYS A CG  1 
ATOM   620  C  CD  . LYS A 1 78  ? 11.406  7.893   -8.147  1.00 20.96 ? 78  LYS A CD  1 
ATOM   621  C  CE  . LYS A 1 78  ? 12.034  8.458   -9.414  1.00 22.02 ? 78  LYS A CE  1 
ATOM   622  N  NZ  . LYS A 1 78  ? 12.010  7.501   -10.559 1.00 23.25 ? 78  LYS A NZ  1 
ATOM   623  N  N   . LYS A 1 79  ? 6.627   10.466  -8.403  1.00 16.37 ? 79  LYS A N   1 
ATOM   624  C  CA  . LYS A 1 79  ? 5.558   11.309  -8.956  1.00 16.07 ? 79  LYS A CA  1 
ATOM   625  C  C   . LYS A 1 79  ? 5.145   10.847  -10.359 1.00 16.48 ? 79  LYS A C   1 
ATOM   626  O  O   . LYS A 1 79  ? 5.096   11.640  -11.303 1.00 15.52 ? 79  LYS A O   1 
ATOM   627  C  CB  . LYS A 1 79  ? 5.986   12.796  -8.960  1.00 15.90 ? 79  LYS A CB  1 
ATOM   628  C  CG  . LYS A 1 79  ? 5.932   13.442  -7.583  1.00 15.65 ? 79  LYS A CG  1 
ATOM   629  C  CD  . LYS A 1 79  ? 6.801   14.674  -7.469  1.00 15.47 ? 79  LYS A CD  1 
ATOM   630  C  CE  . LYS A 1 79  ? 6.259   15.786  -8.337  1.00 15.61 ? 79  LYS A CE  1 
ATOM   631  N  NZ  . LYS A 1 79  ? 7.160   16.963  -8.230  1.00 15.40 ? 79  LYS A NZ  1 
ATOM   632  N  N   . GLY A 1 80  ? 4.872   9.548   -10.489 1.00 16.89 ? 80  GLY A N   1 
ATOM   633  C  CA  . GLY A 1 80  ? 4.450   8.969   -11.752 1.00 18.20 ? 80  GLY A CA  1 
ATOM   634  C  C   . GLY A 1 80  ? 5.587   8.362   -12.545 1.00 19.34 ? 80  GLY A C   1 
ATOM   635  O  O   . GLY A 1 80  ? 5.350   7.523   -13.399 1.00 19.50 ? 80  GLY A O   1 
ATOM   636  N  N   . HIS A 1 81  ? 6.826   8.746   -12.273 1.00 20.65 ? 81  HIS A N   1 
ATOM   637  C  CA  . HIS A 1 81  ? 7.936   8.211   -13.059 1.00 22.36 ? 81  HIS A CA  1 
ATOM   638  C  C   . HIS A 1 81  ? 8.563   6.970   -12.405 1.00 22.16 ? 81  HIS A C   1 
ATOM   639  O  O   . HIS A 1 81  ? 9.743   6.953   -12.055 1.00 22.62 ? 81  HIS A O   1 
ATOM   640  C  CB  . HIS A 1 81  ? 8.951   9.319   -13.313 1.00 23.68 ? 81  HIS A CB  1 
ATOM   641  C  CG  . HIS A 1 81  ? 8.402   10.454  -14.121 1.00 25.68 ? 81  HIS A CG  1 
ATOM   642  N  ND1 . HIS A 1 81  ? 8.059   11.671  -13.570 1.00 26.74 ? 81  HIS A ND1 1 
ATOM   643  C  CD2 . HIS A 1 81  ? 8.129   10.552  -15.443 1.00 27.14 ? 81  HIS A CD2 1 
ATOM   644  C  CE1 . HIS A 1 81  ? 7.602   12.471  -14.518 1.00 27.30 ? 81  HIS A CE1 1 
ATOM   645  N  NE2 . HIS A 1 81  ? 7.634   11.815  -15.664 1.00 27.83 ? 81  HIS A NE2 1 
ATOM   646  N  N   . HIS A 1 82  ? 7.780   5.900   -12.309 1.00 22.56 ? 82  HIS A N   1 
ATOM   647  C  CA  . HIS A 1 82  ? 8.116   4.765   -11.429 1.00 22.19 ? 82  HIS A CA  1 
ATOM   648  C  C   . HIS A 1 82  ? 8.319   3.464   -12.198 1.00 23.05 ? 82  HIS A C   1 
ATOM   649  O  O   . HIS A 1 82  ? 8.204   2.366   -11.653 1.00 21.74 ? 82  HIS A O   1 
ATOM   650  C  CB  . HIS A 1 82  ? 7.029   4.598   -10.372 1.00 22.12 ? 82  HIS A CB  1 
ATOM   651  C  CG  . HIS A 1 82  ? 5.638   4.620   -10.924 1.00 21.73 ? 82  HIS A CG  1 
ATOM   652  N  ND1 . HIS A 1 82  ? 4.612   5.302   -10.308 1.00 21.42 ? 82  HIS A ND1 1 
ATOM   653  C  CD2 . HIS A 1 82  ? 5.104   4.069   -12.041 1.00 21.51 ? 82  HIS A CD2 1 
ATOM   654  C  CE1 . HIS A 1 82  ? 3.503   5.152   -11.007 1.00 21.33 ? 82  HIS A CE1 1 
ATOM   655  N  NE2 . HIS A 1 82  ? 3.774   4.411   -12.066 1.00 21.41 ? 82  HIS A NE2 1 
ATOM   656  N  N   . GLU A 1 83  ? 8.686   3.593   -13.457 1.00 24.36 ? 83  GLU A N   1 
ATOM   657  C  CA  . GLU A 1 83  ? 8.780   2.441   -14.341 1.00 26.02 ? 83  GLU A CA  1 
ATOM   658  C  C   . GLU A 1 83  ? 9.774   1.397   -13.792 1.00 26.25 ? 83  GLU A C   1 
ATOM   659  O  O   . GLU A 1 83  ? 9.466   0.201   -13.722 1.00 25.87 ? 83  GLU A O   1 
ATOM   660  C  CB  . GLU A 1 83  ? 9.162   2.929   -15.745 1.00 27.39 ? 83  GLU A CB  1 
ATOM   661  C  CG  . GLU A 1 83  ? 8.178   3.980   -16.323 1.00 28.83 ? 83  GLU A CG  1 
ATOM   662  C  CD  . GLU A 1 83  ? 8.500   5.482   -16.079 1.00 30.01 ? 83  GLU A CD  1 
ATOM   663  O  OE1 . GLU A 1 83  ? 9.363   5.851   -15.239 1.00 29.78 ? 83  GLU A OE1 1 
ATOM   664  O  OE2 . GLU A 1 83  ? 7.855   6.332   -16.750 1.00 33.49 ? 83  GLU A OE2 1 
ATOM   665  N  N   . ALA A 1 84  ? 10.937  1.870   -13.352 1.00 26.76 ? 84  ALA A N   1 
ATOM   666  C  CA  . ALA A 1 84  ? 11.989  1.002   -12.830 1.00 27.37 ? 84  ALA A CA  1 
ATOM   667  C  C   . ALA A 1 84  ? 11.540  0.264   -11.580 1.00 27.78 ? 84  ALA A C   1 
ATOM   668  O  O   . ALA A 1 84  ? 11.911  -0.889  -11.357 1.00 27.36 ? 84  ALA A O   1 
ATOM   669  C  CB  . ALA A 1 84  ? 13.228  1.819   -12.516 1.00 27.53 ? 84  ALA A CB  1 
ATOM   670  N  N   . GLU A 1 85  ? 10.749  0.961   -10.777 1.00 28.92 ? 85  GLU A N   1 
ATOM   671  C  CA  . GLU A 1 85  ? 10.235  0.439   -9.526  1.00 30.19 ? 85  GLU A CA  1 
ATOM   672  C  C   . GLU A 1 85  ? 9.160   -0.607  -9.789  1.00 30.96 ? 85  GLU A C   1 
ATOM   673  O  O   . GLU A 1 85  ? 9.188   -1.705  -9.216  1.00 31.69 ? 85  GLU A O   1 
ATOM   674  C  CB  . GLU A 1 85  ? 9.661   1.574   -8.670  1.00 30.86 ? 85  GLU A CB  1 
ATOM   675  C  CG  . GLU A 1 85  ? 10.706  2.481   -8.037  1.00 31.80 ? 85  GLU A CG  1 
ATOM   676  C  CD  . GLU A 1 85  ? 11.444  3.385   -9.014  1.00 33.04 ? 85  GLU A CD  1 
ATOM   677  O  OE1 . GLU A 1 85  ? 10.967  3.601   -10.157 1.00 32.75 ? 85  GLU A OE1 1 
ATOM   678  O  OE2 . GLU A 1 85  ? 12.519  3.887   -8.629  1.00 34.00 ? 85  GLU A OE2 1 
ATOM   679  N  N   . LEU A 1 86  ? 8.218   -0.282  -10.664 1.00 31.00 ? 86  LEU A N   1 
ATOM   680  C  CA  . LEU A 1 86  ? 7.103   -1.198  -10.900 1.00 31.14 ? 86  LEU A CA  1 
ATOM   681  C  C   . LEU A 1 86  ? 7.515   -2.525  -11.514 1.00 31.09 ? 86  LEU A C   1 
ATOM   682  O  O   . LEU A 1 86  ? 6.936   -3.542  -11.183 1.00 29.72 ? 86  LEU A O   1 
ATOM   683  C  CB  . LEU A 1 86  ? 6.018   -0.561  -11.764 1.00 31.89 ? 86  LEU A CB  1 
ATOM   684  C  CG  . LEU A 1 86  ? 4.815   0.049   -11.029 1.00 32.05 ? 86  LEU A CG  1 
ATOM   685  C  CD1 . LEU A 1 86  ? 5.096   1.389   -10.349 1.00 32.47 ? 86  LEU A CD1 1 
ATOM   686  C  CD2 . LEU A 1 86  ? 3.695   0.197   -12.038 1.00 32.11 ? 86  LEU A CD2 1 
ATOM   687  N  N   . LYS A 1 87  ? 8.487   -2.508  -12.416 1.00 30.97 ? 87  LYS A N   1 
ATOM   688  C  CA  . LYS A 1 87  ? 8.965   -3.732  -13.076 1.00 31.49 ? 87  LYS A CA  1 
ATOM   689  C  C   . LYS A 1 87  ? 9.174   -4.978  -12.178 1.00 30.28 ? 87  LYS A C   1 
ATOM   690  O  O   . LYS A 1 87  ? 8.544   -6.026  -12.392 1.00 30.20 ? 87  LYS A O   1 
ATOM   691  C  CB  . LYS A 1 87  ? 10.270  -3.418  -13.810 1.00 33.84 ? 87  LYS A CB  1 
ATOM   692  C  CG  . LYS A 1 87  ? 10.080  -2.741  -15.155 1.00 35.64 ? 87  LYS A CG  1 
ATOM   693  C  CD  . LYS A 1 87  ? 10.943  -3.377  -16.232 1.00 37.76 ? 87  LYS A CD  1 
ATOM   694  C  CE  . LYS A 1 87  ? 10.391  -4.729  -16.659 1.00 38.59 ? 87  LYS A CE  1 
ATOM   695  N  NZ  . LYS A 1 87  ? 11.302  -5.384  -17.636 1.00 39.75 ? 87  LYS A NZ  1 
ATOM   696  N  N   . PRO A 1 88  ? 10.096  -4.889  -11.206 1.00 28.66 ? 88  PRO A N   1 
ATOM   697  C  CA  . PRO A 1 88  ? 10.290  -6.080  -10.368 1.00 27.77 ? 88  PRO A CA  1 
ATOM   698  C  C   . PRO A 1 88  ? 9.050   -6.450  -9.514  1.00 26.96 ? 88  PRO A C   1 
ATOM   699  O  O   . PRO A 1 88  ? 8.794   -7.632  -9.261  1.00 25.50 ? 88  PRO A O   1 
ATOM   700  C  CB  . PRO A 1 88  ? 11.510  -5.709  -9.494  1.00 27.67 ? 88  PRO A CB  1 
ATOM   701  C  CG  . PRO A 1 88  ? 11.697  -4.237  -9.641  1.00 27.62 ? 88  PRO A CG  1 
ATOM   702  C  CD  . PRO A 1 88  ? 11.127  -3.863  -10.965 1.00 27.82 ? 88  PRO A CD  1 
ATOM   703  N  N   . LEU A 1 89  ? 8.280   -5.444  -9.105  1.00 26.31 ? 89  LEU A N   1 
ATOM   704  C  CA  . LEU A 1 89  ? 7.151   -5.647  -8.205  1.00 26.16 ? 89  LEU A CA  1 
ATOM   705  C  C   . LEU A 1 89  ? 6.068   -6.394  -8.962  1.00 25.67 ? 89  LEU A C   1 
ATOM   706  O  O   . LEU A 1 89  ? 5.547   -7.413  -8.498  1.00 24.68 ? 89  LEU A O   1 
ATOM   707  C  CB  . LEU A 1 89  ? 6.638   -4.287  -7.706  1.00 27.03 ? 89  LEU A CB  1 
ATOM   708  C  CG  . LEU A 1 89  ? 5.699   -4.249  -6.507  1.00 27.91 ? 89  LEU A CG  1 
ATOM   709  C  CD1 . LEU A 1 89  ? 6.457   -4.628  -5.244  1.00 28.28 ? 89  LEU A CD1 1 
ATOM   710  C  CD2 . LEU A 1 89  ? 5.063   -2.870  -6.356  1.00 28.66 ? 89  LEU A CD2 1 
ATOM   711  N  N   . ALA A 1 90  ? 5.790   -5.927  -10.174 1.00 25.10 ? 90  ALA A N   1 
ATOM   712  C  CA  . ALA A 1 90  ? 4.773   -6.558  -11.011 1.00 25.73 ? 90  ALA A CA  1 
ATOM   713  C  C   . ALA A 1 90  ? 5.160   -7.993  -11.361 1.00 26.21 ? 90  ALA A C   1 
ATOM   714  O  O   . ALA A 1 90  ? 4.331   -8.903  -11.256 1.00 25.05 ? 90  ALA A O   1 
ATOM   715  C  CB  . ALA A 1 90  ? 4.520   -5.744  -12.272 1.00 25.82 ? 90  ALA A CB  1 
ATOM   716  N  N   . GLN A 1 91  ? 6.426   -8.197  -11.729 1.00 27.27 ? 91  GLN A N   1 
ATOM   717  C  CA  . GLN A 1 91  ? 6.939   -9.546  -12.034 1.00 28.41 ? 91  GLN A CA  1 
ATOM   718  C  C   . GLN A 1 91  ? 6.778   -10.544 -10.860 1.00 26.82 ? 91  GLN A C   1 
ATOM   719  O  O   . GLN A 1 91  ? 6.230   -11.630 -11.045 1.00 26.52 ? 91  GLN A O   1 
ATOM   720  C  CB  . GLN A 1 91  ? 8.412   -9.491  -12.485 1.00 30.45 ? 91  GLN A CB  1 
ATOM   721  C  CG  . GLN A 1 91  ? 8.682   -8.707  -13.779 1.00 32.62 ? 91  GLN A CG  1 
ATOM   722  C  CD  . GLN A 1 91  ? 8.537   -9.503  -15.074 1.00 34.26 ? 91  GLN A CD  1 
ATOM   723  O  OE1 . GLN A 1 91  ? 8.387   -10.734 -15.081 1.00 35.93 ? 91  GLN A OE1 1 
ATOM   724  N  NE2 . GLN A 1 91  ? 8.595   -8.788  -16.197 1.00 35.33 ? 91  GLN A NE2 1 
ATOM   725  N  N   . SER A 1 92  ? 7.249   -10.177 -9.670  1.00 25.09 ? 92  SER A N   1 
ATOM   726  C  CA  . SER A 1 92  ? 7.134   -11.045 -8.493  1.00 23.85 ? 92  SER A CA  1 
ATOM   727  C  C   . SER A 1 92  ? 5.678   -11.229 -8.005  1.00 23.14 ? 92  SER A C   1 
ATOM   728  O  O   . SER A 1 92  ? 5.271   -12.337 -7.613  1.00 22.68 ? 92  SER A O   1 
ATOM   729  C  CB  . SER A 1 92  ? 8.023   -10.517 -7.363  1.00 23.88 ? 92  SER A CB  1 
ATOM   730  O  OG  . SER A 1 92  ? 7.548   -9.285  -6.847  1.00 23.17 ? 92  SER A OG  1 
ATOM   731  N  N   . HIS A 1 93  ? 4.875   -10.172 -8.053  1.00 22.46 ? 93  HIS A N   1 
ATOM   732  C  CA  . HIS A 1 93  ? 3.528   -10.289 -7.489  1.00 22.57 ? 93  HIS A CA  1 
ATOM   733  C  C   . HIS A 1 93  ? 2.592   -11.055 -8.397  1.00 22.32 ? 93  HIS A C   1 
ATOM   734  O  O   . HIS A 1 93  ? 1.749   -11.781 -7.914  1.00 22.18 ? 93  HIS A O   1 
ATOM   735  C  CB  . HIS A 1 93  ? 2.979   -8.937  -7.051  1.00 22.44 ? 93  HIS A CB  1 
ATOM   736  C  CG  . HIS A 1 93  ? 3.645   -8.433  -5.816  1.00 22.62 ? 93  HIS A CG  1 
ATOM   737  N  ND1 . HIS A 1 93  ? 5.006   -8.227  -5.743  1.00 22.55 ? 93  HIS A ND1 1 
ATOM   738  C  CD2 . HIS A 1 93  ? 3.157   -8.163  -4.586  1.00 22.74 ? 93  HIS A CD2 1 
ATOM   739  C  CE1 . HIS A 1 93  ? 5.325   -7.838  -4.525  1.00 22.81 ? 93  HIS A CE1 1 
ATOM   740  N  NE2 . HIS A 1 93  ? 4.219   -7.783  -3.810  1.00 22.90 ? 93  HIS A NE2 1 
ATOM   741  N  N   . ALA A 1 94  ? 2.770   -10.937 -9.704  1.00 23.17 ? 94  ALA A N   1 
ATOM   742  C  CA  . ALA A 1 94  ? 1.984   -11.724 -10.655 1.00 23.89 ? 94  ALA A CA  1 
ATOM   743  C  C   . ALA A 1 94  ? 2.336   -13.218 -10.603 1.00 24.75 ? 94  ALA A C   1 
ATOM   744  O  O   . ALA A 1 94  ? 1.456   -14.096 -10.461 1.00 24.50 ? 94  ALA A O   1 
ATOM   745  C  CB  . ALA A 1 94  ? 2.204   -11.177 -12.061 1.00 23.95 ? 94  ALA A CB  1 
ATOM   746  N  N   . THR A 1 95  ? 3.640   -13.479 -10.716 1.00 26.24 ? 95  THR A N   1 
ATOM   747  C  CA  . THR A 1 95  ? 4.184   -14.810 -11.038 1.00 27.27 ? 95  THR A CA  1 
ATOM   748  C  C   . THR A 1 95  ? 4.610   -15.644 -9.822  1.00 28.42 ? 95  THR A C   1 
ATOM   749  O  O   . THR A 1 95  ? 4.495   -16.868 -9.860  1.00 29.49 ? 95  THR A O   1 
ATOM   750  C  CB  . THR A 1 95  ? 5.364   -14.726 -12.066 1.00 27.67 ? 95  THR A CB  1 
ATOM   751  O  OG1 . THR A 1 95  ? 6.579   -14.267 -11.448 1.00 27.48 ? 95  THR A OG1 1 
ATOM   752  C  CG2 . THR A 1 95  ? 5.015   -13.802 -13.229 1.00 28.23 ? 95  THR A CG2 1 
ATOM   753  N  N   . LYS A 1 96  ? 5.105   -14.992 -8.770  1.00 28.41 ? 96  LYS A N   1 
ATOM   754  C  CA  . LYS A 1 96  ? 5.679   -15.682 -7.614  1.00 29.29 ? 96  LYS A CA  1 
ATOM   755  C  C   . LYS A 1 96  ? 4.664   -15.646 -6.487  1.00 28.11 ? 96  LYS A C   1 
ATOM   756  O  O   . LYS A 1 96  ? 4.253   -16.682 -5.978  1.00 28.51 ? 96  LYS A O   1 
ATOM   757  C  CB  . LYS A 1 96  ? 6.991   -15.003 -7.193  1.00 30.90 ? 96  LYS A CB  1 
ATOM   758  C  CG  . LYS A 1 96  ? 7.887   -15.805 -6.246  1.00 32.75 ? 96  LYS A CG  1 
ATOM   759  C  CD  . LYS A 1 96  ? 9.068   -14.986 -5.714  1.00 34.31 ? 96  LYS A CD  1 
ATOM   760  C  CE  . LYS A 1 96  ? 10.318  -15.092 -6.584  1.00 35.53 ? 96  LYS A CE  1 
ATOM   761  N  NZ  . LYS A 1 96  ? 10.165  -14.560 -7.971  1.00 35.96 ? 96  LYS A NZ  1 
ATOM   762  N  N   . HIS A 1 97  ? 4.235   -14.443 -6.135  1.00 27.28 ? 97  HIS A N   1 
ATOM   763  C  CA  . HIS A 1 97  ? 3.312   -14.247 -5.017  1.00 26.54 ? 97  HIS A CA  1 
ATOM   764  C  C   . HIS A 1 97  ? 1.843   -14.528 -5.420  1.00 26.49 ? 97  HIS A C   1 
ATOM   765  O  O   . HIS A 1 97  ? 1.017   -14.896 -4.575  1.00 25.03 ? 97  HIS A O   1 
ATOM   766  C  CB  . HIS A 1 97  ? 3.518   -12.840 -4.424  1.00 26.16 ? 97  HIS A CB  1 
ATOM   767  C  CG  . HIS A 1 97  ? 4.960   -12.516 -4.151  1.00 25.82 ? 97  HIS A CG  1 
ATOM   768  N  ND1 . HIS A 1 97  ? 5.820   -13.413 -3.552  1.00 25.61 ? 97  HIS A ND1 1 
ATOM   769  C  CD2 . HIS A 1 97  ? 5.700   -11.412 -4.419  1.00 25.58 ? 97  HIS A CD2 1 
ATOM   770  C  CE1 . HIS A 1 97  ? 7.024   -12.880 -3.465  1.00 25.38 ? 97  HIS A CE1 1 
ATOM   771  N  NE2 . HIS A 1 97  ? 6.977   -11.661 -3.971  1.00 25.12 ? 97  HIS A NE2 1 
ATOM   772  N  N   . LYS A 1 98  ? 1.528   -14.379 -6.706  1.00 27.16 ? 98  LYS A N   1 
ATOM   773  C  CA  . LYS A 1 98  ? 0.158   -14.585 -7.205  1.00 27.64 ? 98  LYS A CA  1 
ATOM   774  C  C   . LYS A 1 98  ? -0.885  -13.710 -6.506  1.00 26.62 ? 98  LYS A C   1 
ATOM   775  O  O   . LYS A 1 98  ? -1.875  -14.203 -5.967  1.00 27.84 ? 98  LYS A O   1 
ATOM   776  C  CB  . LYS A 1 98  ? -0.225  -16.063 -7.122  1.00 28.83 ? 98  LYS A CB  1 
ATOM   777  C  CG  . LYS A 1 98  ? 0.639   -16.944 -8.004  1.00 30.35 ? 98  LYS A CG  1 
ATOM   778  C  CD  . LYS A 1 98  ? 0.789   -18.343 -7.428  1.00 31.84 ? 98  LYS A CD  1 
ATOM   779  C  CE  . LYS A 1 98  ? 0.986   -19.383 -8.521  1.00 33.17 ? 98  LYS A CE  1 
ATOM   780  N  NZ  . LYS A 1 98  ? -0.310  -19.793 -9.138  1.00 33.69 ? 98  LYS A NZ  1 
ATOM   781  N  N   . ILE A 1 99  ? -0.657  -12.401 -6.566  1.00 25.24 ? 99  ILE A N   1 
ATOM   782  C  CA  . ILE A 1 99  ? -1.519  -11.376 -5.955  1.00 23.71 ? 99  ILE A CA  1 
ATOM   783  C  C   . ILE A 1 99  ? -2.501  -10.784 -6.971  1.00 22.91 ? 99  ILE A C   1 
ATOM   784  O  O   . ILE A 1 99  ? -2.075  -10.047 -7.857  1.00 22.66 ? 99  ILE A O   1 
ATOM   785  C  CB  . ILE A 1 99  ? -0.653  -10.194 -5.417  1.00 23.40 ? 99  ILE A CB  1 
ATOM   786  C  CG1 . ILE A 1 99  ? 0.426   -10.697 -4.442  1.00 23.25 ? 99  ILE A CG1 1 
ATOM   787  C  CG2 . ILE A 1 99  ? -1.512  -9.107  -4.765  1.00 23.30 ? 99  ILE A CG2 1 
ATOM   788  C  CD1 . ILE A 1 99  ? -0.109  -11.502 -3.283  1.00 23.05 ? 99  ILE A CD1 1 
ATOM   789  N  N   . PRO A 1 100 ? -3.815  -11.054 -6.829  1.00 21.56 ? 100 PRO A N   1 
ATOM   790  C  CA  . PRO A 1 100 ? -4.722  -10.333 -7.729  1.00 20.96 ? 100 PRO A CA  1 
ATOM   791  C  C   . PRO A 1 100 ? -4.659  -8.799  -7.644  1.00 20.37 ? 100 PRO A C   1 
ATOM   792  O  O   . PRO A 1 100 ? -4.395  -8.218  -6.581  1.00 20.14 ? 100 PRO A O   1 
ATOM   793  C  CB  . PRO A 1 100 ? -6.109  -10.822 -7.302  1.00 21.03 ? 100 PRO A CB  1 
ATOM   794  C  CG  . PRO A 1 100 ? -5.864  -12.147 -6.661  1.00 21.12 ? 100 PRO A CG  1 
ATOM   795  C  CD  . PRO A 1 100 ? -4.552  -11.990 -5.958  1.00 21.27 ? 100 PRO A CD  1 
ATOM   796  N  N   . ILE A 1 101 ? -4.950  -8.146  -8.766  1.00 20.02 ? 101 ILE A N   1 
ATOM   797  C  CA  . ILE A 1 101 ? -4.964  -6.681  -8.829  1.00 19.45 ? 101 ILE A CA  1 
ATOM   798  C  C   . ILE A 1 101 ? -5.957  -6.160  -7.804  1.00 18.88 ? 101 ILE A C   1 
ATOM   799  O  O   . ILE A 1 101 ? -5.721  -5.124  -7.171  1.00 18.39 ? 101 ILE A O   1 
ATOM   800  C  CB  . ILE A 1 101 ? -5.308  -6.141  -10.247 1.00 20.24 ? 101 ILE A CB  1 
ATOM   801  C  CG1 . ILE A 1 101 ? -4.166  -6.397  -11.230 1.00 20.47 ? 101 ILE A CG1 1 
ATOM   802  C  CG2 . ILE A 1 101 ? -5.593  -4.642  -10.221 1.00 20.32 ? 101 ILE A CG2 1 
ATOM   803  C  CD1 . ILE A 1 101 ? -2.837  -5.783  -10.832 1.00 20.50 ? 101 ILE A CD1 1 
ATOM   804  N  N   . LYS A 1 102 ? -7.031  -6.923  -7.617  1.00 18.36 ? 102 LYS A N   1 
ATOM   805  C  CA  . LYS A 1 102 ? -8.075  -6.604  -6.665  1.00 18.20 ? 102 LYS A CA  1 
ATOM   806  C  C   . LYS A 1 102 ? -7.501  -6.403  -5.280  1.00 17.42 ? 102 LYS A C   1 
ATOM   807  O  O   . LYS A 1 102 ? -8.012  -5.604  -4.524  1.00 17.39 ? 102 LYS A O   1 
ATOM   808  C  CB  . LYS A 1 102 ? -9.116  -7.732  -6.626  1.00 18.93 ? 102 LYS A CB  1 
ATOM   809  C  CG  . LYS A 1 102 ? -10.385 -7.429  -5.855  1.00 19.57 ? 102 LYS A CG  1 
ATOM   810  C  CD  . LYS A 1 102 ? -11.161 -6.322  -6.536  1.00 20.39 ? 102 LYS A CD  1 
ATOM   811  C  CE  . LYS A 1 102 ? -12.429 -5.967  -5.786  1.00 21.05 ? 102 LYS A CE  1 
ATOM   812  N  NZ  . LYS A 1 102 ? -13.127 -4.862  -6.502  1.00 21.35 ? 102 LYS A NZ  1 
ATOM   813  N  N   . TYR A 1 103 ? -6.471  -7.161  -4.938  1.00 16.75 ? 103 TYR A N   1 
ATOM   814  C  CA  . TYR A 1 103 ? -5.884  -7.055  -3.610  1.00 16.37 ? 103 TYR A CA  1 
ATOM   815  C  C   . TYR A 1 103 ? -5.153  -5.744  -3.477  1.00 16.08 ? 103 TYR A C   1 
ATOM   816  O  O   . TYR A 1 103 ? -5.009  -5.235  -2.372  1.00 15.48 ? 103 TYR A O   1 
ATOM   817  C  CB  . TYR A 1 103 ? -4.910  -8.204  -3.321  1.00 16.47 ? 103 TYR A CB  1 
ATOM   818  C  CG  . TYR A 1 103 ? -5.530  -9.587  -3.076  1.00 16.40 ? 103 TYR A CG  1 
ATOM   819  C  CD1 . TYR A 1 103 ? -6.856  -9.883  -3.413  1.00 16.57 ? 103 TYR A CD1 1 
ATOM   820  C  CD2 . TYR A 1 103 ? -4.760  -10.615 -2.515  1.00 16.58 ? 103 TYR A CD2 1 
ATOM   821  C  CE1 . TYR A 1 103 ? -7.385  -11.156 -3.193  1.00 16.61 ? 103 TYR A CE1 1 
ATOM   822  C  CE2 . TYR A 1 103 ? -5.282  -11.887 -2.296  1.00 16.56 ? 103 TYR A CE2 1 
ATOM   823  C  CZ  . TYR A 1 103 ? -6.590  -12.151 -2.632  1.00 16.52 ? 103 TYR A CZ  1 
ATOM   824  O  OH  . TYR A 1 103 ? -7.093  -13.413 -2.397  1.00 16.97 ? 103 TYR A OH  1 
ATOM   825  N  N   . LEU A 1 104 ? -4.671  -5.212  -4.597  1.00 16.03 ? 104 LEU A N   1 
ATOM   826  C  CA  . LEU A 1 104 ? -4.012  -3.904  -4.570  1.00 16.20 ? 104 LEU A CA  1 
ATOM   827  C  C   . LEU A 1 104 ? -5.023  -2.802  -4.304  1.00 15.77 ? 104 LEU A C   1 
ATOM   828  O  O   . LEU A 1 104 ? -4.721  -1.838  -3.625  1.00 15.56 ? 104 LEU A O   1 
ATOM   829  C  CB  . LEU A 1 104 ? -3.244  -3.595  -5.855  1.00 16.74 ? 104 LEU A CB  1 
ATOM   830  C  CG  . LEU A 1 104 ? -2.126  -4.509  -6.381  1.00 17.51 ? 104 LEU A CG  1 
ATOM   831  C  CD1 . LEU A 1 104 ? -1.394  -3.730  -7.463  1.00 17.65 ? 104 LEU A CD1 1 
ATOM   832  C  CD2 . LEU A 1 104 ? -1.123  -5.005  -5.341  1.00 17.73 ? 104 LEU A CD2 1 
ATOM   833  N  N   . GLU A 1 105 ? -6.233  -2.957  -4.827  1.00 15.36 ? 105 GLU A N   1 
ATOM   834  C  CA  . GLU A 1 105 ? -7.332  -2.084  -4.441  1.00 15.29 ? 105 GLU A CA  1 
ATOM   835  C  C   . GLU A 1 105 ? -7.605  -2.202  -2.934  1.00 14.50 ? 105 GLU A C   1 
ATOM   836  O  O   . GLU A 1 105 ? -7.833  -1.207  -2.257  1.00 13.67 ? 105 GLU A O   1 
ATOM   837  C  CB  . GLU A 1 105 ? -8.584  -2.449  -5.236  1.00 16.40 ? 105 GLU A CB  1 
ATOM   838  C  CG  . GLU A 1 105 ? -9.677  -1.412  -5.174  1.00 17.23 ? 105 GLU A CG  1 
ATOM   839  C  CD  . GLU A 1 105 ? -10.954 -1.839  -5.880  1.00 18.42 ? 105 GLU A CD  1 
ATOM   840  O  OE1 . GLU A 1 105 ? -11.940 -1.077  -5.786  1.00 19.73 ? 105 GLU A OE1 1 
ATOM   841  O  OE2 . GLU A 1 105 ? -10.998 -2.922  -6.513  1.00 18.91 ? 105 GLU A OE2 1 
ATOM   842  N  N   . PHE A 1 106 ? -7.593  -3.422  -2.402  1.00 13.96 ? 106 PHE A N   1 
ATOM   843  C  CA  . PHE A 1 106 ? -7.828  -3.592  -0.957  1.00 13.82 ? 106 PHE A CA  1 
ATOM   844  C  C   . PHE A 1 106 ? -6.794  -2.885  -0.085  1.00 13.56 ? 106 PHE A C   1 
ATOM   845  O  O   . PHE A 1 106 ? -7.157  -2.221  0.890   1.00 13.41 ? 106 PHE A O   1 
ATOM   846  C  CB  . PHE A 1 106 ? -7.885  -5.064  -0.560  1.00 13.89 ? 106 PHE A CB  1 
ATOM   847  C  CG  . PHE A 1 106 ? -9.022  -5.844  -1.183  1.00 13.85 ? 106 PHE A CG  1 
ATOM   848  C  CD1 . PHE A 1 106 ? -10.217 -5.229  -1.610  1.00 13.79 ? 106 PHE A CD1 1 
ATOM   849  C  CD2 . PHE A 1 106 ? -8.919  -7.229  -1.280  1.00 14.00 ? 106 PHE A CD2 1 
ATOM   850  C  CE1 . PHE A 1 106 ? -11.249 -5.988  -2.146  1.00 14.07 ? 106 PHE A CE1 1 
ATOM   851  C  CE2 . PHE A 1 106 ? -9.952  -7.983  -1.814  1.00 13.84 ? 106 PHE A CE2 1 
ATOM   852  C  CZ  . PHE A 1 106 ? -11.109 -7.362  -2.254  1.00 13.87 ? 106 PHE A CZ  1 
ATOM   853  N  N   . ILE A 1 107 ? -5.515  -3.028  -0.423  1.00 13.44 ? 107 ILE A N   1 
ATOM   854  C  CA  . ILE A 1 107 ? -4.473  -2.366  0.367   1.00 13.69 ? 107 ILE A CA  1 
ATOM   855  C  C   . ILE A 1 107 ? -4.605  -0.848  0.210   1.00 13.55 ? 107 ILE A C   1 
ATOM   856  O  O   . ILE A 1 107 ? -4.447  -0.126  1.183   1.00 13.63 ? 107 ILE A O   1 
ATOM   857  C  CB  . ILE A 1 107 ? -3.034  -2.927  0.139   1.00 13.87 ? 107 ILE A CB  1 
ATOM   858  C  CG1 . ILE A 1 107 ? -2.118  -2.526  1.310   1.00 13.99 ? 107 ILE A CG1 1 
ATOM   859  C  CG2 . ILE A 1 107 ? -2.408  -2.510  -1.188  1.00 13.82 ? 107 ILE A CG2 1 
ATOM   860  C  CD1 . ILE A 1 107 ? -0.880  -3.386  1.400   1.00 14.16 ? 107 ILE A CD1 1 
ATOM   861  N  N   . SER A 1 108 ? -4.959  -0.372  -0.978  1.00 13.44 ? 108 SER A N   1 
ATOM   862  C  CA  . SER A 1 108 ? -5.251  1.061   -1.156  1.00 13.73 ? 108 SER A CA  1 
ATOM   863  C  C   . SER A 1 108 ? -6.363  1.594   -0.215  1.00 13.88 ? 108 SER A C   1 
ATOM   864  O  O   . SER A 1 108 ? -6.207  2.643   0.390   1.00 13.17 ? 108 SER A O   1 
ATOM   865  C  CB  . SER A 1 108 ? -5.539  1.355   -2.636  1.00 13.64 ? 108 SER A CB  1 
ATOM   866  O  OG  . SER A 1 108 ? -4.479  0.845   -3.428  1.00 14.19 ? 108 SER A OG  1 
ATOM   867  N  N   . GLU A 1 109 ? -7.454  0.843   -0.056  1.00 14.60 ? 109 GLU A N   1 
ATOM   868  C  CA  . GLU A 1 109 ? -8.538  1.215   0.855   1.00 15.24 ? 109 GLU A CA  1 
ATOM   869  C  C   . GLU A 1 109 ? -8.027  1.263   2.293   1.00 14.40 ? 109 GLU A C   1 
ATOM   870  O  O   . GLU A 1 109 ? -8.417  2.133   3.076   1.00 14.18 ? 109 GLU A O   1 
ATOM   871  C  CB  . GLU A 1 109 ? -9.671  0.178   0.801   1.00 16.51 ? 109 GLU A CB  1 
ATOM   872  C  CG  . GLU A 1 109 ? -10.419 0.019   -0.536  1.00 18.58 ? 109 GLU A CG  1 
ATOM   873  C  CD  . GLU A 1 109 ? -11.307 -1.242  -0.591  1.00 20.16 ? 109 GLU A CD  1 
ATOM   874  O  OE1 . GLU A 1 109 ? -11.813 -1.686  0.464   1.00 22.91 ? 109 GLU A OE1 1 
ATOM   875  O  OE2 . GLU A 1 109 ? -11.502 -1.810  -1.692  1.00 23.11 ? 109 GLU A OE2 1 
ATOM   876  N  N   . ALA A 1 110 ? -7.184  0.291   2.640   1.00 13.66 ? 110 ALA A N   1 
ATOM   877  C  CA  . ALA A 1 110 ? -6.610  0.211   3.991   1.00 13.35 ? 110 ALA A CA  1 
ATOM   878  C  C   . ALA A 1 110 ? -5.673  1.396   4.265   1.00 13.26 ? 110 ALA A C   1 
ATOM   879  O  O   . ALA A 1 110 ? -5.698  1.961   5.355   1.00 12.81 ? 110 ALA A O   1 
ATOM   880  C  CB  . ALA A 1 110 ? -5.886  -1.110  4.197   1.00 13.15 ? 110 ALA A CB  1 
ATOM   881  N  N   . ILE A 1 111 ? -4.886  1.773   3.253   1.00 13.65 ? 111 ILE A N   1 
ATOM   882  C  CA  . ILE A 1 111 ? -3.944  2.892   3.341   1.00 14.24 ? 111 ILE A CA  1 
ATOM   883  C  C   . ILE A 1 111 ? -4.763  4.134   3.597   1.00 15.41 ? 111 ILE A C   1 
ATOM   884  O  O   . ILE A 1 111 ? -4.503  4.861   4.556   1.00 15.29 ? 111 ILE A O   1 
ATOM   885  C  CB  . ILE A 1 111 ? -3.074  3.055   2.062   1.00 14.03 ? 111 ILE A CB  1 
ATOM   886  C  CG1 . ILE A 1 111 ? -2.020  1.947   1.985   1.00 13.76 ? 111 ILE A CG1 1 
ATOM   887  C  CG2 . ILE A 1 111 ? -2.369  4.414   2.038   1.00 14.01 ? 111 ILE A CG2 1 
ATOM   888  C  CD1 . ILE A 1 111 ? -1.430  1.710   0.611   1.00 13.66 ? 111 ILE A CD1 1 
ATOM   889  N  N   . ILE A 1 112 ? -5.793  4.346   2.786   1.00 16.45 ? 112 ILE A N   1 
ATOM   890  C  CA  . ILE A 1 112 ? -6.649  5.521   2.978   1.00 18.28 ? 112 ILE A CA  1 
ATOM   891  C  C   . ILE A 1 112 ? -7.317  5.578   4.350   1.00 19.44 ? 112 ILE A C   1 
ATOM   892  O  O   . ILE A 1 112 ? -7.321  6.634   4.997   1.00 19.56 ? 112 ILE A O   1 
ATOM   893  C  CB  . ILE A 1 112 ? -7.686  5.649   1.842   1.00 18.64 ? 112 ILE A CB  1 
ATOM   894  C  CG1 . ILE A 1 112 ? -6.965  6.147   0.584   1.00 18.95 ? 112 ILE A CG1 1 
ATOM   895  C  CG2 . ILE A 1 112 ? -8.832  6.582   2.245   1.00 19.07 ? 112 ILE A CG2 1 
ATOM   896  C  CD1 . ILE A 1 112 ? -7.234  5.327   -0.655  1.00 19.16 ? 112 ILE A CD1 1 
ATOM   897  N  N   . HIS A 1 113 ? -7.861  4.446   4.785   1.00 21.11 ? 113 HIS A N   1 
ATOM   898  C  CA  . HIS A 1 113 ? -8.529  4.355   6.063   1.00 22.51 ? 113 HIS A CA  1 
ATOM   899  C  C   . HIS A 1 113 ? -7.615  4.740   7.227   1.00 22.70 ? 113 HIS A C   1 
ATOM   900  O  O   . HIS A 1 113 ? -8.033  5.423   8.162   1.00 23.00 ? 113 HIS A O   1 
ATOM   901  C  CB  . HIS A 1 113 ? -9.052  2.943   6.295   1.00 23.81 ? 113 HIS A CB  1 
ATOM   902  C  CG  . HIS A 1 113 ? -9.438  2.702   7.712   1.00 25.59 ? 113 HIS A CG  1 
ATOM   903  N  ND1 . HIS A 1 113 ? -10.649 3.105   8.230   1.00 26.92 ? 113 HIS A ND1 1 
ATOM   904  C  CD2 . HIS A 1 113 ? -8.733  2.193   8.749   1.00 26.64 ? 113 HIS A CD2 1 
ATOM   905  C  CE1 . HIS A 1 113 ? -10.689 2.815   9.518   1.00 27.52 ? 113 HIS A CE1 1 
ATOM   906  N  NE2 . HIS A 1 113 ? -9.539  2.261   9.858   1.00 27.62 ? 113 HIS A NE2 1 
ATOM   907  N  N   . VAL A 1 114 ? -6.378  4.267   7.178   1.00 21.98 ? 114 VAL A N   1 
ATOM   908  C  CA  . VAL A 1 114 ? -5.415  4.538   8.241   1.00 21.85 ? 114 VAL A CA  1 
ATOM   909  C  C   . VAL A 1 114 ? -4.888  5.970   8.159   1.00 22.65 ? 114 VAL A C   1 
ATOM   910  O  O   . VAL A 1 114 ? -4.706  6.594   9.199   1.00 23.02 ? 114 VAL A O   1 
ATOM   911  C  CB  . VAL A 1 114 ? -4.276  3.480   8.256   1.00 20.73 ? 114 VAL A CB  1 
ATOM   912  C  CG1 . VAL A 1 114 ? -3.142  3.820   9.234   1.00 20.63 ? 114 VAL A CG1 1 
ATOM   913  C  CG2 . VAL A 1 114 ? -4.866  2.124   8.612   1.00 20.14 ? 114 VAL A CG2 1 
ATOM   914  N  N   . LEU A 1 115 ? -4.628  6.472   6.948   1.00 24.06 ? 115 LEU A N   1 
ATOM   915  C  CA  . LEU A 1 115 ? -4.067  7.815   6.793   1.00 25.57 ? 115 LEU A CA  1 
ATOM   916  C  C   . LEU A 1 115 ? -5.095  8.767   7.269   1.00 27.20 ? 115 LEU A C   1 
ATOM   917  O  O   . LEU A 1 115 ? -4.773  9.789   7.854   1.00 27.94 ? 115 LEU A O   1 
ATOM   918  C  CB  . LEU A 1 115 ? -3.742  8.170   5.351   1.00 25.33 ? 115 LEU A CB  1 
ATOM   919  C  CG  . LEU A 1 115 ? -2.588  7.435   4.692   1.00 25.94 ? 115 LEU A CG  1 
ATOM   920  C  CD1 . LEU A 1 115 ? -2.094  8.232   3.494   1.00 26.01 ? 115 LEU A CD1 1 
ATOM   921  C  CD2 . LEU A 1 115 ? -1.454  7.150   5.660   1.00 26.13 ? 115 LEU A CD2 1 
ATOM   922  N  N   . HIS A 1 116 ? -6.346  8.422   7.020   1.00 29.67 ? 116 HIS A N   1 
ATOM   923  C  CA  . HIS A 1 116 ? -7.420  9.245   7.490   1.00 31.45 ? 116 HIS A CA  1 
ATOM   924  C  C   . HIS A 1 116 ? -7.378  9.282   9.019   1.00 32.19 ? 116 HIS A C   1 
ATOM   925  O  O   . HIS A 1 116 ? -7.374  10.358  9.631   1.00 31.67 ? 116 HIS A O   1 
ATOM   926  C  CB  . HIS A 1 116 ? -8.757  8.732   6.973   1.00 33.20 ? 116 HIS A CB  1 
ATOM   927  C  CG  . HIS A 1 116 ? -9.897  9.582   7.405   1.00 34.47 ? 116 HIS A CG  1 
ATOM   928  N  ND1 . HIS A 1 116 ? -10.253 10.738  6.746   1.00 35.67 ? 116 HIS A ND1 1 
ATOM   929  C  CD2 . HIS A 1 116 ? -10.696 9.502   8.491   1.00 35.73 ? 116 HIS A CD2 1 
ATOM   930  C  CE1 . HIS A 1 116 ? -11.260 11.309  7.382   1.00 36.29 ? 116 HIS A CE1 1 
ATOM   931  N  NE2 . HIS A 1 116 ? -11.551 10.576  8.442   1.00 36.88 ? 116 HIS A NE2 1 
ATOM   932  N  N   . SER A 1 117 ? -7.289  8.092   9.605   1.00 32.27 ? 117 SER A N   1 
ATOM   933  C  CA  . SER A 1 117 ? -7.264  7.875   11.058  1.00 33.11 ? 117 SER A CA  1 
ATOM   934  C  C   . SER A 1 117 ? -6.082  8.572   11.810  1.00 32.50 ? 117 SER A C   1 
ATOM   935  O  O   . SER A 1 117 ? -6.243  9.089   12.921  1.00 33.49 ? 117 SER A O   1 
ATOM   936  C  CB  . SER A 1 117 ? -7.291  6.353   11.305  1.00 33.52 ? 117 SER A CB  1 
ATOM   937  O  OG  . SER A 1 117 ? -7.578  6.049   12.649  1.00 35.67 ? 117 SER A OG  1 
ATOM   938  N  N   . ARG A 1 118 ? -4.921  8.679   11.179  1.00 30.58 ? 118 ARG A N   1 
ATOM   939  C  CA  . ARG A 1 118 ? -3.756  9.241   11.858  1.00 30.15 ? 118 ARG A CA  1 
ATOM   940  C  C   . ARG A 1 118 ? -3.321  10.708  11.504  1.00 30.25 ? 118 ARG A C   1 
ATOM   941  O  O   . ARG A 1 118 ? -2.464  11.289  12.180  1.00 29.88 ? 118 ARG A O   1 
ATOM   942  C  CB  . ARG A 1 118 ? -2.648  8.225   11.683  1.00 29.90 ? 118 ARG A CB  1 
ATOM   943  C  CG  . ARG A 1 118 ? -3.113  6.870   12.216  1.00 29.46 ? 118 ARG A CG  1 
ATOM   944  C  CD  . ARG A 1 118 ? -2.076  5.783   12.080  1.00 29.19 ? 118 ARG A CD  1 
ATOM   945  N  NE  . ARG A 1 118 ? -0.790  6.220   12.610  1.00 29.40 ? 118 ARG A NE  1 
ATOM   946  C  CZ  . ARG A 1 118 ? 0.053   5.498   13.344  1.00 29.11 ? 118 ARG A CZ  1 
ATOM   947  N  NH1 . ARG A 1 118 ? -0.197  4.238   13.693  1.00 29.59 ? 118 ARG A NH1 1 
ATOM   948  N  NH2 . ARG A 1 118 ? 1.180   6.068   13.752  1.00 28.87 ? 118 ARG A NH2 1 
ATOM   949  N  N   . HIS A 1 119 ? -3.890  11.303  10.464  1.00 29.74 ? 119 HIS A N   1 
ATOM   950  C  CA  . HIS A 1 119 ? -3.566  12.688  10.120  1.00 30.76 ? 119 HIS A CA  1 
ATOM   951  C  C   . HIS A 1 119 ? -4.798  13.336  9.564   1.00 31.28 ? 119 HIS A C   1 
ATOM   952  O  O   . HIS A 1 119 ? -4.796  13.829  8.434   1.00 30.80 ? 119 HIS A O   1 
ATOM   953  C  CB  . HIS A 1 119 ? -2.423  12.759  9.107   1.00 30.46 ? 119 HIS A CB  1 
ATOM   954  C  CG  . HIS A 1 119 ? -1.389  11.712  9.314   1.00 30.21 ? 119 HIS A CG  1 
ATOM   955  N  ND1 . HIS A 1 119 ? -0.433  11.795  10.300  1.00 29.56 ? 119 HIS A ND1 1 
ATOM   956  C  CD2 . HIS A 1 119 ? -1.204  10.523  8.705   1.00 29.87 ? 119 HIS A CD2 1 
ATOM   957  C  CE1 . HIS A 1 119 ? 0.326   10.719  10.259  1.00 29.89 ? 119 HIS A CE1 1 
ATOM   958  N  NE2 . HIS A 1 119 ? -0.126  9.931   9.301   1.00 29.86 ? 119 HIS A NE2 1 
ATOM   959  N  N   . PRO A 1 120 ? -5.876  13.314  10.350  1.00 32.55 ? 120 PRO A N   1 
ATOM   960  C  CA  . PRO A 1 120 ? -7.034  14.100  9.939   1.00 32.67 ? 120 PRO A CA  1 
ATOM   961  C  C   . PRO A 1 120 ? -6.660  15.433  9.203   1.00 32.75 ? 120 PRO A C   1 
ATOM   962  O  O   . PRO A 1 120 ? -7.052  15.619  8.035   1.00 32.21 ? 120 PRO A O   1 
ATOM   963  C  CB  . PRO A 1 120 ? -7.756  14.341  11.269  1.00 32.85 ? 120 PRO A CB  1 
ATOM   964  C  CG  . PRO A 1 120 ? -7.446  13.116  12.080  1.00 32.80 ? 120 PRO A CG  1 
ATOM   965  C  CD  . PRO A 1 120 ? -6.090  12.624  11.642  1.00 32.23 ? 120 PRO A CD  1 
ATOM   966  N  N   . GLY A 1 121 ? -5.843  16.273  9.854   1.00 32.61 ? 121 GLY A N   1 
ATOM   967  C  CA  . GLY A 1 121 ? -5.540  17.651  9.420   1.00 32.45 ? 121 GLY A CA  1 
ATOM   968  C  C   . GLY A 1 121 ? -4.731  17.841  8.148   1.00 32.94 ? 121 GLY A C   1 
ATOM   969  O  O   . GLY A 1 121 ? -4.792  18.918  7.545   1.00 33.75 ? 121 GLY A O   1 
ATOM   970  N  N   . ASN A 1 122 ? -3.965  16.822  7.743   1.00 32.67 ? 122 ASN A N   1 
ATOM   971  C  CA  . ASN A 1 122 ? -3.227  16.836  6.454   1.00 32.31 ? 122 ASN A CA  1 
ATOM   972  C  C   . ASN A 1 122 ? -3.800  15.812  5.480   1.00 30.39 ? 122 ASN A C   1 
ATOM   973  O  O   . ASN A 1 122 ? -3.131  15.417  4.514   1.00 30.56 ? 122 ASN A O   1 
ATOM   974  C  CB  . ASN A 1 122 ? -1.725  16.569  6.658   1.00 33.48 ? 122 ASN A CB  1 
ATOM   975  C  CG  . ASN A 1 122 ? -1.185  17.238  7.902   1.00 34.74 ? 122 ASN A CG  1 
ATOM   976  O  OD1 . ASN A 1 122 ? -1.062  18.459  7.949   1.00 34.39 ? 122 ASN A OD1 1 
ATOM   977  N  ND2 . ASN A 1 122 ? -0.902  16.441  8.938   1.00 35.56 ? 122 ASN A ND2 1 
ATOM   978  N  N   . PHE A 1 123 ? -5.029  15.369  5.756   1.00 28.95 ? 123 PHE A N   1 
ATOM   979  C  CA  . PHE A 1 123 ? -5.719  14.388  4.915   1.00 27.49 ? 123 PHE A CA  1 
ATOM   980  C  C   . PHE A 1 123 ? -7.217  14.691  4.861   1.00 26.99 ? 123 PHE A C   1 
ATOM   981  O  O   . PHE A 1 123 ? -8.079  13.825  5.051   1.00 27.93 ? 123 PHE A O   1 
ATOM   982  C  CB  . PHE A 1 123 ? -5.415  12.953  5.370   1.00 26.52 ? 123 PHE A CB  1 
ATOM   983  C  CG  . PHE A 1 123 ? -5.546  11.920  4.281   1.00 25.21 ? 123 PHE A CG  1 
ATOM   984  C  CD1 . PHE A 1 123 ? -4.663  11.905  3.203   1.00 25.12 ? 123 PHE A CD1 1 
ATOM   985  C  CD2 . PHE A 1 123 ? -6.547  10.954  4.343   1.00 24.97 ? 123 PHE A CD2 1 
ATOM   986  C  CE1 . PHE A 1 123 ? -4.772  10.935  2.210   1.00 25.04 ? 123 PHE A CE1 1 
ATOM   987  C  CE2 . PHE A 1 123 ? -6.670  9.997   3.356   1.00 24.48 ? 123 PHE A CE2 1 
ATOM   988  C  CZ  . PHE A 1 123 ? -5.781  9.980   2.293   1.00 24.86 ? 123 PHE A CZ  1 
ATOM   989  N  N   . GLY A 1 124 ? -7.512  15.949  4.561   1.00 26.14 ? 124 GLY A N   1 
ATOM   990  C  CA  . GLY A 1 124 ? -8.845  16.334  4.127   1.00 25.33 ? 124 GLY A CA  1 
ATOM   991  C  C   . GLY A 1 124 ? -9.202  15.672  2.808   1.00 24.87 ? 124 GLY A C   1 
ATOM   992  O  O   . GLY A 1 124 ? -8.389  14.956  2.213   1.00 23.95 ? 124 GLY A O   1 
ATOM   993  N  N   . ALA A 1 125 ? -10.421 15.926  2.337   1.00 23.81 ? 125 ALA A N   1 
ATOM   994  C  CA  . ALA A 1 125 ? -10.946 15.265  1.141   1.00 23.25 ? 125 ALA A CA  1 
ATOM   995  C  C   . ALA A 1 125 ? -10.099 15.530  -0.091  1.00 22.36 ? 125 ALA A C   1 
ATOM   996  O  O   . ALA A 1 125 ? -10.049 14.712  -0.989  1.00 22.86 ? 125 ALA A O   1 
ATOM   997  C  CB  . ALA A 1 125 ? -12.381 15.700  0.880   1.00 23.43 ? 125 ALA A CB  1 
ATOM   998  N  N   . ASP A 1 126 ? -9.449  16.681  -0.137  1.00 21.22 ? 126 ASP A N   1 
ATOM   999  C  CA  . ASP A 1 126 ? -8.589  17.009  -1.271  1.00 20.89 ? 126 ASP A CA  1 
ATOM   1000 C  C   . ASP A 1 126 ? -7.367  16.083  -1.311  1.00 19.43 ? 126 ASP A C   1 
ATOM   1001 O  O   . ASP A 1 126 ? -6.991  15.512  -2.352  1.00 19.32 ? 126 ASP A O   1 
ATOM   1002 C  CB  . ASP A 1 126 ? -8.191  18.510  -1.259  1.00 21.44 ? 126 ASP A CB  1 
ATOM   1003 C  CG  . ASP A 1 126 ? -7.411  18.948  -0.001  1.00 22.11 ? 126 ASP A CG  1 
ATOM   1004 O  OD1 . ASP A 1 126 ? -7.448  18.272  1.054   1.00 23.60 ? 126 ASP A OD1 1 
ATOM   1005 O  OD2 . ASP A 1 126 ? -6.753  20.008  -0.069  1.00 23.13 ? 126 ASP A OD2 1 
ATOM   1006 N  N   . ALA A 1 127 ? -6.758  15.926  -0.154  1.00 17.95 ? 127 ALA A N   1 
ATOM   1007 C  CA  . ALA A 1 127 ? -5.596  15.075  -0.049  1.00 17.23 ? 127 ALA A CA  1 
ATOM   1008 C  C   . ALA A 1 127 ? -6.000  13.617  -0.247  1.00 16.64 ? 127 ALA A C   1 
ATOM   1009 O  O   . ALA A 1 127 ? -5.266  12.831  -0.828  1.00 16.24 ? 127 ALA A O   1 
ATOM   1010 C  CB  . ALA A 1 127 ? -4.960  15.262  1.302   1.00 17.12 ? 127 ALA A CB  1 
ATOM   1011 N  N   . GLN A 1 128 ? -7.165  13.248  0.258   1.00 16.37 ? 128 GLN A N   1 
ATOM   1012 C  CA  . GLN A 1 128 ? -7.689  11.909  0.041   1.00 16.30 ? 128 GLN A CA  1 
ATOM   1013 C  C   . GLN A 1 128 ? -7.911  11.602  -1.456  1.00 15.73 ? 128 GLN A C   1 
ATOM   1014 O  O   . GLN A 1 128 ? -7.556  10.521  -1.965  1.00 15.51 ? 128 GLN A O   1 
ATOM   1015 C  CB  . GLN A 1 128 ? -8.979  11.769  0.842   1.00 17.20 ? 128 GLN A CB  1 
ATOM   1016 C  CG  . GLN A 1 128 ? -9.647  10.412  0.716   1.00 18.12 ? 128 GLN A CG  1 
ATOM   1017 C  CD  . GLN A 1 128 ? -11.017 10.358  1.381   1.00 18.92 ? 128 GLN A CD  1 
ATOM   1018 O  OE1 . GLN A 1 128 ? -11.337 11.172  2.252   1.00 19.96 ? 128 GLN A OE1 1 
ATOM   1019 N  NE2 . GLN A 1 128 ? -11.836 9.392   0.969   1.00 19.21 ? 128 GLN A NE2 1 
ATOM   1020 N  N   . GLY A 1 129 ? -8.458  12.580  -2.168  1.00 15.17 ? 129 GLY A N   1 
ATOM   1021 C  CA  . GLY A 1 129 ? -8.631  12.473  -3.617  1.00 15.04 ? 129 GLY A CA  1 
ATOM   1022 C  C   . GLY A 1 129 ? -7.316  12.325  -4.347  1.00 14.24 ? 129 GLY A C   1 
ATOM   1023 O  O   . GLY A 1 129 ? -7.186  11.497  -5.251  1.00 14.06 ? 129 GLY A O   1 
ATOM   1024 N  N   . ALA A 1 130 ? -6.328  13.106  -3.926  1.00 13.99 ? 130 ALA A N   1 
ATOM   1025 C  CA  . ALA A 1 130 ? -5.005  13.056  -4.541  1.00 13.79 ? 130 ALA A CA  1 
ATOM   1026 C  C   . ALA A 1 130 ? -4.343  11.685  -4.316  1.00 13.46 ? 130 ALA A C   1 
ATOM   1027 O  O   . ALA A 1 130 ? -3.883  11.037  -5.267  1.00 13.13 ? 130 ALA A O   1 
ATOM   1028 C  CB  . ALA A 1 130 ? -4.137  14.185  -4.007  1.00 13.53 ? 130 ALA A CB  1 
ATOM   1029 N  N   . MET A 1 131 ? -4.351  11.243  -3.062  1.00 13.64 ? 131 MET A N   1 
ATOM   1030 C  CA  . MET A 1 131 ? -3.892  9.904   -2.709  1.00 14.20 ? 131 MET A CA  1 
ATOM   1031 C  C   . MET A 1 131 ? -4.634  8.791   -3.487  1.00 14.47 ? 131 MET A C   1 
ATOM   1032 O  O   . MET A 1 131 ? -3.982  7.905   -4.031  1.00 13.64 ? 131 MET A O   1 
ATOM   1033 C  CB  . MET A 1 131 ? -3.947  9.677   -1.194  1.00 14.76 ? 131 MET A CB  1 
ATOM   1034 C  CG  . MET A 1 131 ? -3.309  8.363   -0.765  1.00 14.99 ? 131 MET A CG  1 
ATOM   1035 S  SD  . MET A 1 131 ? -1.531  8.318   -1.082  1.00 15.67 ? 131 MET A SD  1 
ATOM   1036 C  CE  . MET A 1 131 ? -1.058  9.520   0.141   1.00 15.51 ? 131 MET A CE  1 
ATOM   1037 N  N   . ASN A 1 132 ? -5.965  8.869   -3.596  1.00 15.30 ? 132 ASN A N   1 
ATOM   1038 C  CA  . ASN A 1 132 ? -6.736  7.944   -4.435  1.00 16.03 ? 132 ASN A CA  1 
ATOM   1039 C  C   . ASN A 1 132 ? -6.164  7.880   -5.818  1.00 15.34 ? 132 ASN A C   1 
ATOM   1040 O  O   . ASN A 1 132 ? -5.894  6.809   -6.333  1.00 14.87 ? 132 ASN A O   1 
ATOM   1041 C  CB  . ASN A 1 132 ? -8.181  8.399   -4.577  1.00 17.46 ? 132 ASN A CB  1 
ATOM   1042 C  CG  . ASN A 1 132 ? -9.037  7.986   -3.419  1.00 18.99 ? 132 ASN A CG  1 
ATOM   1043 O  OD1 . ASN A 1 132 ? -8.619  7.204   -2.573  1.00 20.10 ? 132 ASN A OD1 1 
ATOM   1044 N  ND2 . ASN A 1 132 ? -10.272 8.492   -3.386  1.00 20.31 ? 132 ASN A ND2 1 
ATOM   1045 N  N   . LYS A 1 133 ? -5.934  9.047   -6.405  1.00 15.16 ? 133 LYS A N   1 
ATOM   1046 C  CA  . LYS A 1 133 ? -5.394  9.110   -7.765  1.00 14.97 ? 133 LYS A CA  1 
ATOM   1047 C  C   . LYS A 1 133 ? -4.021  8.494   -7.912  1.00 13.97 ? 133 LYS A C   1 
ATOM   1048 O  O   . LYS A 1 133 ? -3.752  7.825   -8.898  1.00 13.02 ? 133 LYS A O   1 
ATOM   1049 C  CB  . LYS A 1 133 ? -5.283  10.543  -8.266  1.00 16.18 ? 133 LYS A CB  1 
ATOM   1050 C  CG  . LYS A 1 133 ? -6.603  11.158  -8.684  1.00 17.08 ? 133 LYS A CG  1 
ATOM   1051 C  CD  . LYS A 1 133 ? -6.414  12.560  -9.273  1.00 18.17 ? 133 LYS A CD  1 
ATOM   1052 C  CE  . LYS A 1 133 ? -5.741  12.554  -10.647 1.00 19.03 ? 133 LYS A CE  1 
ATOM   1053 N  NZ  . LYS A 1 133 ? -5.986  13.818  -11.406 1.00 19.83 ? 133 LYS A NZ  1 
ATOM   1054 N  N   . ALA A 1 134 ? -3.130  8.791   -6.979  1.00 13.27 ? 134 ALA A N   1 
ATOM   1055 C  CA  . ALA A 1 134 ? -1.778  8.224   -7.030  1.00 12.95 ? 134 ALA A CA  1 
ATOM   1056 C  C   . ALA A 1 134 ? -1.776  6.699   -6.953  1.00 12.92 ? 134 ALA A C   1 
ATOM   1057 O  O   . ALA A 1 134 ? -0.977  6.037   -7.629  1.00 12.48 ? 134 ALA A O   1 
ATOM   1058 C  CB  . ALA A 1 134 ? -0.942  8.777   -5.906  1.00 12.66 ? 134 ALA A CB  1 
ATOM   1059 N  N   . LEU A 1 135 ? -2.623  6.176   -6.069  1.00 13.22 ? 135 LEU A N   1 
ATOM   1060 C  CA  . LEU A 1 135 ? -2.777  4.730   -5.865  1.00 13.82 ? 135 LEU A CA  1 
ATOM   1061 C  C   . LEU A 1 135 ? -3.421  4.017   -7.074  1.00 14.46 ? 135 LEU A C   1 
ATOM   1062 O  O   . LEU A 1 135 ? -3.009  2.913   -7.470  1.00 14.02 ? 135 LEU A O   1 
ATOM   1063 C  CB  . LEU A 1 135 ? -3.555  4.487   -4.569  1.00 13.91 ? 135 LEU A CB  1 
ATOM   1064 C  CG  . LEU A 1 135 ? -2.758  4.937   -3.340  1.00 14.06 ? 135 LEU A CG  1 
ATOM   1065 C  CD1 . LEU A 1 135 ? -3.546  4.675   -2.079  1.00 14.25 ? 135 LEU A CD1 1 
ATOM   1066 C  CD2 . LEU A 1 135 ? -1.396  4.265   -3.262  1.00 14.16 ? 135 LEU A CD2 1 
ATOM   1067 N  N   . GLU A 1 136 ? -4.371  4.696   -7.690  1.00 15.63 ? 136 GLU A N   1 
ATOM   1068 C  CA  . GLU A 1 136 ? -4.985  4.230   -8.921  1.00 17.06 ? 136 GLU A CA  1 
ATOM   1069 C  C   . GLU A 1 136 ? -3.993  4.168   -10.061 1.00 16.47 ? 136 GLU A C   1 
ATOM   1070 O  O   . GLU A 1 136 ? -3.994  3.222   -10.823 1.00 16.05 ? 136 GLU A O   1 
ATOM   1071 C  CB  . GLU A 1 136 ? -6.095  5.173   -9.308  1.00 18.66 ? 136 GLU A CB  1 
ATOM   1072 C  CG  . GLU A 1 136 ? -7.252  5.085   -8.354  1.00 20.38 ? 136 GLU A CG  1 
ATOM   1073 C  CD  . GLU A 1 136 ? -8.462  5.787   -8.891  1.00 22.53 ? 136 GLU A CD  1 
ATOM   1074 O  OE1 . GLU A 1 136 ? -8.527  7.035   -8.796  1.00 24.48 ? 136 GLU A OE1 1 
ATOM   1075 O  OE2 . GLU A 1 136 ? -9.338  5.071   -9.419  1.00 25.18 ? 136 GLU A OE2 1 
ATOM   1076 N  N   . LEU A 1 137 ? -3.168  5.207   -10.180 1.00 16.76 ? 137 LEU A N   1 
ATOM   1077 C  CA  . LEU A 1 137 ? -2.113  5.256   -11.206 1.00 16.95 ? 137 LEU A CA  1 
ATOM   1078 C  C   . LEU A 1 137 ? -1.193  4.023   -11.065 1.00 17.07 ? 137 LEU A C   1 
ATOM   1079 O  O   . LEU A 1 137 ? -0.910  3.304   -12.034 1.00 17.01 ? 137 LEU A O   1 
ATOM   1080 C  CB  . LEU A 1 137 ? -1.314  6.583   -11.085 1.00 17.32 ? 137 LEU A CB  1 
ATOM   1081 C  CG  . LEU A 1 137 ? -0.012  6.791   -11.881 1.00 17.74 ? 137 LEU A CG  1 
ATOM   1082 C  CD1 . LEU A 1 137 ? -0.259  6.510   -13.354 1.00 18.15 ? 137 LEU A CD1 1 
ATOM   1083 C  CD2 . LEU A 1 137 ? 0.584   8.187   -11.678 1.00 17.80 ? 137 LEU A CD2 1 
ATOM   1084 N  N   . PHE A 1 138 ? -0.756  3.792   -9.836  1.00 17.08 ? 138 PHE A N   1 
ATOM   1085 C  CA  . PHE A 1 138 ? 0.075   2.653   -9.508  1.00 18.52 ? 138 PHE A CA  1 
ATOM   1086 C  C   . PHE A 1 138 ? -0.624  1.360   -9.922  1.00 17.89 ? 138 PHE A C   1 
ATOM   1087 O  O   . PHE A 1 138 ? -0.019  0.531   -10.590 1.00 17.08 ? 138 PHE A O   1 
ATOM   1088 C  CB  . PHE A 1 138 ? 0.414   2.709   -8.012  1.00 19.76 ? 138 PHE A CB  1 
ATOM   1089 C  CG  . PHE A 1 138 ? 0.967   1.440   -7.430  1.00 21.78 ? 138 PHE A CG  1 
ATOM   1090 C  CD1 . PHE A 1 138 ? 2.215   0.961   -7.813  1.00 23.27 ? 138 PHE A CD1 1 
ATOM   1091 C  CD2 . PHE A 1 138 ? 0.273   0.768   -6.414  1.00 23.15 ? 138 PHE A CD2 1 
ATOM   1092 C  CE1 . PHE A 1 138 ? 2.738   -0.193  -7.233  1.00 23.89 ? 138 PHE A CE1 1 
ATOM   1093 C  CE2 . PHE A 1 138 ? 0.784   -0.389  -5.842  1.00 24.15 ? 138 PHE A CE2 1 
ATOM   1094 C  CZ  . PHE A 1 138 ? 2.021   -0.869  -6.250  1.00 24.13 ? 138 PHE A CZ  1 
ATOM   1095 N  N   . ARG A 1 139 ? -1.903  1.225   -9.573  1.00 17.77 ? 139 ARG A N   1 
ATOM   1096 C  CA  . ARG A 1 139 ? -2.667  0.000   -9.910  1.00 18.29 ? 139 ARG A CA  1 
ATOM   1097 C  C   . ARG A 1 139 ? -2.782  -0.214  -11.413 1.00 18.03 ? 139 ARG A C   1 
ATOM   1098 O  O   . ARG A 1 139 ? -2.689  -1.349  -11.919 1.00 17.39 ? 139 ARG A O   1 
ATOM   1099 C  CB  . ARG A 1 139 ? -4.082  0.060   -9.341  1.00 18.81 ? 139 ARG A CB  1 
ATOM   1100 C  CG  . ARG A 1 139 ? -4.173  -0.341  -7.892  1.00 19.75 ? 139 ARG A CG  1 
ATOM   1101 C  CD  . ARG A 1 139 ? -5.507  -1.008  -7.607  1.00 19.93 ? 139 ARG A CD  1 
ATOM   1102 N  NE  . ARG A 1 139 ? -6.683  -0.177  -7.848  1.00 19.76 ? 139 ARG A NE  1 
ATOM   1103 C  CZ  . ARG A 1 139 ? -7.005  0.938   -7.187  1.00 19.68 ? 139 ARG A CZ  1 
ATOM   1104 N  NH1 . ARG A 1 139 ? -6.222  1.466   -6.238  1.00 19.74 ? 139 ARG A NH1 1 
ATOM   1105 N  NH2 . ARG A 1 139 ? -8.138  1.562   -7.502  1.00 19.48 ? 139 ARG A NH2 1 
ATOM   1106 N  N   . LYS A 1 140 ? -3.037  0.890   -12.100 1.00 18.36 ? 140 LYS A N   1 
ATOM   1107 C  CA  . LYS A 1 140 ? -3.218  0.884   -13.536 1.00 19.04 ? 140 LYS A CA  1 
ATOM   1108 C  C   . LYS A 1 140 ? -1.948  0.397   -14.192 1.00 18.87 ? 140 LYS A C   1 
ATOM   1109 O  O   . LYS A 1 140 ? -1.988  -0.515  -15.029 1.00 18.30 ? 140 LYS A O   1 
ATOM   1110 C  CB  . LYS A 1 140 ? -3.546  2.275   -14.032 1.00 20.34 ? 140 LYS A CB  1 
ATOM   1111 C  CG  . LYS A 1 140 ? -3.831  2.305   -15.515 1.00 22.02 ? 140 LYS A CG  1 
ATOM   1112 C  CD  . LYS A 1 140 ? -3.837  3.723   -16.056 1.00 23.59 ? 140 LYS A CD  1 
ATOM   1113 C  CE  . LYS A 1 140 ? -2.430  4.275   -16.275 1.00 25.26 ? 140 LYS A CE  1 
ATOM   1114 N  NZ  . LYS A 1 140 ? -1.576  3.388   -17.121 1.00 26.56 ? 140 LYS A NZ  1 
ATOM   1115 N  N   . ASP A 1 141 ? -0.825  0.956   -13.760 1.00 18.46 ? 141 ASP A N   1 
ATOM   1116 C  CA  . ASP A 1 141 ? 0.472   0.575   -14.314 1.00 18.93 ? 141 ASP A CA  1 
ATOM   1117 C  C   . ASP A 1 141 ? 0.869   -0.857  -13.983 1.00 18.86 ? 141 ASP A C   1 
ATOM   1118 O  O   . ASP A 1 141 ? 1.398   -1.579  -14.825 1.00 18.61 ? 141 ASP A O   1 
ATOM   1119 C  CB  . ASP A 1 141 ? 1.534   1.559   -13.875 1.00 19.40 ? 141 ASP A CB  1 
ATOM   1120 C  CG  . ASP A 1 141 ? 1.382   2.884   -14.536 1.00 19.80 ? 141 ASP A CG  1 
ATOM   1121 O  OD1 . ASP A 1 141 ? 0.593   2.989   -15.490 1.00 21.12 ? 141 ASP A OD1 1 
ATOM   1122 O  OD2 . ASP A 1 141 ? 2.059   3.833   -14.122 1.00 19.79 ? 141 ASP A OD2 1 
ATOM   1123 N  N   . ILE A 1 142 ? 0.557   -1.303  -12.780 1.00 18.67 ? 142 ILE A N   1 
ATOM   1124 C  CA  . ILE A 1 142 ? 0.801   -2.693  -12.438 1.00 18.57 ? 142 ILE A CA  1 
ATOM   1125 C  C   . ILE A 1 142 ? -0.062  -3.624  -13.303 1.00 18.05 ? 142 ILE A C   1 
ATOM   1126 O  O   . ILE A 1 142 ? 0.403   -4.685  -13.730 1.00 17.83 ? 142 ILE A O   1 
ATOM   1127 C  CB  . ILE A 1 142 ? 0.545   -2.935  -10.934 1.00 18.90 ? 142 ILE A CB  1 
ATOM   1128 C  CG1 . ILE A 1 142 ? 1.659   -2.293  -10.113 1.00 19.53 ? 142 ILE A CG1 1 
ATOM   1129 C  CG2 . ILE A 1 142 ? 0.452   -4.419  -10.607 1.00 19.10 ? 142 ILE A CG2 1 
ATOM   1130 C  CD1 . ILE A 1 142 ? 3.026   -2.917  -10.320 1.00 20.31 ? 142 ILE A CD1 1 
ATOM   1131 N  N   . ALA A 1 143 ? -1.307  -3.220  -13.545 1.00 17.30 ? 143 ALA A N   1 
ATOM   1132 C  CA  . ALA A 1 143 ? -2.289  -4.069  -14.219 1.00 17.55 ? 143 ALA A CA  1 
ATOM   1133 C  C   . ALA A 1 143 ? -1.854  -4.297  -15.636 1.00 17.74 ? 143 ALA A C   1 
ATOM   1134 O  O   . ALA A 1 143 ? -2.033  -5.382  -16.198 1.00 17.49 ? 143 ALA A O   1 
ATOM   1135 C  CB  . ALA A 1 143 ? -3.660  -3.420  -14.199 1.00 17.46 ? 143 ALA A CB  1 
ATOM   1136 N  N   . ALA A 1 144 ? -1.258  -3.257  -16.199 1.00 17.83 ? 144 ALA A N   1 
ATOM   1137 C  CA  . ALA A 1 144 ? -0.744  -3.336  -17.548 1.00 18.82 ? 144 ALA A CA  1 
ATOM   1138 C  C   . ALA A 1 144 ? 0.360   -4.400  -17.681 1.00 19.62 ? 144 ALA A C   1 
ATOM   1139 O  O   . ALA A 1 144 ? 0.367   -5.164  -18.651 1.00 19.15 ? 144 ALA A O   1 
ATOM   1140 C  CB  . ALA A 1 144 ? -0.273  -1.961  -18.025 1.00 19.04 ? 144 ALA A CB  1 
ATOM   1141 N  N   . LYS A 1 145 ? 1.234   -4.515  -16.680 1.00 20.44 ? 145 LYS A N   1 
ATOM   1142 C  CA  . LYS A 1 145 ? 2.287   -5.547  -16.691 1.00 21.41 ? 145 LYS A CA  1 
ATOM   1143 C  C   . LYS A 1 145 ? 1.689   -6.930  -16.416 1.00 21.10 ? 145 LYS A C   1 
ATOM   1144 O  O   . LYS A 1 145 ? 2.071   -7.936  -17.036 1.00 21.13 ? 145 LYS A O   1 
ATOM   1145 C  CB  . LYS A 1 145 ? 3.366   -5.222  -15.666 1.00 22.66 ? 145 LYS A CB  1 
ATOM   1146 C  CG  . LYS A 1 145 ? 3.828   -3.766  -15.680 1.00 24.33 ? 145 LYS A CG  1 
ATOM   1147 C  CD  . LYS A 1 145 ? 5.272   -3.543  -16.103 1.00 26.10 ? 145 LYS A CD  1 
ATOM   1148 C  CE  . LYS A 1 145 ? 5.749   -2.178  -15.617 1.00 27.08 ? 145 LYS A CE  1 
ATOM   1149 N  NZ  . LYS A 1 145 ? 6.910   -1.630  -16.370 1.00 27.90 ? 145 LYS A NZ  1 
ATOM   1150 N  N   . TYR A 1 146 ? 0.720   -6.994  -15.513 1.00 21.06 ? 146 TYR A N   1 
ATOM   1151 C  CA  . TYR A 1 146 ? -0.045  -8.239  -15.351 1.00 21.06 ? 146 TYR A CA  1 
ATOM   1152 C  C   . TYR A 1 146 ? -0.602  -8.808  -16.673 1.00 21.79 ? 146 TYR A C   1 
ATOM   1153 O  O   . TYR A 1 146 ? -0.440  -10.005 -16.953 1.00 21.05 ? 146 TYR A O   1 
ATOM   1154 C  CB  . TYR A 1 146 ? -1.200  -8.048  -14.362 1.00 20.89 ? 146 TYR A CB  1 
ATOM   1155 C  CG  . TYR A 1 146 ? -0.863  -8.279  -12.891 1.00 20.93 ? 146 TYR A CG  1 
ATOM   1156 C  CD1 . TYR A 1 146 ? 0.329   -7.815  -12.320 1.00 20.50 ? 146 TYR A CD1 1 
ATOM   1157 C  CD2 . TYR A 1 146 ? -1.774  -8.929  -12.053 1.00 21.40 ? 146 TYR A CD2 1 
ATOM   1158 C  CE1 . TYR A 1 146 ? 0.602   -8.009  -10.967 1.00 20.59 ? 146 TYR A CE1 1 
ATOM   1159 C  CE2 . TYR A 1 146 ? -1.502  -9.131  -10.709 1.00 21.35 ? 146 TYR A CE2 1 
ATOM   1160 C  CZ  . TYR A 1 146 ? -0.320  -8.662  -10.164 1.00 20.95 ? 146 TYR A CZ  1 
ATOM   1161 O  OH  . TYR A 1 146 ? -0.056  -8.868  -8.823  1.00 22.14 ? 146 TYR A OH  1 
ATOM   1162 N  N   . LYS A 1 147 ? -1.314  -7.968  -17.428 1.00 23.06 ? 147 LYS A N   1 
ATOM   1163 C  CA  . LYS A 1 147 ? -1.921  -8.355  -18.709 1.00 24.30 ? 147 LYS A CA  1 
ATOM   1164 C  C   . LYS A 1 147 ? -0.846  -8.806  -19.702 1.00 24.59 ? 147 LYS A C   1 
ATOM   1165 O  O   . LYS A 1 147 ? -0.990  -9.850  -20.354 1.00 24.69 ? 147 LYS A O   1 
ATOM   1166 C  CB  . LYS A 1 147 ? -2.729  -7.189  -19.294 1.00 25.24 ? 147 LYS A CB  1 
ATOM   1167 C  CG  . LYS A 1 147 ? -3.534  -7.548  -20.540 1.00 26.59 ? 147 LYS A CG  1 
ATOM   1168 C  CD  . LYS A 1 147 ? -4.342  -6.359  -21.049 1.00 27.64 ? 147 LYS A CD  1 
ATOM   1169 C  CE  . LYS A 1 147 ? -5.161  -6.693  -22.300 1.00 28.85 ? 147 LYS A CE  1 
ATOM   1170 N  NZ  . LYS A 1 147 ? -4.361  -6.750  -23.561 1.00 29.43 ? 147 LYS A NZ  1 
ATOM   1171 N  N   . GLU A 1 148 ? 0.241   -8.041  -19.792 1.00 25.84 ? 148 GLU A N   1 
ATOM   1172 C  CA  . GLU A 1 148 ? 1.438   -8.452  -20.555 1.00 27.40 ? 148 GLU A CA  1 
ATOM   1173 C  C   . GLU A 1 148 ? 1.871   -9.905  -20.259 1.00 27.74 ? 148 GLU A C   1 
ATOM   1174 O  O   . GLU A 1 148 ? 2.071   -10.710 -21.181 1.00 27.99 ? 148 GLU A O   1 
ATOM   1175 C  CB  . GLU A 1 148 ? 2.588   -7.475  -20.273 1.00 28.95 ? 148 GLU A CB  1 
ATOM   1176 C  CG  . GLU A 1 148 ? 3.943   -7.871  -20.837 1.00 30.88 ? 148 GLU A CG  1 
ATOM   1177 C  CD  . GLU A 1 148 ? 5.004   -6.794  -20.650 1.00 32.03 ? 148 GLU A CD  1 
ATOM   1178 O  OE1 . GLU A 1 148 ? 4.755   -5.774  -19.966 1.00 32.46 ? 148 GLU A OE1 1 
ATOM   1179 O  OE2 . GLU A 1 148 ? 6.115   -6.976  -21.183 1.00 34.31 ? 148 GLU A OE2 1 
ATOM   1180 N  N   . LEU A 1 149 ? 1.971   -10.230 -18.970 1.00 26.51 ? 149 LEU A N   1 
ATOM   1181 C  CA  . LEU A 1 149 ? 2.410   -11.550 -18.483 1.00 27.01 ? 149 LEU A CA  1 
ATOM   1182 C  C   . LEU A 1 149 ? 1.344   -12.671 -18.502 1.00 26.71 ? 149 LEU A C   1 
ATOM   1183 O  O   . LEU A 1 149 ? 1.631   -13.804 -18.107 1.00 26.25 ? 149 LEU A O   1 
ATOM   1184 C  CB  . LEU A 1 149 ? 2.931   -11.394 -17.043 1.00 27.21 ? 149 LEU A CB  1 
ATOM   1185 C  CG  . LEU A 1 149 ? 4.115   -10.441 -16.844 1.00 27.85 ? 149 LEU A CG  1 
ATOM   1186 C  CD1 . LEU A 1 149 ? 4.327   -10.132 -15.366 1.00 27.84 ? 149 LEU A CD1 1 
ATOM   1187 C  CD2 . LEU A 1 149 ? 5.366   -11.035 -17.469 1.00 28.04 ? 149 LEU A CD2 1 
ATOM   1188 N  N   . GLY A 1 150 ? 0.120   -12.356 -18.924 1.00 27.13 ? 150 GLY A N   1 
ATOM   1189 C  CA  . GLY A 1 150 ? -0.980  -13.313 -18.958 1.00 28.20 ? 150 GLY A CA  1 
ATOM   1190 C  C   . GLY A 1 150 ? -1.732  -13.473 -17.647 1.00 29.40 ? 150 GLY A C   1 
ATOM   1191 O  O   . GLY A 1 150 ? -2.281  -14.538 -17.404 1.00 28.54 ? 150 GLY A O   1 
ATOM   1192 N  N   . TYR A 1 151 ? -1.715  -12.436 -16.799 1.00 31.43 ? 151 TYR A N   1 
ATOM   1193 C  CA  . TYR A 1 151 ? -2.632  -12.256 -15.654 1.00 32.92 ? 151 TYR A CA  1 
ATOM   1194 C  C   . TYR A 1 151 ? -3.447  -10.998 -15.954 1.00 33.32 ? 151 TYR A C   1 
ATOM   1195 O  O   . TYR A 1 151 ? -4.150  -10.471 -15.092 1.00 36.10 ? 151 TYR A O   1 
ATOM   1196 C  CB  . TYR A 1 151 ? -1.861  -12.072 -14.332 1.00 33.41 ? 151 TYR A CB  1 
ATOM   1197 C  CG  . TYR A 1 151 ? -0.772  -13.095 -14.141 1.00 33.62 ? 151 TYR A CG  1 
ATOM   1198 C  CD1 . TYR A 1 151 ? -0.946  -14.191 -13.281 1.00 34.49 ? 151 TYR A CD1 1 
ATOM   1199 C  CD2 . TYR A 1 151 ? 0.432   -12.993 -14.844 1.00 33.97 ? 151 TYR A CD2 1 
ATOM   1200 C  CE1 . TYR A 1 151 ? 0.057   -15.148 -13.117 1.00 34.26 ? 151 TYR A CE1 1 
ATOM   1201 C  CE2 . TYR A 1 151 ? 1.436   -13.947 -14.696 1.00 34.23 ? 151 TYR A CE2 1 
ATOM   1202 C  CZ  . TYR A 1 151 ? 1.248   -15.021 -13.830 1.00 34.83 ? 151 TYR A CZ  1 
ATOM   1203 O  OH  . TYR A 1 151 ? 2.241   -15.969 -13.680 1.00 35.56 ? 151 TYR A OH  1 
HETATM 1204 C  C4  . 6CO B 2 .   ? 3.658   -6.660  3.085   1.00 23.55 ? 201 6CO A C4  1 
HETATM 1205 C  C5  . 6CO B 2 .   ? 2.646   -6.250  2.227   1.00 23.40 ? 201 6CO A C5  1 
HETATM 1206 C  C6  . 6CO B 2 .   ? 2.748   -6.441  0.861   1.00 23.38 ? 201 6CO A C6  1 
HETATM 1207 C  CAB . 6CO B 2 .   ? 1.425   -2.447  -2.864  1.00 23.43 ? 201 6CO A CAB 1 
HETATM 1208 C  CAC . 6CO B 2 .   ? -1.191  -9.494  -0.764  1.00 22.84 ? 201 6CO A CAC 1 
HETATM 1209 C  C2  . 6CO B 2 .   ? 4.905   -7.441  1.180   1.00 23.69 ? 201 6CO A C2  1 
HETATM 1210 C  CAA . 6CO B 2 .   ? 9.588   -8.066  -1.273  1.00 25.03 ? 201 6CO A CAA 1 
HETATM 1211 O  O2D . 6CO B 2 .   ? 7.089   -14.001 2.461   1.00 29.31 ? 201 6CO A O2D 1 
HETATM 1212 C  CGD . 6CO B 2 .   ? 7.456   -12.925 1.939   1.00 27.83 ? 201 6CO A CGD 1 
HETATM 1213 O  O1D . 6CO B 2 .   ? 8.646   -12.570 2.069   1.00 29.35 ? 201 6CO A O1D 1 
HETATM 1214 C  CBD . 6CO B 2 .   ? 6.467   -12.044 1.210   1.00 26.72 ? 201 6CO A CBD 1 
HETATM 1215 C  CAD . 6CO B 2 .   ? 6.363   -12.309 -0.296  1.00 25.98 ? 201 6CO A CAD 1 
HETATM 1216 C  C3D . 6CO B 2 .   ? 5.305   -11.305 -0.581  1.00 24.48 ? 201 6CO A C3D 1 
HETATM 1217 C  C2D . 6CO B 2 .   ? 3.866   -11.527 -0.429  1.00 23.89 ? 201 6CO A C2D 1 
HETATM 1218 C  CMD . 6CO B 2 .   ? 3.137   -12.784 -0.067  1.00 23.65 ? 201 6CO A CMD 1 
HETATM 1219 C  C4D . 6CO B 2 .   ? 5.485   -9.885  -0.941  1.00 23.74 ? 201 6CO A C4D 1 
HETATM 1220 C  CHA . 6CO B 2 .   ? 6.786   -9.302  -1.131  1.00 23.92 ? 201 6CO A CHA 1 
HETATM 1221 N  ND  . 6CO B 2 .   ? 4.322   -9.271  -1.039  1.00 23.21 ? 201 6CO A ND  1 
HETATM 1222 C  C1D . 6CO B 2 .   ? 3.288   -10.225 -0.729  1.00 23.50 ? 201 6CO A C1D 1 
HETATM 1223 C  CHD . 6CO B 2 .   ? 1.851   -9.941  -0.684  1.00 23.44 ? 201 6CO A CHD 1 
HETATM 1224 FE FE  . 6CO B 2 .   ? 4.008   -7.266  -1.537  1.00 22.88 ? 201 6CO A FE  1 
HETATM 1225 N  NB  . 6CO B 2 .   ? 3.722   -5.259  -2.003  1.00 22.83 ? 201 6CO A NB  1 
HETATM 1226 C  C4B . 6CO B 2 .   ? 2.443   -4.660  -2.313  1.00 22.98 ? 201 6CO A C4B 1 
HETATM 1227 C  C3B . 6CO B 2 .   ? 2.599   -3.279  -2.647  1.00 22.89 ? 201 6CO A C3B 1 
HETATM 1228 C  CBB . 6CO B 2 .   ? 1.384   -1.260  -2.401  1.00 23.74 ? 201 6CO A CBB 1 
HETATM 1229 C  C2B . 6CO B 2 .   ? 4.036   -3.018  -2.487  1.00 22.96 ? 201 6CO A C2B 1 
HETATM 1230 C  CMB . 6CO B 2 .   ? 4.725   -1.708  -2.690  1.00 23.05 ? 201 6CO A CMB 1 
HETATM 1231 C  C1B . 6CO B 2 .   ? 4.638   -4.308  -2.097  1.00 23.00 ? 201 6CO A C1B 1 
HETATM 1232 C  CHB . 6CO B 2 .   ? 6.065   -4.439  -1.899  1.00 23.05 ? 201 6CO A CHB 1 
HETATM 1233 N  NC  . 6CO B 2 .   ? 1.920   -7.555  -1.503  1.00 22.75 ? 201 6CO A NC  1 
HETATM 1234 C  C4C . 6CO B 2 .   ? 1.295   -8.668  -1.091  1.00 22.97 ? 201 6CO A C4C 1 
HETATM 1235 C  C3C . 6CO B 2 .   ? -0.167  -8.517  -1.155  1.00 22.75 ? 201 6CO A C3C 1 
HETATM 1236 C  CBC . 6CO B 2 .   ? -2.436  -9.140  -0.563  1.00 22.62 ? 201 6CO A CBC 1 
HETATM 1237 C  C2C . 6CO B 2 .   ? -0.371  -7.154  -1.595  1.00 22.62 ? 201 6CO A C2C 1 
HETATM 1238 C  CMC . 6CO B 2 .   ? -1.650  -6.420  -1.846  1.00 22.89 ? 201 6CO A CMC 1 
HETATM 1239 C  C1C . 6CO B 2 .   ? 0.982   -6.651  -1.785  1.00 22.63 ? 201 6CO A C1C 1 
HETATM 1240 C  CHC . 6CO B 2 .   ? 1.128   -5.277  -2.214  1.00 22.79 ? 201 6CO A CHC 1 
HETATM 1241 N  NA  . 6CO B 2 .   ? 6.065   -6.916  -1.526  1.00 23.51 ? 201 6CO A NA  1 
HETATM 1242 C  C1A . 6CO B 2 .   ? 6.951   -7.885  -1.354  1.00 23.85 ? 201 6CO A C1A 1 
HETATM 1243 C  C4A . 6CO B 2 .   ? 6.672   -5.738  -1.668  1.00 23.49 ? 201 6CO A C4A 1 
HETATM 1244 C  C3A . 6CO B 2 .   ? 8.131   -5.897  -1.621  1.00 24.00 ? 201 6CO A C3A 1 
HETATM 1245 C  CMA . 6CO B 2 .   ? 9.188   -4.833  -1.750  1.00 24.56 ? 201 6CO A CMA 1 
HETATM 1246 C  C2A . 6CO B 2 .   ? 8.300   -7.328  -1.384  1.00 24.43 ? 201 6CO A C2A 1 
HETATM 1247 C  CBA . 6CO B 2 .   ? 10.182  -8.032  -2.675  1.00 25.40 ? 201 6CO A CBA 1 
HETATM 1248 C  CGA . 6CO B 2 .   ? 9.436   -8.875  -3.696  1.00 25.90 ? 201 6CO A CGA 1 
HETATM 1249 O  O1A . 6CO B 2 .   ? 9.119   -8.387  -4.807  1.00 25.55 ? 201 6CO A O1A 1 
HETATM 1250 O  O2A . 6CO B 2 .   ? 9.151   -10.071 -3.454  1.00 25.96 ? 201 6CO A O2A 1 
HETATM 1251 C  C1  . 6CO B 2 .   ? 3.891   -7.036  0.296   1.00 23.40 ? 201 6CO A C1  1 
HETATM 1252 C  C3  . 6CO B 2 .   ? 4.793   -7.252  2.547   1.00 23.36 ? 201 6CO A C3  1 
HETATM 1253 S  S   . SO4 C 3 .   ? -10.365 -10.779 17.179  1.00 11.54 ? 202 SO4 A S   1 
HETATM 1254 O  O1  . SO4 C 3 .   ? -10.175 -9.800  18.264  1.00 11.98 ? 202 SO4 A O1  1 
HETATM 1255 O  O2  . SO4 C 3 .   ? -10.463 -12.115 17.782  1.00 11.45 ? 202 SO4 A O2  1 
HETATM 1256 O  O3  . SO4 C 3 .   ? -11.631 -10.534 16.452  1.00 11.23 ? 202 SO4 A O3  1 
HETATM 1257 O  O4  . SO4 C 3 .   ? -9.242  -10.675 16.236  1.00 12.02 ? 202 SO4 A O4  1 
HETATM 1258 C  C1  . GOL D 4 .   ? -4.609  21.814  -8.940  1.00 41.58 ? 203 GOL A C1  1 
HETATM 1259 O  O1  . GOL D 4 .   ? -5.342  22.602  -8.003  1.00 40.95 ? 203 GOL A O1  1 
HETATM 1260 C  C2  . GOL D 4 .   ? -3.101  21.998  -8.753  1.00 41.13 ? 203 GOL A C2  1 
HETATM 1261 O  O2  . GOL D 4 .   ? -2.753  23.085  -7.881  1.00 41.19 ? 203 GOL A O2  1 
HETATM 1262 C  C3  . GOL D 4 .   ? -2.444  22.266  -10.093 1.00 41.14 ? 203 GOL A C3  1 
HETATM 1263 O  O3  . GOL D 4 .   ? -1.052  21.964  -9.962  1.00 40.12 ? 203 GOL A O3  1 
HETATM 1264 O  O   . HOH E 5 .   ? -0.483  13.978  11.474  1.00 22.07 ? 301 HOH A O   1 
HETATM 1265 O  O   . HOH E 5 .   ? 6.447   -14.382 10.358  1.00 23.39 ? 302 HOH A O   1 
HETATM 1266 O  O   . HOH E 5 .   ? 6.032   19.180  -4.700  1.00 20.97 ? 303 HOH A O   1 
HETATM 1267 O  O   . HOH E 5 .   ? 1.946   -12.602 17.543  1.00 14.62 ? 304 HOH A O   1 
HETATM 1268 O  O   . HOH E 5 .   ? -9.782  -7.241  18.051  1.00 14.00 ? 305 HOH A O   1 
HETATM 1269 O  O   . HOH E 5 .   ? 3.211   9.911   11.940  1.00 32.59 ? 306 HOH A O   1 
HETATM 1270 O  O   . HOH E 5 .   ? -5.038  -13.214 20.818  1.00 14.38 ? 307 HOH A O   1 
HETATM 1271 O  O   . HOH E 5 .   ? 2.301   19.913  8.291   1.00 29.02 ? 308 HOH A O   1 
HETATM 1272 O  O   . HOH E 5 .   ? 2.702   -6.023  14.374  1.00 13.32 ? 309 HOH A O   1 
HETATM 1273 O  O   . HOH E 5 .   ? -11.942 -10.549 9.872   1.00 22.01 ? 310 HOH A O   1 
HETATM 1274 O  O   . HOH E 5 .   ? -0.115  23.698  -7.691  1.00 40.47 ? 311 HOH A O   1 
HETATM 1275 O  O   . HOH E 5 .   ? -0.231  19.961  10.054  1.00 36.40 ? 312 HOH A O   1 
HETATM 1276 O  O   . HOH E 5 .   ? 4.516   7.460   -8.642  1.00 14.17 ? 313 HOH A O   1 
HETATM 1277 O  O   . HOH E 5 .   ? -7.310  -15.846 6.376   1.00 14.83 ? 314 HOH A O   1 
HETATM 1278 O  O   . HOH E 5 .   ? -6.123  -15.835 -1.072  1.00 25.25 ? 315 HOH A O   1 
HETATM 1279 O  O   . HOH E 5 .   ? 12.113  7.479   -4.915  1.00 24.63 ? 316 HOH A O   1 
HETATM 1280 O  O   . HOH E 5 .   ? 2.795   -19.030 9.590   1.00 12.03 ? 317 HOH A O   1 
HETATM 1281 O  O   . HOH E 5 .   ? 1.587   -16.253 -2.095  1.00 24.57 ? 318 HOH A O   1 
HETATM 1282 O  O   . HOH E 5 .   ? 10.596  5.324   0.990   1.00 19.31 ? 319 HOH A O   1 
HETATM 1283 O  O   . HOH E 5 .   ? 4.939   -15.542 3.401   1.00 27.99 ? 320 HOH A O   1 
HETATM 1284 O  O   . HOH E 5 .   ? -4.838  3.332   12.648  1.00 29.61 ? 321 HOH A O   1 
HETATM 1285 O  O   . HOH E 5 .   ? -7.379  16.337  -5.017  1.00 28.67 ? 322 HOH A O   1 
HETATM 1286 O  O   . HOH E 5 .   ? 0.410   8.780   13.681  1.00 22.00 ? 323 HOH A O   1 
HETATM 1287 O  O   . HOH E 5 .   ? -10.909 3.420   2.767   1.00 28.66 ? 324 HOH A O   1 
HETATM 1288 O  O   . HOH E 5 .   ? -1.156  -7.618  21.132  1.00 16.38 ? 325 HOH A O   1 
HETATM 1289 O  O   . HOH E 5 .   ? -8.418  -12.176 9.189   1.00 18.96 ? 326 HOH A O   1 
HETATM 1290 O  O   . HOH E 5 .   ? -0.748  -4.403  -21.136 1.00 18.85 ? 327 HOH A O   1 
HETATM 1291 O  O   . HOH E 5 .   ? 0.387   1.555   -18.027 1.00 26.86 ? 328 HOH A O   1 
HETATM 1292 O  O   . HOH E 5 .   ? -13.205 -10.757 2.443   1.00 21.00 ? 329 HOH A O   1 
HETATM 1293 O  O   . HOH E 5 .   ? 9.064   2.951   12.069  1.00 26.08 ? 330 HOH A O   1 
HETATM 1294 O  O   . HOH E 5 .   ? 2.896   -0.402  -16.934 1.00 25.11 ? 331 HOH A O   1 
HETATM 1295 O  O   . HOH E 5 .   ? -5.922  -1.307  11.898  1.00 19.44 ? 332 HOH A O   1 
HETATM 1296 O  O   . HOH E 5 .   ? 4.655   19.523  1.857   1.00 32.09 ? 333 HOH A O   1 
HETATM 1297 O  O   . HOH E 5 .   ? -10.142 -3.418  16.590  1.00 31.94 ? 334 HOH A O   1 
HETATM 1298 O  O   . HOH E 5 .   ? -10.213 -14.688 16.587  1.00 17.31 ? 335 HOH A O   1 
HETATM 1299 O  O   . HOH E 5 .   ? -7.539  -9.789  19.358  1.00 10.07 ? 336 HOH A O   1 
HETATM 1300 O  O   . HOH E 5 .   ? 4.635   17.952  -0.121  1.00 29.71 ? 337 HOH A O   1 
HETATM 1301 O  O   . HOH E 5 .   ? -8.669  -3.023  3.189   1.00 17.98 ? 338 HOH A O   1 
HETATM 1302 O  O   . HOH E 5 .   ? -8.603  -10.404 13.444  1.00 34.14 ? 339 HOH A O   1 
HETATM 1303 O  O   . HOH E 5 .   ? 7.708   -7.604  -23.496 1.00 26.68 ? 340 HOH A O   1 
HETATM 1304 O  O   . HOH E 5 .   ? -1.514  16.821  2.508   1.00 19.59 ? 341 HOH A O   1 
HETATM 1305 O  O   . HOH E 5 .   ? -9.590  3.745   -6.286  1.00 27.65 ? 342 HOH A O   1 
HETATM 1306 O  O   . HOH E 5 .   ? 8.851   17.166  -10.586 1.00 30.61 ? 343 HOH A O   1 
HETATM 1307 O  O   . HOH E 5 .   ? 3.718   -16.780 1.107   1.00 26.57 ? 344 HOH A O   1 
HETATM 1308 O  O   . HOH E 5 .   ? -12.190 -7.972  15.158  1.00 19.04 ? 345 HOH A O   1 
HETATM 1309 O  O   . HOH E 5 .   ? 6.751   13.931  9.435   1.00 26.67 ? 346 HOH A O   1 
HETATM 1310 O  O   . HOH E 5 .   ? 4.291   0.461   16.579  1.00 39.81 ? 347 HOH A O   1 
HETATM 1311 O  O   . HOH E 5 .   ? 1.077   11.615  -12.649 1.00 29.97 ? 348 HOH A O   1 
HETATM 1312 O  O   . HOH E 5 .   ? 0.629   20.454  -12.781 1.00 24.34 ? 349 HOH A O   1 
HETATM 1313 O  O   . HOH E 5 .   ? -3.536  16.195  11.779  1.00 29.47 ? 350 HOH A O   1 
HETATM 1314 O  O   . HOH E 5 .   ? 6.983   12.259  1.274   1.00 18.50 ? 351 HOH A O   1 
HETATM 1315 O  O   . HOH E 5 .   ? 9.455   5.827   11.262  1.00 30.10 ? 352 HOH A O   1 
HETATM 1316 O  O   . HOH E 5 .   ? -5.274  -10.032 -11.146 1.00 32.85 ? 353 HOH A O   1 
HETATM 1317 O  O   . HOH E 5 .   ? 11.331  -10.601 12.219  1.00 22.13 ? 354 HOH A O   1 
HETATM 1318 O  O   . HOH E 5 .   ? 12.911  -14.414 6.033   1.00 27.96 ? 355 HOH A O   1 
HETATM 1319 O  O   . HOH E 5 .   ? -1.665  -13.329 -10.050 1.00 43.32 ? 356 HOH A O   1 
HETATM 1320 O  O   . HOH E 5 .   ? -4.776  -7.173  -15.650 1.00 35.42 ? 357 HOH A O   1 
HETATM 1321 O  O   . HOH E 5 .   ? -6.859  4.100   15.250  1.00 34.02 ? 358 HOH A O   1 
HETATM 1322 O  O   . HOH E 5 .   ? -13.025 -4.490  14.783  1.00 59.61 ? 359 HOH A O   1 
HETATM 1323 O  O   . HOH E 5 .   ? -1.551  -21.954 11.161  1.00 33.56 ? 360 HOH A O   1 
HETATM 1324 O  O   . HOH E 5 .   ? 10.069  13.318  3.459   1.00 44.03 ? 361 HOH A O   1 
HETATM 1325 O  O   . HOH E 5 .   ? -10.439 -0.414  4.403   1.00 20.95 ? 362 HOH A O   1 
HETATM 1326 O  O   . HOH E 5 .   ? 5.070   25.731  -1.277  1.00 36.06 ? 363 HOH A O   1 
HETATM 1327 O  O   . HOH E 5 .   ? 5.509   -2.387  -21.887 1.00 40.92 ? 364 HOH A O   1 
HETATM 1328 O  O   . HOH E 5 .   ? 7.721   -17.561 -13.724 1.00 36.25 ? 365 HOH A O   1 
HETATM 1329 O  O   . HOH E 5 .   ? -6.898  19.149  -5.240  1.00 25.88 ? 366 HOH A O   1 
# 
loop_
_pdbx_poly_seq_scheme.asym_id 
_pdbx_poly_seq_scheme.entity_id 
_pdbx_poly_seq_scheme.seq_id 
_pdbx_poly_seq_scheme.mon_id 
_pdbx_poly_seq_scheme.ndb_seq_num 
_pdbx_poly_seq_scheme.pdb_seq_num 
_pdbx_poly_seq_scheme.auth_seq_num 
_pdbx_poly_seq_scheme.pdb_mon_id 
_pdbx_poly_seq_scheme.auth_mon_id 
_pdbx_poly_seq_scheme.pdb_strand_id 
_pdbx_poly_seq_scheme.pdb_ins_code 
_pdbx_poly_seq_scheme.hetero 
A 1 1   VAL 1   1   1   VAL VAL A . n 
A 1 2   LEU 2   2   2   LEU LEU A . n 
A 1 3   SER 3   3   3   SER SER A . n 
A 1 4   GLU 4   4   4   GLU GLU A . n 
A 1 5   GLY 5   5   5   GLY GLY A . n 
A 1 6   GLU 6   6   6   GLU GLU A . n 
A 1 7   TRP 7   7   7   TRP TRP A . n 
A 1 8   GLN 8   8   8   GLN GLN A . n 
A 1 9   LEU 9   9   9   LEU LEU A . n 
A 1 10  VAL 10  10  10  VAL VAL A . n 
A 1 11  LEU 11  11  11  LEU LEU A . n 
A 1 12  HIS 12  12  12  HIS HIS A . n 
A 1 13  VAL 13  13  13  VAL VAL A . n 
A 1 14  TRP 14  14  14  TRP TRP A . n 
A 1 15  ALA 15  15  15  ALA ALA A . n 
A 1 16  LYS 16  16  16  LYS LYS A . n 
A 1 17  VAL 17  17  17  VAL VAL A . n 
A 1 18  GLU 18  18  18  GLU GLU A . n 
A 1 19  ALA 19  19  19  ALA ALA A . n 
A 1 20  ASP 20  20  20  ASP ASP A . n 
A 1 21  VAL 21  21  21  VAL VAL A . n 
A 1 22  ALA 22  22  22  ALA ALA A . n 
A 1 23  GLY 23  23  23  GLY GLY A . n 
A 1 24  HIS 24  24  24  HIS HIS A . n 
A 1 25  GLY 25  25  25  GLY GLY A . n 
A 1 26  GLN 26  26  26  GLN GLN A . n 
A 1 27  ASP 27  27  27  ASP ASP A . n 
A 1 28  ILE 28  28  28  ILE ILE A . n 
A 1 29  LEU 29  29  29  LEU LEU A . n 
A 1 30  ILE 30  30  30  ILE ILE A . n 
A 1 31  ARG 31  31  31  ARG ARG A . n 
A 1 32  LEU 32  32  32  LEU LEU A . n 
A 1 33  PHE 33  33  33  PHE PHE A . n 
A 1 34  LYS 34  34  34  LYS LYS A . n 
A 1 35  SER 35  35  35  SER SER A . n 
A 1 36  HIS 36  36  36  HIS HIS A . n 
A 1 37  PRO 37  37  37  PRO PRO A . n 
A 1 38  GLU 38  38  38  GLU GLU A . n 
A 1 39  THR 39  39  39  THR THR A . n 
A 1 40  LEU 40  40  40  LEU LEU A . n 
A 1 41  GLU 41  41  41  GLU GLU A . n 
A 1 42  LYS 42  42  42  LYS LYS A . n 
A 1 43  PHE 43  43  43  PHE PHE A . n 
A 1 44  ASP 44  44  44  ASP ASP A . n 
A 1 45  ARG 45  45  45  ARG ARG A . n 
A 1 46  PHE 46  46  46  PHE PHE A . n 
A 1 47  LYS 47  47  47  LYS LYS A . n 
A 1 48  HIS 48  48  48  HIS HIS A . n 
A 1 49  LEU 49  49  49  LEU LEU A . n 
A 1 50  LYS 50  50  50  LYS LYS A . n 
A 1 51  THR 51  51  51  THR THR A . n 
A 1 52  GLU 52  52  52  GLU GLU A . n 
A 1 53  ALA 53  53  53  ALA ALA A . n 
A 1 54  GLU 54  54  54  GLU GLU A . n 
A 1 55  MET 55  55  55  MET MET A . n 
A 1 56  LYS 56  56  56  LYS LYS A . n 
A 1 57  ALA 57  57  57  ALA ALA A . n 
A 1 58  SER 58  58  58  SER SER A . n 
A 1 59  GLU 59  59  59  GLU GLU A . n 
A 1 60  ASP 60  60  60  ASP ASP A . n 
A 1 61  LEU 61  61  61  LEU LEU A . n 
A 1 62  LYS 62  62  62  LYS LYS A . n 
A 1 63  LYS 63  63  63  LYS LYS A . n 
A 1 64  HIS 64  64  64  HIS HIS A . n 
A 1 65  GLY 65  65  65  GLY GLY A . n 
A 1 66  VAL 66  66  66  VAL VAL A . n 
A 1 67  THR 67  67  67  THR THR A . n 
A 1 68  VAL 68  68  68  VAL VAL A . n 
A 1 69  LEU 69  69  69  LEU LEU A . n 
A 1 70  THR 70  70  70  THR THR A . n 
A 1 71  ALA 71  71  71  ALA ALA A . n 
A 1 72  LEU 72  72  72  LEU LEU A . n 
A 1 73  GLY 73  73  73  GLY GLY A . n 
A 1 74  ALA 74  74  74  ALA ALA A . n 
A 1 75  ILE 75  75  75  ILE ILE A . n 
A 1 76  LEU 76  76  76  LEU LEU A . n 
A 1 77  LYS 77  77  77  LYS LYS A . n 
A 1 78  LYS 78  78  78  LYS LYS A . n 
A 1 79  LYS 79  79  79  LYS LYS A . n 
A 1 80  GLY 80  80  80  GLY GLY A . n 
A 1 81  HIS 81  81  81  HIS HIS A . n 
A 1 82  HIS 82  82  82  HIS HIS A . n 
A 1 83  GLU 83  83  83  GLU GLU A . n 
A 1 84  ALA 84  84  84  ALA ALA A . n 
A 1 85  GLU 85  85  85  GLU GLU A . n 
A 1 86  LEU 86  86  86  LEU LEU A . n 
A 1 87  LYS 87  87  87  LYS LYS A . n 
A 1 88  PRO 88  88  88  PRO PRO A . n 
A 1 89  LEU 89  89  89  LEU LEU A . n 
A 1 90  ALA 90  90  90  ALA ALA A . n 
A 1 91  GLN 91  91  91  GLN GLN A . n 
A 1 92  SER 92  92  92  SER SER A . n 
A 1 93  HIS 93  93  93  HIS HIS A . n 
A 1 94  ALA 94  94  94  ALA ALA A . n 
A 1 95  THR 95  95  95  THR THR A . n 
A 1 96  LYS 96  96  96  LYS LYS A . n 
A 1 97  HIS 97  97  97  HIS HIS A . n 
A 1 98  LYS 98  98  98  LYS LYS A . n 
A 1 99  ILE 99  99  99  ILE ILE A . n 
A 1 100 PRO 100 100 100 PRO PRO A . n 
A 1 101 ILE 101 101 101 ILE ILE A . n 
A 1 102 LYS 102 102 102 LYS LYS A . n 
A 1 103 TYR 103 103 103 TYR TYR A . n 
A 1 104 LEU 104 104 104 LEU LEU A . n 
A 1 105 GLU 105 105 105 GLU GLU A . n 
A 1 106 PHE 106 106 106 PHE PHE A . n 
A 1 107 ILE 107 107 107 ILE ILE A . n 
A 1 108 SER 108 108 108 SER SER A . n 
A 1 109 GLU 109 109 109 GLU GLU A . n 
A 1 110 ALA 110 110 110 ALA ALA A . n 
A 1 111 ILE 111 111 111 ILE ILE A . n 
A 1 112 ILE 112 112 112 ILE ILE A . n 
A 1 113 HIS 113 113 113 HIS HIS A . n 
A 1 114 VAL 114 114 114 VAL VAL A . n 
A 1 115 LEU 115 115 115 LEU LEU A . n 
A 1 116 HIS 116 116 116 HIS HIS A . n 
A 1 117 SER 117 117 117 SER SER A . n 
A 1 118 ARG 118 118 118 ARG ARG A . n 
A 1 119 HIS 119 119 119 HIS HIS A . n 
A 1 120 PRO 120 120 120 PRO PRO A . n 
A 1 121 GLY 121 121 121 GLY GLY A . n 
A 1 122 ASN 122 122 122 ASN ASN A . n 
A 1 123 PHE 123 123 123 PHE PHE A . n 
A 1 124 GLY 124 124 124 GLY GLY A . n 
A 1 125 ALA 125 125 125 ALA ALA A . n 
A 1 126 ASP 126 126 126 ASP ASP A . n 
A 1 127 ALA 127 127 127 ALA ALA A . n 
A 1 128 GLN 128 128 128 GLN GLN A . n 
A 1 129 GLY 129 129 129 GLY GLY A . n 
A 1 130 ALA 130 130 130 ALA ALA A . n 
A 1 131 MET 131 131 131 MET MET A . n 
A 1 132 ASN 132 132 132 ASN ASN A . n 
A 1 133 LYS 133 133 133 LYS LYS A . n 
A 1 134 ALA 134 134 134 ALA ALA A . n 
A 1 135 LEU 135 135 135 LEU LEU A . n 
A 1 136 GLU 136 136 136 GLU GLU A . n 
A 1 137 LEU 137 137 137 LEU LEU A . n 
A 1 138 PHE 138 138 138 PHE PHE A . n 
A 1 139 ARG 139 139 139 ARG ARG A . n 
A 1 140 LYS 140 140 140 LYS LYS A . n 
A 1 141 ASP 141 141 141 ASP ASP A . n 
A 1 142 ILE 142 142 142 ILE ILE A . n 
A 1 143 ALA 143 143 143 ALA ALA A . n 
A 1 144 ALA 144 144 144 ALA ALA A . n 
A 1 145 LYS 145 145 145 LYS LYS A . n 
A 1 146 TYR 146 146 146 TYR TYR A . n 
A 1 147 LYS 147 147 147 LYS LYS A . n 
A 1 148 GLU 148 148 148 GLU GLU A . n 
A 1 149 LEU 149 149 149 LEU LEU A . n 
A 1 150 GLY 150 150 150 GLY GLY A . n 
A 1 151 TYR 151 151 151 TYR TYR A . n 
# 
loop_
_pdbx_nonpoly_scheme.asym_id 
_pdbx_nonpoly_scheme.entity_id 
_pdbx_nonpoly_scheme.mon_id 
_pdbx_nonpoly_scheme.ndb_seq_num 
_pdbx_nonpoly_scheme.pdb_seq_num 
_pdbx_nonpoly_scheme.auth_seq_num 
_pdbx_nonpoly_scheme.pdb_mon_id 
_pdbx_nonpoly_scheme.auth_mon_id 
_pdbx_nonpoly_scheme.pdb_strand_id 
_pdbx_nonpoly_scheme.pdb_ins_code 
B 2 6CO 1  201 1  6CO 1HE A . 
C 3 SO4 1  202 1  SO4 SO4 A . 
D 4 GOL 1  203 1  GOL GOL A . 
E 5 HOH 1  301 41 HOH HOH A . 
E 5 HOH 2  302 48 HOH HOH A . 
E 5 HOH 3  303 11 HOH HOH A . 
E 5 HOH 4  304 4  HOH HOH A . 
E 5 HOH 5  305 58 HOH HOH A . 
E 5 HOH 6  306 16 HOH HOH A . 
E 5 HOH 7  307 59 HOH HOH A . 
E 5 HOH 8  308 65 HOH HOH A . 
E 5 HOH 9  309 3  HOH HOH A . 
E 5 HOH 10 310 10 HOH HOH A . 
E 5 HOH 11 311 64 HOH HOH A . 
E 5 HOH 12 312 45 HOH HOH A . 
E 5 HOH 13 313 1  HOH HOH A . 
E 5 HOH 14 314 17 HOH HOH A . 
E 5 HOH 15 315 23 HOH HOH A . 
E 5 HOH 16 316 24 HOH HOH A . 
E 5 HOH 17 317 5  HOH HOH A . 
E 5 HOH 18 318 27 HOH HOH A . 
E 5 HOH 19 319 12 HOH HOH A . 
E 5 HOH 20 320 7  HOH HOH A . 
E 5 HOH 21 321 49 HOH HOH A . 
E 5 HOH 22 322 21 HOH HOH A . 
E 5 HOH 23 323 32 HOH HOH A . 
E 5 HOH 24 324 26 HOH HOH A . 
E 5 HOH 25 325 14 HOH HOH A . 
E 5 HOH 26 326 18 HOH HOH A . 
E 5 HOH 27 327 13 HOH HOH A . 
E 5 HOH 28 328 6  HOH HOH A . 
E 5 HOH 29 329 15 HOH HOH A . 
E 5 HOH 30 330 25 HOH HOH A . 
E 5 HOH 31 331 38 HOH HOH A . 
E 5 HOH 32 332 55 HOH HOH A . 
E 5 HOH 33 333 43 HOH HOH A . 
E 5 HOH 34 334 36 HOH HOH A . 
E 5 HOH 35 335 46 HOH HOH A . 
E 5 HOH 36 336 60 HOH HOH A . 
E 5 HOH 37 337 28 HOH HOH A . 
E 5 HOH 38 338 8  HOH HOH A . 
E 5 HOH 39 339 42 HOH HOH A . 
E 5 HOH 40 340 30 HOH HOH A . 
E 5 HOH 41 341 19 HOH HOH A . 
E 5 HOH 42 342 37 HOH HOH A . 
E 5 HOH 43 343 63 HOH HOH A . 
E 5 HOH 44 344 29 HOH HOH A . 
E 5 HOH 45 345 53 HOH HOH A . 
E 5 HOH 46 346 20 HOH HOH A . 
E 5 HOH 47 347 31 HOH HOH A . 
E 5 HOH 48 348 9  HOH HOH A . 
E 5 HOH 49 349 51 HOH HOH A . 
E 5 HOH 50 350 54 HOH HOH A . 
E 5 HOH 51 351 56 HOH HOH A . 
E 5 HOH 52 352 33 HOH HOH A . 
E 5 HOH 53 353 61 HOH HOH A . 
E 5 HOH 54 354 44 HOH HOH A . 
E 5 HOH 55 355 57 HOH HOH A . 
E 5 HOH 56 356 52 HOH HOH A . 
E 5 HOH 57 357 66 HOH HOH A . 
E 5 HOH 58 358 40 HOH HOH A . 
E 5 HOH 59 359 35 HOH HOH A . 
E 5 HOH 60 360 50 HOH HOH A . 
E 5 HOH 61 361 62 HOH HOH A . 
E 5 HOH 62 362 2  HOH HOH A . 
E 5 HOH 63 363 34 HOH HOH A . 
E 5 HOH 64 364 22 HOH HOH A . 
E 5 HOH 65 365 39 HOH HOH A . 
E 5 HOH 66 366 47 HOH HOH A . 
# 
_pdbx_struct_assembly.id                   1 
_pdbx_struct_assembly.details              author_and_software_defined_assembly 
_pdbx_struct_assembly.method_details       PISA 
_pdbx_struct_assembly.oligomeric_details   monomeric 
_pdbx_struct_assembly.oligomeric_count     1 
# 
_pdbx_struct_assembly_gen.assembly_id       1 
_pdbx_struct_assembly_gen.oper_expression   1 
_pdbx_struct_assembly_gen.asym_id_list      A,B,C,D,E 
# 
_pdbx_struct_oper_list.id                   1 
_pdbx_struct_oper_list.type                 'identity operation' 
_pdbx_struct_oper_list.name                 1_555 
_pdbx_struct_oper_list.symmetry_operation   x,y,z 
_pdbx_struct_oper_list.matrix[1][1]         1.0000000000 
_pdbx_struct_oper_list.matrix[1][2]         0.0000000000 
_pdbx_struct_oper_list.matrix[1][3]         0.0000000000 
_pdbx_struct_oper_list.vector[1]            0.0000000000 
_pdbx_struct_oper_list.matrix[2][1]         0.0000000000 
_pdbx_struct_oper_list.matrix[2][2]         1.0000000000 
_pdbx_struct_oper_list.matrix[2][3]         0.0000000000 
_pdbx_struct_oper_list.vector[2]            0.0000000000 
_pdbx_struct_oper_list.matrix[3][1]         0.0000000000 
_pdbx_struct_oper_list.matrix[3][2]         0.0000000000 
_pdbx_struct_oper_list.matrix[3][3]         1.0000000000 
_pdbx_struct_oper_list.vector[3]            0.0000000000 
# 
loop_
_pdbx_struct_conn_angle.id 
_pdbx_struct_conn_angle.ptnr1_label_atom_id 
_pdbx_struct_conn_angle.ptnr1_label_alt_id 
_pdbx_struct_conn_angle.ptnr1_label_asym_id 
_pdbx_struct_conn_angle.ptnr1_label_comp_id 
_pdbx_struct_conn_angle.ptnr1_label_seq_id 
_pdbx_struct_conn_angle.ptnr1_auth_atom_id 
_pdbx_struct_conn_angle.ptnr1_auth_asym_id 
_pdbx_struct_conn_angle.ptnr1_auth_comp_id 
_pdbx_struct_conn_angle.ptnr1_auth_seq_id 
_pdbx_struct_conn_angle.ptnr1_PDB_ins_code 
_pdbx_struct_conn_angle.ptnr1_symmetry 
_pdbx_struct_conn_angle.ptnr2_label_atom_id 
_pdbx_struct_conn_angle.ptnr2_label_alt_id 
_pdbx_struct_conn_angle.ptnr2_label_asym_id 
_pdbx_struct_conn_angle.ptnr2_label_comp_id 
_pdbx_struct_conn_angle.ptnr2_label_seq_id 
_pdbx_struct_conn_angle.ptnr2_auth_atom_id 
_pdbx_struct_conn_angle.ptnr2_auth_asym_id 
_pdbx_struct_conn_angle.ptnr2_auth_comp_id 
_pdbx_struct_conn_angle.ptnr2_auth_seq_id 
_pdbx_struct_conn_angle.ptnr2_PDB_ins_code 
_pdbx_struct_conn_angle.ptnr2_symmetry 
_pdbx_struct_conn_angle.ptnr3_label_atom_id 
_pdbx_struct_conn_angle.ptnr3_label_alt_id 
_pdbx_struct_conn_angle.ptnr3_label_asym_id 
_pdbx_struct_conn_angle.ptnr3_label_comp_id 
_pdbx_struct_conn_angle.ptnr3_label_seq_id 
_pdbx_struct_conn_angle.ptnr3_auth_atom_id 
_pdbx_struct_conn_angle.ptnr3_auth_asym_id 
_pdbx_struct_conn_angle.ptnr3_auth_comp_id 
_pdbx_struct_conn_angle.ptnr3_auth_seq_id 
_pdbx_struct_conn_angle.ptnr3_PDB_ins_code 
_pdbx_struct_conn_angle.ptnr3_symmetry 
_pdbx_struct_conn_angle.value 
_pdbx_struct_conn_angle.value_esd 
1  NE2 ? A HIS 93 ? A HIS 93  ? 1_555 FE ? B 6CO . ? A 6CO 201 ? 1_555 C1 ? B 6CO . ? A 6CO 201 ? 1_555 174.1 ? 
2  NE2 ? A HIS 93 ? A HIS 93  ? 1_555 FE ? B 6CO . ? A 6CO 201 ? 1_555 ND ? B 6CO . ? A 6CO 201 ? 1_555 90.4  ? 
3  C1  ? B 6CO .  ? A 6CO 201 ? 1_555 FE ? B 6CO . ? A 6CO 201 ? 1_555 ND ? B 6CO . ? A 6CO 201 ? 1_555 83.8  ? 
4  NE2 ? A HIS 93 ? A HIS 93  ? 1_555 FE ? B 6CO . ? A 6CO 201 ? 1_555 NA ? B 6CO . ? A 6CO 201 ? 1_555 87.3  ? 
5  C1  ? B 6CO .  ? A 6CO 201 ? 1_555 FE ? B 6CO . ? A 6CO 201 ? 1_555 NA ? B 6CO . ? A 6CO 201 ? 1_555 92.1  ? 
6  ND  ? B 6CO .  ? A 6CO 201 ? 1_555 FE ? B 6CO . ? A 6CO 201 ? 1_555 NA ? B 6CO . ? A 6CO 201 ? 1_555 90.7  ? 
7  NE2 ? A HIS 93 ? A HIS 93  ? 1_555 FE ? B 6CO . ? A 6CO 201 ? 1_555 NC ? B 6CO . ? A 6CO 201 ? 1_555 94.3  ? 
8  C1  ? B 6CO .  ? A 6CO 201 ? 1_555 FE ? B 6CO . ? A 6CO 201 ? 1_555 NC ? B 6CO . ? A 6CO 201 ? 1_555 86.5  ? 
9  ND  ? B 6CO .  ? A 6CO 201 ? 1_555 FE ? B 6CO . ? A 6CO 201 ? 1_555 NC ? B 6CO . ? A 6CO 201 ? 1_555 90.8  ? 
10 NA  ? B 6CO .  ? A 6CO 201 ? 1_555 FE ? B 6CO . ? A 6CO 201 ? 1_555 NC ? B 6CO . ? A 6CO 201 ? 1_555 177.8 ? 
11 NE2 ? A HIS 93 ? A HIS 93  ? 1_555 FE ? B 6CO . ? A 6CO 201 ? 1_555 NB ? B 6CO . ? A 6CO 201 ? 1_555 90.5  ? 
12 C1  ? B 6CO .  ? A 6CO 201 ? 1_555 FE ? B 6CO . ? A 6CO 201 ? 1_555 NB ? B 6CO . ? A 6CO 201 ? 1_555 95.4  ? 
13 ND  ? B 6CO .  ? A 6CO 201 ? 1_555 FE ? B 6CO . ? A 6CO 201 ? 1_555 NB ? B 6CO . ? A 6CO 201 ? 1_555 178.9 ? 
14 NA  ? B 6CO .  ? A 6CO 201 ? 1_555 FE ? B 6CO . ? A 6CO 201 ? 1_555 NB ? B 6CO . ? A 6CO 201 ? 1_555 88.6  ? 
15 NC  ? B 6CO .  ? A 6CO 201 ? 1_555 FE ? B 6CO . ? A 6CO 201 ? 1_555 NB ? B 6CO . ? A 6CO 201 ? 1_555 90.0  ? 
# 
loop_
_pdbx_audit_revision_history.ordinal 
_pdbx_audit_revision_history.data_content_type 
_pdbx_audit_revision_history.major_revision 
_pdbx_audit_revision_history.minor_revision 
_pdbx_audit_revision_history.revision_date 
1 'Structure model' 1 0 2016-09-21 
2 'Structure model' 1 1 2016-10-19 
3 'Structure model' 1 2 2016-12-28 
4 'Structure model' 1 3 2017-09-27 
5 'Structure model' 1 4 2019-11-27 
6 'Structure model' 1 5 2023-09-27 
# 
_pdbx_audit_revision_details.ordinal             1 
_pdbx_audit_revision_details.revision_ordinal    1 
_pdbx_audit_revision_details.data_content_type   'Structure model' 
_pdbx_audit_revision_details.provider            repository 
_pdbx_audit_revision_details.type                'Initial release' 
_pdbx_audit_revision_details.description         ? 
_pdbx_audit_revision_details.details             ? 
# 
loop_
_pdbx_audit_revision_group.ordinal 
_pdbx_audit_revision_group.revision_ordinal 
_pdbx_audit_revision_group.data_content_type 
_pdbx_audit_revision_group.group 
1 2 'Structure model' 'Database references'        
2 3 'Structure model' 'Database references'        
3 4 'Structure model' 'Author supporting evidence' 
4 4 'Structure model' 'Refinement description'     
5 5 'Structure model' 'Author supporting evidence' 
6 6 'Structure model' 'Data collection'            
7 6 'Structure model' 'Database references'        
8 6 'Structure model' 'Refinement description'     
# 
loop_
_pdbx_audit_revision_category.ordinal 
_pdbx_audit_revision_category.revision_ordinal 
_pdbx_audit_revision_category.data_content_type 
_pdbx_audit_revision_category.category 
1 4 'Structure model' pdbx_audit_support            
2 4 'Structure model' software                      
3 5 'Structure model' pdbx_audit_support            
4 6 'Structure model' chem_comp_atom                
5 6 'Structure model' chem_comp_bond                
6 6 'Structure model' database_2                    
7 6 'Structure model' pdbx_initial_refinement_model 
# 
loop_
_pdbx_audit_revision_item.ordinal 
_pdbx_audit_revision_item.revision_ordinal 
_pdbx_audit_revision_item.data_content_type 
_pdbx_audit_revision_item.item 
1 4 'Structure model' '_pdbx_audit_support.funding_organization' 
2 4 'Structure model' '_software.classification'                 
3 5 'Structure model' '_pdbx_audit_support.funding_organization' 
4 6 'Structure model' '_database_2.pdbx_DOI'                     
5 6 'Structure model' '_database_2.pdbx_database_accession'      
# 
loop_
_software.citation_id 
_software.classification 
_software.compiler_name 
_software.compiler_version 
_software.contact_author 
_software.contact_author_email 
_software.date 
_software.description 
_software.dependencies 
_software.hardware 
_software.language 
_software.location 
_software.mods 
_software.name 
_software.os 
_software.os_version 
_software.type 
_software.version 
_software.pdbx_ordinal 
? 'data collection' ? ? ? ? ? ? ? ? ? ? ? HKL-3000    ? ? ? 3000     1 
? 'data reduction'  ? ? ? ? ? ? ? ? ? ? ? HKL-3000    ? ? ? 3000     2 
? phasing           ? ? ? ? ? ? ? ? ? ? ? HKL-3000    ? ? ? 3000     3 
? 'data scaling'    ? ? ? ? ? ? ? ? ? ? ? HKL-3000    ? ? ? 3000     4 
? phasing           ? ? ? ? ? ? ? ? ? ? ? PHASER      ? ? ? 2.5.6    5 
? refinement        ? ? ? ? ? ? ? ? ? ? ? REFMAC      ? ? ? 5.8.0073 6 
? 'data extraction' ? ? ? ? ? ? ? ? ? ? ? PDB_EXTRACT ? ? ? 3.20     7 
# 
loop_
_pdbx_validate_torsion.id 
_pdbx_validate_torsion.PDB_model_num 
_pdbx_validate_torsion.auth_comp_id 
_pdbx_validate_torsion.auth_asym_id 
_pdbx_validate_torsion.auth_seq_id 
_pdbx_validate_torsion.PDB_ins_code 
_pdbx_validate_torsion.label_alt_id 
_pdbx_validate_torsion.phi 
_pdbx_validate_torsion.psi 
1 1 ASP A 20  ? ? -151.88 74.57 
2 1 HIS A 119 ? ? -146.05 56.49 
3 1 PHE A 123 ? ? -144.23 50.29 
# 
_pdbx_validate_chiral.id              1 
_pdbx_validate_chiral.PDB_model_num   1 
_pdbx_validate_chiral.auth_atom_id    ND 
_pdbx_validate_chiral.label_alt_id    ? 
_pdbx_validate_chiral.auth_asym_id    A 
_pdbx_validate_chiral.auth_comp_id    6CO 
_pdbx_validate_chiral.auth_seq_id     201 
_pdbx_validate_chiral.PDB_ins_code    ? 
_pdbx_validate_chiral.details         PLANAR 
_pdbx_validate_chiral.omega           . 
# 
loop_
_chem_comp_atom.comp_id 
_chem_comp_atom.atom_id 
_chem_comp_atom.type_symbol 
_chem_comp_atom.pdbx_aromatic_flag 
_chem_comp_atom.pdbx_stereo_config 
_chem_comp_atom.pdbx_ordinal 
6CO C4   C  Y N 1   
6CO C5   C  Y N 2   
6CO C6   C  Y N 3   
6CO CAB  C  N N 4   
6CO CAC  C  N N 5   
6CO C2   C  Y N 6   
6CO CAA  C  N N 7   
6CO O2D  O  N N 8   
6CO CGD  C  N N 9   
6CO O1D  O  N N 10  
6CO CBD  C  N N 11  
6CO CAD  C  N N 12  
6CO C3D  C  N N 13  
6CO C2D  C  N N 14  
6CO CMD  C  N N 15  
6CO C4D  C  N N 16  
6CO CHA  C  N N 17  
6CO ND   N  N R 18  
6CO C1D  C  N N 19  
6CO CHD  C  N N 20  
6CO FE   FE N N 21  
6CO NB   N  Y N 22  
6CO C4B  C  Y N 23  
6CO C3B  C  Y N 24  
6CO CBB  C  N N 25  
6CO C2B  C  Y N 26  
6CO CMB  C  N N 27  
6CO C1B  C  Y N 28  
6CO CHB  C  N N 29  
6CO NC   N  N N 30  
6CO C4C  C  N N 31  
6CO C3C  C  N N 32  
6CO CBC  C  N N 33  
6CO C2C  C  N N 34  
6CO CMC  C  N N 35  
6CO C1C  C  N N 36  
6CO CHC  C  N N 37  
6CO NA   N  N N 38  
6CO C1A  C  N N 39  
6CO C4A  C  N N 40  
6CO C3A  C  N N 41  
6CO CMA  C  N N 42  
6CO C2A  C  N N 43  
6CO CBA  C  N N 44  
6CO CGA  C  N N 45  
6CO O1A  O  N N 46  
6CO O2A  O  N N 47  
6CO C1   C  Y N 48  
6CO C3   C  Y N 49  
6CO H1   H  N N 50  
6CO H2   H  N N 51  
6CO H3   H  N N 52  
6CO H4   H  N N 53  
6CO H5   H  N N 54  
6CO H6   H  N N 55  
6CO H7   H  N N 56  
6CO H8   H  N N 57  
6CO H9   H  N N 58  
6CO H10  H  N N 59  
6CO H11  H  N N 60  
6CO H12  H  N N 61  
6CO H13  H  N N 62  
6CO H14  H  N N 63  
6CO H15  H  N N 64  
6CO H16  H  N N 65  
6CO H17  H  N N 66  
6CO H18  H  N N 67  
6CO H19  H  N N 68  
6CO H20  H  N N 69  
6CO H21  H  N N 70  
6CO H22  H  N N 71  
6CO H23  H  N N 72  
6CO H24  H  N N 73  
6CO H25  H  N N 74  
6CO H26  H  N N 75  
6CO H27  H  N N 76  
6CO H28  H  N N 77  
6CO H29  H  N N 78  
6CO H30  H  N N 79  
6CO H31  H  N N 80  
6CO H32  H  N N 81  
6CO H33  H  N N 82  
6CO H34  H  N N 83  
6CO H35  H  N N 84  
6CO H36  H  N N 85  
6CO H37  H  N N 86  
ALA N    N  N N 87  
ALA CA   C  N S 88  
ALA C    C  N N 89  
ALA O    O  N N 90  
ALA CB   C  N N 91  
ALA OXT  O  N N 92  
ALA H    H  N N 93  
ALA H2   H  N N 94  
ALA HA   H  N N 95  
ALA HB1  H  N N 96  
ALA HB2  H  N N 97  
ALA HB3  H  N N 98  
ALA HXT  H  N N 99  
ARG N    N  N N 100 
ARG CA   C  N S 101 
ARG C    C  N N 102 
ARG O    O  N N 103 
ARG CB   C  N N 104 
ARG CG   C  N N 105 
ARG CD   C  N N 106 
ARG NE   N  N N 107 
ARG CZ   C  N N 108 
ARG NH1  N  N N 109 
ARG NH2  N  N N 110 
ARG OXT  O  N N 111 
ARG H    H  N N 112 
ARG H2   H  N N 113 
ARG HA   H  N N 114 
ARG HB2  H  N N 115 
ARG HB3  H  N N 116 
ARG HG2  H  N N 117 
ARG HG3  H  N N 118 
ARG HD2  H  N N 119 
ARG HD3  H  N N 120 
ARG HE   H  N N 121 
ARG HH11 H  N N 122 
ARG HH12 H  N N 123 
ARG HH21 H  N N 124 
ARG HH22 H  N N 125 
ARG HXT  H  N N 126 
ASN N    N  N N 127 
ASN CA   C  N S 128 
ASN C    C  N N 129 
ASN O    O  N N 130 
ASN CB   C  N N 131 
ASN CG   C  N N 132 
ASN OD1  O  N N 133 
ASN ND2  N  N N 134 
ASN OXT  O  N N 135 
ASN H    H  N N 136 
ASN H2   H  N N 137 
ASN HA   H  N N 138 
ASN HB2  H  N N 139 
ASN HB3  H  N N 140 
ASN HD21 H  N N 141 
ASN HD22 H  N N 142 
ASN HXT  H  N N 143 
ASP N    N  N N 144 
ASP CA   C  N S 145 
ASP C    C  N N 146 
ASP O    O  N N 147 
ASP CB   C  N N 148 
ASP CG   C  N N 149 
ASP OD1  O  N N 150 
ASP OD2  O  N N 151 
ASP OXT  O  N N 152 
ASP H    H  N N 153 
ASP H2   H  N N 154 
ASP HA   H  N N 155 
ASP HB2  H  N N 156 
ASP HB3  H  N N 157 
ASP HD2  H  N N 158 
ASP HXT  H  N N 159 
GLN N    N  N N 160 
GLN CA   C  N S 161 
GLN C    C  N N 162 
GLN O    O  N N 163 
GLN CB   C  N N 164 
GLN CG   C  N N 165 
GLN CD   C  N N 166 
GLN OE1  O  N N 167 
GLN NE2  N  N N 168 
GLN OXT  O  N N 169 
GLN H    H  N N 170 
GLN H2   H  N N 171 
GLN HA   H  N N 172 
GLN HB2  H  N N 173 
GLN HB3  H  N N 174 
GLN HG2  H  N N 175 
GLN HG3  H  N N 176 
GLN HE21 H  N N 177 
GLN HE22 H  N N 178 
GLN HXT  H  N N 179 
GLU N    N  N N 180 
GLU CA   C  N S 181 
GLU C    C  N N 182 
GLU O    O  N N 183 
GLU CB   C  N N 184 
GLU CG   C  N N 185 
GLU CD   C  N N 186 
GLU OE1  O  N N 187 
GLU OE2  O  N N 188 
GLU OXT  O  N N 189 
GLU H    H  N N 190 
GLU H2   H  N N 191 
GLU HA   H  N N 192 
GLU HB2  H  N N 193 
GLU HB3  H  N N 194 
GLU HG2  H  N N 195 
GLU HG3  H  N N 196 
GLU HE2  H  N N 197 
GLU HXT  H  N N 198 
GLY N    N  N N 199 
GLY CA   C  N N 200 
GLY C    C  N N 201 
GLY O    O  N N 202 
GLY OXT  O  N N 203 
GLY H    H  N N 204 
GLY H2   H  N N 205 
GLY HA2  H  N N 206 
GLY HA3  H  N N 207 
GLY HXT  H  N N 208 
GOL C1   C  N N 209 
GOL O1   O  N N 210 
GOL C2   C  N N 211 
GOL O2   O  N N 212 
GOL C3   C  N N 213 
GOL O3   O  N N 214 
GOL H11  H  N N 215 
GOL H12  H  N N 216 
GOL HO1  H  N N 217 
GOL H2   H  N N 218 
GOL HO2  H  N N 219 
GOL H31  H  N N 220 
GOL H32  H  N N 221 
GOL HO3  H  N N 222 
HIS N    N  N N 223 
HIS CA   C  N S 224 
HIS C    C  N N 225 
HIS O    O  N N 226 
HIS CB   C  N N 227 
HIS CG   C  Y N 228 
HIS ND1  N  Y N 229 
HIS CD2  C  Y N 230 
HIS CE1  C  Y N 231 
HIS NE2  N  Y N 232 
HIS OXT  O  N N 233 
HIS H    H  N N 234 
HIS H2   H  N N 235 
HIS HA   H  N N 236 
HIS HB2  H  N N 237 
HIS HB3  H  N N 238 
HIS HD1  H  N N 239 
HIS HD2  H  N N 240 
HIS HE1  H  N N 241 
HIS HE2  H  N N 242 
HIS HXT  H  N N 243 
HOH O    O  N N 244 
HOH H1   H  N N 245 
HOH H2   H  N N 246 
ILE N    N  N N 247 
ILE CA   C  N S 248 
ILE C    C  N N 249 
ILE O    O  N N 250 
ILE CB   C  N S 251 
ILE CG1  C  N N 252 
ILE CG2  C  N N 253 
ILE CD1  C  N N 254 
ILE OXT  O  N N 255 
ILE H    H  N N 256 
ILE H2   H  N N 257 
ILE HA   H  N N 258 
ILE HB   H  N N 259 
ILE HG12 H  N N 260 
ILE HG13 H  N N 261 
ILE HG21 H  N N 262 
ILE HG22 H  N N 263 
ILE HG23 H  N N 264 
ILE HD11 H  N N 265 
ILE HD12 H  N N 266 
ILE HD13 H  N N 267 
ILE HXT  H  N N 268 
LEU N    N  N N 269 
LEU CA   C  N S 270 
LEU C    C  N N 271 
LEU O    O  N N 272 
LEU CB   C  N N 273 
LEU CG   C  N N 274 
LEU CD1  C  N N 275 
LEU CD2  C  N N 276 
LEU OXT  O  N N 277 
LEU H    H  N N 278 
LEU H2   H  N N 279 
LEU HA   H  N N 280 
LEU HB2  H  N N 281 
LEU HB3  H  N N 282 
LEU HG   H  N N 283 
LEU HD11 H  N N 284 
LEU HD12 H  N N 285 
LEU HD13 H  N N 286 
LEU HD21 H  N N 287 
LEU HD22 H  N N 288 
LEU HD23 H  N N 289 
LEU HXT  H  N N 290 
LYS N    N  N N 291 
LYS CA   C  N S 292 
LYS C    C  N N 293 
LYS O    O  N N 294 
LYS CB   C  N N 295 
LYS CG   C  N N 296 
LYS CD   C  N N 297 
LYS CE   C  N N 298 
LYS NZ   N  N N 299 
LYS OXT  O  N N 300 
LYS H    H  N N 301 
LYS H2   H  N N 302 
LYS HA   H  N N 303 
LYS HB2  H  N N 304 
LYS HB3  H  N N 305 
LYS HG2  H  N N 306 
LYS HG3  H  N N 307 
LYS HD2  H  N N 308 
LYS HD3  H  N N 309 
LYS HE2  H  N N 310 
LYS HE3  H  N N 311 
LYS HZ1  H  N N 312 
LYS HZ2  H  N N 313 
LYS HZ3  H  N N 314 
LYS HXT  H  N N 315 
MET N    N  N N 316 
MET CA   C  N S 317 
MET C    C  N N 318 
MET O    O  N N 319 
MET CB   C  N N 320 
MET CG   C  N N 321 
MET SD   S  N N 322 
MET CE   C  N N 323 
MET OXT  O  N N 324 
MET H    H  N N 325 
MET H2   H  N N 326 
MET HA   H  N N 327 
MET HB2  H  N N 328 
MET HB3  H  N N 329 
MET HG2  H  N N 330 
MET HG3  H  N N 331 
MET HE1  H  N N 332 
MET HE2  H  N N 333 
MET HE3  H  N N 334 
MET HXT  H  N N 335 
PHE N    N  N N 336 
PHE CA   C  N S 337 
PHE C    C  N N 338 
PHE O    O  N N 339 
PHE CB   C  N N 340 
PHE CG   C  Y N 341 
PHE CD1  C  Y N 342 
PHE CD2  C  Y N 343 
PHE CE1  C  Y N 344 
PHE CE2  C  Y N 345 
PHE CZ   C  Y N 346 
PHE OXT  O  N N 347 
PHE H    H  N N 348 
PHE H2   H  N N 349 
PHE HA   H  N N 350 
PHE HB2  H  N N 351 
PHE HB3  H  N N 352 
PHE HD1  H  N N 353 
PHE HD2  H  N N 354 
PHE HE1  H  N N 355 
PHE HE2  H  N N 356 
PHE HZ   H  N N 357 
PHE HXT  H  N N 358 
PRO N    N  N N 359 
PRO CA   C  N S 360 
PRO C    C  N N 361 
PRO O    O  N N 362 
PRO CB   C  N N 363 
PRO CG   C  N N 364 
PRO CD   C  N N 365 
PRO OXT  O  N N 366 
PRO H    H  N N 367 
PRO HA   H  N N 368 
PRO HB2  H  N N 369 
PRO HB3  H  N N 370 
PRO HG2  H  N N 371 
PRO HG3  H  N N 372 
PRO HD2  H  N N 373 
PRO HD3  H  N N 374 
PRO HXT  H  N N 375 
SER N    N  N N 376 
SER CA   C  N S 377 
SER C    C  N N 378 
SER O    O  N N 379 
SER CB   C  N N 380 
SER OG   O  N N 381 
SER OXT  O  N N 382 
SER H    H  N N 383 
SER H2   H  N N 384 
SER HA   H  N N 385 
SER HB2  H  N N 386 
SER HB3  H  N N 387 
SER HG   H  N N 388 
SER HXT  H  N N 389 
SO4 S    S  N N 390 
SO4 O1   O  N N 391 
SO4 O2   O  N N 392 
SO4 O3   O  N N 393 
SO4 O4   O  N N 394 
THR N    N  N N 395 
THR CA   C  N S 396 
THR C    C  N N 397 
THR O    O  N N 398 
THR CB   C  N R 399 
THR OG1  O  N N 400 
THR CG2  C  N N 401 
THR OXT  O  N N 402 
THR H    H  N N 403 
THR H2   H  N N 404 
THR HA   H  N N 405 
THR HB   H  N N 406 
THR HG1  H  N N 407 
THR HG21 H  N N 408 
THR HG22 H  N N 409 
THR HG23 H  N N 410 
THR HXT  H  N N 411 
TRP N    N  N N 412 
TRP CA   C  N S 413 
TRP C    C  N N 414 
TRP O    O  N N 415 
TRP CB   C  N N 416 
TRP CG   C  Y N 417 
TRP CD1  C  Y N 418 
TRP CD2  C  Y N 419 
TRP NE1  N  Y N 420 
TRP CE2  C  Y N 421 
TRP CE3  C  Y N 422 
TRP CZ2  C  Y N 423 
TRP CZ3  C  Y N 424 
TRP CH2  C  Y N 425 
TRP OXT  O  N N 426 
TRP H    H  N N 427 
TRP H2   H  N N 428 
TRP HA   H  N N 429 
TRP HB2  H  N N 430 
TRP HB3  H  N N 431 
TRP HD1  H  N N 432 
TRP HE1  H  N N 433 
TRP HE3  H  N N 434 
TRP HZ2  H  N N 435 
TRP HZ3  H  N N 436 
TRP HH2  H  N N 437 
TRP HXT  H  N N 438 
TYR N    N  N N 439 
TYR CA   C  N S 440 
TYR C    C  N N 441 
TYR O    O  N N 442 
TYR CB   C  N N 443 
TYR CG   C  Y N 444 
TYR CD1  C  Y N 445 
TYR CD2  C  Y N 446 
TYR CE1  C  Y N 447 
TYR CE2  C  Y N 448 
TYR CZ   C  Y N 449 
TYR OH   O  N N 450 
TYR OXT  O  N N 451 
TYR H    H  N N 452 
TYR H2   H  N N 453 
TYR HA   H  N N 454 
TYR HB2  H  N N 455 
TYR HB3  H  N N 456 
TYR HD1  H  N N 457 
TYR HD2  H  N N 458 
TYR HE1  H  N N 459 
TYR HE2  H  N N 460 
TYR HH   H  N N 461 
TYR HXT  H  N N 462 
VAL N    N  N N 463 
VAL CA   C  N S 464 
VAL C    C  N N 465 
VAL O    O  N N 466 
VAL CB   C  N N 467 
VAL CG1  C  N N 468 
VAL CG2  C  N N 469 
VAL OXT  O  N N 470 
VAL H    H  N N 471 
VAL H2   H  N N 472 
VAL HA   H  N N 473 
VAL HB   H  N N 474 
VAL HG11 H  N N 475 
VAL HG12 H  N N 476 
VAL HG13 H  N N 477 
VAL HG21 H  N N 478 
VAL HG22 H  N N 479 
VAL HG23 H  N N 480 
VAL HXT  H  N N 481 
# 
loop_
_chem_comp_bond.comp_id 
_chem_comp_bond.atom_id_1 
_chem_comp_bond.atom_id_2 
_chem_comp_bond.value_order 
_chem_comp_bond.pdbx_aromatic_flag 
_chem_comp_bond.pdbx_stereo_config 
_chem_comp_bond.pdbx_ordinal 
6CO O1D CGD  doub N N 1   
6CO O2D CGD  sing N N 2   
6CO CGD CBD  sing N N 3   
6CO C4  C3   doub Y N 4   
6CO C4  C5   sing Y N 5   
6CO C3  C2   sing Y N 6   
6CO CBD CAD  sing N N 7   
6CO C5  C6   doub Y N 8   
6CO C2  C1   doub Y N 9   
6CO C6  C1   sing Y N 10  
6CO CAD C3D  sing N N 11  
6CO CAA C2A  sing N N 12  
6CO CAA CBA  sing N N 13  
6CO C1  FE   sing N N 14  
6CO C2A C3A  doub N N 15  
6CO C2A C1A  sing N N 16  
6CO C3D C2D  doub N N 17  
6CO C3D C4D  sing N N 18  
6CO CMD C2D  sing N N 19  
6CO CMA C3A  sing N N 20  
6CO CHA C4D  doub N N 21  
6CO CHA C1A  sing N N 22  
6CO C2D C1D  sing N N 23  
6CO C3A C4A  sing N N 24  
6CO C4D ND   sing N N 25  
6CO C1A NA   doub N N 26  
6CO CBA CGA  sing N N 27  
6CO C1D ND   sing N N 28  
6CO C1D CHD  doub N N 29  
6CO C4A NA   sing N N 30  
6CO C4A CHB  doub N N 31  
6CO ND  FE   sing N N 32  
6CO NA  FE   sing N N 33  
6CO CHD C4C  sing N N 34  
6CO CHB C1B  sing N N 35  
6CO FE  NC   sing N N 36  
6CO FE  NB   sing N N 37  
6CO C4C NC   doub N N 38  
6CO C4C C3C  sing N N 39  
6CO O2A CGA  doub N N 40  
6CO C1B NB   sing Y N 41  
6CO C1B C2B  doub Y N 42  
6CO CGA O1A  sing N N 43  
6CO NC  C1C  sing N N 44  
6CO NB  C4B  sing Y N 45  
6CO CAC C3C  sing N N 46  
6CO CAC CBC  doub N N 47  
6CO C3C C2C  doub N N 48  
6CO C2B CMB  sing N N 49  
6CO C2B C3B  sing Y N 50  
6CO C1C C2C  sing N N 51  
6CO C1C CHC  doub N N 52  
6CO C4B CHC  sing N N 53  
6CO C4B C3B  doub Y N 54  
6CO C2C CMC  sing N N 55  
6CO C3B CAB  sing N N 56  
6CO CBB CAB  doub N N 57  
6CO C4  H1   sing N N 58  
6CO C5  H2   sing N N 59  
6CO C6  H3   sing N N 60  
6CO CAB H4   sing N N 61  
6CO CAC H5   sing N N 62  
6CO C2  H6   sing N N 63  
6CO CAA H7   sing N N 64  
6CO CAA H8   sing N N 65  
6CO O2D H9   sing N N 66  
6CO CBD H10  sing N N 67  
6CO CBD H11  sing N N 68  
6CO CAD H12  sing N N 69  
6CO CAD H13  sing N N 70  
6CO CMD H14  sing N N 71  
6CO CMD H15  sing N N 72  
6CO CMD H16  sing N N 73  
6CO CHA H17  sing N N 74  
6CO CHD H18  sing N N 75  
6CO CBB H19  sing N N 76  
6CO CBB H20  sing N N 77  
6CO CMB H21  sing N N 78  
6CO CMB H22  sing N N 79  
6CO CMB H23  sing N N 80  
6CO CHB H24  sing N N 81  
6CO CBC H25  sing N N 82  
6CO CBC H26  sing N N 83  
6CO CMC H27  sing N N 84  
6CO CMC H28  sing N N 85  
6CO CMC H29  sing N N 86  
6CO CHC H30  sing N N 87  
6CO CMA H31  sing N N 88  
6CO CMA H32  sing N N 89  
6CO CMA H33  sing N N 90  
6CO CBA H34  sing N N 91  
6CO CBA H35  sing N N 92  
6CO O1A H36  sing N N 93  
6CO C3  H37  sing N N 94  
ALA N   CA   sing N N 95  
ALA N   H    sing N N 96  
ALA N   H2   sing N N 97  
ALA CA  C    sing N N 98  
ALA CA  CB   sing N N 99  
ALA CA  HA   sing N N 100 
ALA C   O    doub N N 101 
ALA C   OXT  sing N N 102 
ALA CB  HB1  sing N N 103 
ALA CB  HB2  sing N N 104 
ALA CB  HB3  sing N N 105 
ALA OXT HXT  sing N N 106 
ARG N   CA   sing N N 107 
ARG N   H    sing N N 108 
ARG N   H2   sing N N 109 
ARG CA  C    sing N N 110 
ARG CA  CB   sing N N 111 
ARG CA  HA   sing N N 112 
ARG C   O    doub N N 113 
ARG C   OXT  sing N N 114 
ARG CB  CG   sing N N 115 
ARG CB  HB2  sing N N 116 
ARG CB  HB3  sing N N 117 
ARG CG  CD   sing N N 118 
ARG CG  HG2  sing N N 119 
ARG CG  HG3  sing N N 120 
ARG CD  NE   sing N N 121 
ARG CD  HD2  sing N N 122 
ARG CD  HD3  sing N N 123 
ARG NE  CZ   sing N N 124 
ARG NE  HE   sing N N 125 
ARG CZ  NH1  sing N N 126 
ARG CZ  NH2  doub N N 127 
ARG NH1 HH11 sing N N 128 
ARG NH1 HH12 sing N N 129 
ARG NH2 HH21 sing N N 130 
ARG NH2 HH22 sing N N 131 
ARG OXT HXT  sing N N 132 
ASN N   CA   sing N N 133 
ASN N   H    sing N N 134 
ASN N   H2   sing N N 135 
ASN CA  C    sing N N 136 
ASN CA  CB   sing N N 137 
ASN CA  HA   sing N N 138 
ASN C   O    doub N N 139 
ASN C   OXT  sing N N 140 
ASN CB  CG   sing N N 141 
ASN CB  HB2  sing N N 142 
ASN CB  HB3  sing N N 143 
ASN CG  OD1  doub N N 144 
ASN CG  ND2  sing N N 145 
ASN ND2 HD21 sing N N 146 
ASN ND2 HD22 sing N N 147 
ASN OXT HXT  sing N N 148 
ASP N   CA   sing N N 149 
ASP N   H    sing N N 150 
ASP N   H2   sing N N 151 
ASP CA  C    sing N N 152 
ASP CA  CB   sing N N 153 
ASP CA  HA   sing N N 154 
ASP C   O    doub N N 155 
ASP C   OXT  sing N N 156 
ASP CB  CG   sing N N 157 
ASP CB  HB2  sing N N 158 
ASP CB  HB3  sing N N 159 
ASP CG  OD1  doub N N 160 
ASP CG  OD2  sing N N 161 
ASP OD2 HD2  sing N N 162 
ASP OXT HXT  sing N N 163 
GLN N   CA   sing N N 164 
GLN N   H    sing N N 165 
GLN N   H2   sing N N 166 
GLN CA  C    sing N N 167 
GLN CA  CB   sing N N 168 
GLN CA  HA   sing N N 169 
GLN C   O    doub N N 170 
GLN C   OXT  sing N N 171 
GLN CB  CG   sing N N 172 
GLN CB  HB2  sing N N 173 
GLN CB  HB3  sing N N 174 
GLN CG  CD   sing N N 175 
GLN CG  HG2  sing N N 176 
GLN CG  HG3  sing N N 177 
GLN CD  OE1  doub N N 178 
GLN CD  NE2  sing N N 179 
GLN NE2 HE21 sing N N 180 
GLN NE2 HE22 sing N N 181 
GLN OXT HXT  sing N N 182 
GLU N   CA   sing N N 183 
GLU N   H    sing N N 184 
GLU N   H2   sing N N 185 
GLU CA  C    sing N N 186 
GLU CA  CB   sing N N 187 
GLU CA  HA   sing N N 188 
GLU C   O    doub N N 189 
GLU C   OXT  sing N N 190 
GLU CB  CG   sing N N 191 
GLU CB  HB2  sing N N 192 
GLU CB  HB3  sing N N 193 
GLU CG  CD   sing N N 194 
GLU CG  HG2  sing N N 195 
GLU CG  HG3  sing N N 196 
GLU CD  OE1  doub N N 197 
GLU CD  OE2  sing N N 198 
GLU OE2 HE2  sing N N 199 
GLU OXT HXT  sing N N 200 
GLY N   CA   sing N N 201 
GLY N   H    sing N N 202 
GLY N   H2   sing N N 203 
GLY CA  C    sing N N 204 
GLY CA  HA2  sing N N 205 
GLY CA  HA3  sing N N 206 
GLY C   O    doub N N 207 
GLY C   OXT  sing N N 208 
GLY OXT HXT  sing N N 209 
GOL C1  O1   sing N N 210 
GOL C1  C2   sing N N 211 
GOL C1  H11  sing N N 212 
GOL C1  H12  sing N N 213 
GOL O1  HO1  sing N N 214 
GOL C2  O2   sing N N 215 
GOL C2  C3   sing N N 216 
GOL C2  H2   sing N N 217 
GOL O2  HO2  sing N N 218 
GOL C3  O3   sing N N 219 
GOL C3  H31  sing N N 220 
GOL C3  H32  sing N N 221 
GOL O3  HO3  sing N N 222 
HIS N   CA   sing N N 223 
HIS N   H    sing N N 224 
HIS N   H2   sing N N 225 
HIS CA  C    sing N N 226 
HIS CA  CB   sing N N 227 
HIS CA  HA   sing N N 228 
HIS C   O    doub N N 229 
HIS C   OXT  sing N N 230 
HIS CB  CG   sing N N 231 
HIS CB  HB2  sing N N 232 
HIS CB  HB3  sing N N 233 
HIS CG  ND1  sing Y N 234 
HIS CG  CD2  doub Y N 235 
HIS ND1 CE1  doub Y N 236 
HIS ND1 HD1  sing N N 237 
HIS CD2 NE2  sing Y N 238 
HIS CD2 HD2  sing N N 239 
HIS CE1 NE2  sing Y N 240 
HIS CE1 HE1  sing N N 241 
HIS NE2 HE2  sing N N 242 
HIS OXT HXT  sing N N 243 
HOH O   H1   sing N N 244 
HOH O   H2   sing N N 245 
ILE N   CA   sing N N 246 
ILE N   H    sing N N 247 
ILE N   H2   sing N N 248 
ILE CA  C    sing N N 249 
ILE CA  CB   sing N N 250 
ILE CA  HA   sing N N 251 
ILE C   O    doub N N 252 
ILE C   OXT  sing N N 253 
ILE CB  CG1  sing N N 254 
ILE CB  CG2  sing N N 255 
ILE CB  HB   sing N N 256 
ILE CG1 CD1  sing N N 257 
ILE CG1 HG12 sing N N 258 
ILE CG1 HG13 sing N N 259 
ILE CG2 HG21 sing N N 260 
ILE CG2 HG22 sing N N 261 
ILE CG2 HG23 sing N N 262 
ILE CD1 HD11 sing N N 263 
ILE CD1 HD12 sing N N 264 
ILE CD1 HD13 sing N N 265 
ILE OXT HXT  sing N N 266 
LEU N   CA   sing N N 267 
LEU N   H    sing N N 268 
LEU N   H2   sing N N 269 
LEU CA  C    sing N N 270 
LEU CA  CB   sing N N 271 
LEU CA  HA   sing N N 272 
LEU C   O    doub N N 273 
LEU C   OXT  sing N N 274 
LEU CB  CG   sing N N 275 
LEU CB  HB2  sing N N 276 
LEU CB  HB3  sing N N 277 
LEU CG  CD1  sing N N 278 
LEU CG  CD2  sing N N 279 
LEU CG  HG   sing N N 280 
LEU CD1 HD11 sing N N 281 
LEU CD1 HD12 sing N N 282 
LEU CD1 HD13 sing N N 283 
LEU CD2 HD21 sing N N 284 
LEU CD2 HD22 sing N N 285 
LEU CD2 HD23 sing N N 286 
LEU OXT HXT  sing N N 287 
LYS N   CA   sing N N 288 
LYS N   H    sing N N 289 
LYS N   H2   sing N N 290 
LYS CA  C    sing N N 291 
LYS CA  CB   sing N N 292 
LYS CA  HA   sing N N 293 
LYS C   O    doub N N 294 
LYS C   OXT  sing N N 295 
LYS CB  CG   sing N N 296 
LYS CB  HB2  sing N N 297 
LYS CB  HB3  sing N N 298 
LYS CG  CD   sing N N 299 
LYS CG  HG2  sing N N 300 
LYS CG  HG3  sing N N 301 
LYS CD  CE   sing N N 302 
LYS CD  HD2  sing N N 303 
LYS CD  HD3  sing N N 304 
LYS CE  NZ   sing N N 305 
LYS CE  HE2  sing N N 306 
LYS CE  HE3  sing N N 307 
LYS NZ  HZ1  sing N N 308 
LYS NZ  HZ2  sing N N 309 
LYS NZ  HZ3  sing N N 310 
LYS OXT HXT  sing N N 311 
MET N   CA   sing N N 312 
MET N   H    sing N N 313 
MET N   H2   sing N N 314 
MET CA  C    sing N N 315 
MET CA  CB   sing N N 316 
MET CA  HA   sing N N 317 
MET C   O    doub N N 318 
MET C   OXT  sing N N 319 
MET CB  CG   sing N N 320 
MET CB  HB2  sing N N 321 
MET CB  HB3  sing N N 322 
MET CG  SD   sing N N 323 
MET CG  HG2  sing N N 324 
MET CG  HG3  sing N N 325 
MET SD  CE   sing N N 326 
MET CE  HE1  sing N N 327 
MET CE  HE2  sing N N 328 
MET CE  HE3  sing N N 329 
MET OXT HXT  sing N N 330 
PHE N   CA   sing N N 331 
PHE N   H    sing N N 332 
PHE N   H2   sing N N 333 
PHE CA  C    sing N N 334 
PHE CA  CB   sing N N 335 
PHE CA  HA   sing N N 336 
PHE C   O    doub N N 337 
PHE C   OXT  sing N N 338 
PHE CB  CG   sing N N 339 
PHE CB  HB2  sing N N 340 
PHE CB  HB3  sing N N 341 
PHE CG  CD1  doub Y N 342 
PHE CG  CD2  sing Y N 343 
PHE CD1 CE1  sing Y N 344 
PHE CD1 HD1  sing N N 345 
PHE CD2 CE2  doub Y N 346 
PHE CD2 HD2  sing N N 347 
PHE CE1 CZ   doub Y N 348 
PHE CE1 HE1  sing N N 349 
PHE CE2 CZ   sing Y N 350 
PHE CE2 HE2  sing N N 351 
PHE CZ  HZ   sing N N 352 
PHE OXT HXT  sing N N 353 
PRO N   CA   sing N N 354 
PRO N   CD   sing N N 355 
PRO N   H    sing N N 356 
PRO CA  C    sing N N 357 
PRO CA  CB   sing N N 358 
PRO CA  HA   sing N N 359 
PRO C   O    doub N N 360 
PRO C   OXT  sing N N 361 
PRO CB  CG   sing N N 362 
PRO CB  HB2  sing N N 363 
PRO CB  HB3  sing N N 364 
PRO CG  CD   sing N N 365 
PRO CG  HG2  sing N N 366 
PRO CG  HG3  sing N N 367 
PRO CD  HD2  sing N N 368 
PRO CD  HD3  sing N N 369 
PRO OXT HXT  sing N N 370 
SER N   CA   sing N N 371 
SER N   H    sing N N 372 
SER N   H2   sing N N 373 
SER CA  C    sing N N 374 
SER CA  CB   sing N N 375 
SER CA  HA   sing N N 376 
SER C   O    doub N N 377 
SER C   OXT  sing N N 378 
SER CB  OG   sing N N 379 
SER CB  HB2  sing N N 380 
SER CB  HB3  sing N N 381 
SER OG  HG   sing N N 382 
SER OXT HXT  sing N N 383 
SO4 S   O1   doub N N 384 
SO4 S   O2   doub N N 385 
SO4 S   O3   sing N N 386 
SO4 S   O4   sing N N 387 
THR N   CA   sing N N 388 
THR N   H    sing N N 389 
THR N   H2   sing N N 390 
THR CA  C    sing N N 391 
THR CA  CB   sing N N 392 
THR CA  HA   sing N N 393 
THR C   O    doub N N 394 
THR C   OXT  sing N N 395 
THR CB  OG1  sing N N 396 
THR CB  CG2  sing N N 397 
THR CB  HB   sing N N 398 
THR OG1 HG1  sing N N 399 
THR CG2 HG21 sing N N 400 
THR CG2 HG22 sing N N 401 
THR CG2 HG23 sing N N 402 
THR OXT HXT  sing N N 403 
TRP N   CA   sing N N 404 
TRP N   H    sing N N 405 
TRP N   H2   sing N N 406 
TRP CA  C    sing N N 407 
TRP CA  CB   sing N N 408 
TRP CA  HA   sing N N 409 
TRP C   O    doub N N 410 
TRP C   OXT  sing N N 411 
TRP CB  CG   sing N N 412 
TRP CB  HB2  sing N N 413 
TRP CB  HB3  sing N N 414 
TRP CG  CD1  doub Y N 415 
TRP CG  CD2  sing Y N 416 
TRP CD1 NE1  sing Y N 417 
TRP CD1 HD1  sing N N 418 
TRP CD2 CE2  doub Y N 419 
TRP CD2 CE3  sing Y N 420 
TRP NE1 CE2  sing Y N 421 
TRP NE1 HE1  sing N N 422 
TRP CE2 CZ2  sing Y N 423 
TRP CE3 CZ3  doub Y N 424 
TRP CE3 HE3  sing N N 425 
TRP CZ2 CH2  doub Y N 426 
TRP CZ2 HZ2  sing N N 427 
TRP CZ3 CH2  sing Y N 428 
TRP CZ3 HZ3  sing N N 429 
TRP CH2 HH2  sing N N 430 
TRP OXT HXT  sing N N 431 
TYR N   CA   sing N N 432 
TYR N   H    sing N N 433 
TYR N   H2   sing N N 434 
TYR CA  C    sing N N 435 
TYR CA  CB   sing N N 436 
TYR CA  HA   sing N N 437 
TYR C   O    doub N N 438 
TYR C   OXT  sing N N 439 
TYR CB  CG   sing N N 440 
TYR CB  HB2  sing N N 441 
TYR CB  HB3  sing N N 442 
TYR CG  CD1  doub Y N 443 
TYR CG  CD2  sing Y N 444 
TYR CD1 CE1  sing Y N 445 
TYR CD1 HD1  sing N N 446 
TYR CD2 CE2  doub Y N 447 
TYR CD2 HD2  sing N N 448 
TYR CE1 CZ   doub Y N 449 
TYR CE1 HE1  sing N N 450 
TYR CE2 CZ   sing Y N 451 
TYR CE2 HE2  sing N N 452 
TYR CZ  OH   sing N N 453 
TYR OH  HH   sing N N 454 
TYR OXT HXT  sing N N 455 
VAL N   CA   sing N N 456 
VAL N   H    sing N N 457 
VAL N   H2   sing N N 458 
VAL CA  C    sing N N 459 
VAL CA  CB   sing N N 460 
VAL CA  HA   sing N N 461 
VAL C   O    doub N N 462 
VAL C   OXT  sing N N 463 
VAL CB  CG1  sing N N 464 
VAL CB  CG2  sing N N 465 
VAL CB  HB   sing N N 466 
VAL CG1 HG11 sing N N 467 
VAL CG1 HG12 sing N N 468 
VAL CG1 HG13 sing N N 469 
VAL CG2 HG21 sing N N 470 
VAL CG2 HG22 sing N N 471 
VAL CG2 HG23 sing N N 472 
VAL OXT HXT  sing N N 473 
# 
_pdbx_audit_support.funding_organization   'National Science Foundation (NSF, United States)' 
_pdbx_audit_support.country                'United States' 
_pdbx_audit_support.grant_number           'CHE 1213674' 
_pdbx_audit_support.ordinal                1 
# 
loop_
_pdbx_entity_nonpoly.entity_id 
_pdbx_entity_nonpoly.name 
_pdbx_entity_nonpoly.comp_id 
2 "[3,3'-(7,12-diethenyl-3,8,13,17-tetramethylporphyrin-2,18-diyl-kappa~4~N~21~,N~22~,N~23~,N~24~)di(propanoato)(2-)](phenyl)iron" 
6CO 
3 'SULFATE ION'                                                                                                                    
SO4 
4 GLYCEROL                                                                                                                         
GOL 
5 water                                                                                                                            
HOH 
# 
_pdbx_initial_refinement_model.id               1 
_pdbx_initial_refinement_model.entity_id_list   ? 
_pdbx_initial_refinement_model.type             'experimental model' 
_pdbx_initial_refinement_model.source_name      PDB 
_pdbx_initial_refinement_model.accession_code   2MBW 
_pdbx_initial_refinement_model.details          ? 
# 
